data_9EGQ
#
_entry.id   9EGQ
#
_cell.length_a   1.00
_cell.length_b   1.00
_cell.length_c   1.00
_cell.angle_alpha   90.00
_cell.angle_beta   90.00
_cell.angle_gamma   90.00
#
_symmetry.space_group_name_H-M   'P 1'
#
loop_
_entity.id
_entity.type
_entity.pdbx_description
1 polymer Bestrophin-1
2 non-polymer 'CALCIUM ION'
3 non-polymer 'GAMMA-AMINO-BUTANOIC ACID'
#
_entity_poly.entity_id   1
_entity_poly.type   'polypeptide(L)'
_entity_poly.pdbx_seq_one_letter_code
;TITYTSQVANARLGSFSRLLLCWRGSIYKLLYGEFLIFLLCYYIIRFIYRLALTEEQQLMFEKLTLYCDSYIQLIPISFV
LGFYVTLVVTRWWNQYENLPWPDRLMSLVSGFVEGKDEQGRLLRRTLIRYANLGNVLILRSVSTAVYKRFPSAQHLVQAG
FMTPAEHKQLEKLSLPHNMFWVPWVWFANLSMKAWLGGRIRDPILLQSLLNEMNTLRTQCGHLYAYDWISIPLVYTQVVT
VAVYSFFLTCLVGRQFLNPAKAYPGHELDLVVPVFTFLQFFFYVGWLKVAEQLINPFGEDDDDFETNWIVDRNLQVSLLA
VDEMHQDLPRMEPDMYWNKPEPQPPYTAASAQFRRASFMGSTFNISLNKEEMEFQPNQEDEEDAHAGIIGRFLGLQSSNS
LEVLFQ
;
_entity_poly.pdbx_strand_id   A,B,C,D,E
#
# COMPACT_ATOMS: atom_id res chain seq x y z
N THR A 1 -24.29 3.19 -6.77
CA THR A 1 -23.15 3.62 -7.55
C THR A 1 -23.54 4.64 -8.61
N ILE A 2 -22.97 5.83 -8.54
CA ILE A 2 -23.15 6.86 -9.56
C ILE A 2 -21.93 6.81 -10.47
N THR A 3 -22.14 6.50 -11.73
CA THR A 3 -21.06 6.35 -12.70
C THR A 3 -21.02 7.59 -13.59
N TYR A 4 -19.85 8.23 -13.65
CA TYR A 4 -19.61 9.36 -14.55
C TYR A 4 -18.31 9.15 -15.31
N THR A 5 -17.92 7.89 -15.53
CA THR A 5 -16.66 7.59 -16.19
C THR A 5 -16.63 8.11 -17.61
N SER A 6 -17.74 7.99 -18.33
CA SER A 6 -17.80 8.45 -19.71
C SER A 6 -17.67 9.97 -19.80
N GLN A 7 -18.16 10.69 -18.81
CA GLN A 7 -18.14 12.14 -18.83
C GLN A 7 -16.77 12.72 -18.50
N VAL A 8 -15.83 11.90 -18.03
CA VAL A 8 -14.51 12.38 -17.67
C VAL A 8 -13.45 11.57 -18.42
N ALA A 9 -13.83 11.04 -19.58
CA ALA A 9 -12.88 10.27 -20.38
C ALA A 9 -11.71 11.13 -20.83
N ASN A 10 -11.98 12.36 -21.26
CA ASN A 10 -10.96 13.29 -21.69
C ASN A 10 -10.95 14.50 -20.77
N ALA A 11 -9.76 15.08 -20.58
CA ALA A 11 -9.62 16.30 -19.80
C ALA A 11 -9.93 17.49 -20.69
N ARG A 12 -11.23 17.72 -20.90
CA ARG A 12 -11.69 18.81 -21.75
C ARG A 12 -11.81 20.09 -20.93
N LEU A 13 -12.29 21.16 -21.58
CA LEU A 13 -12.46 22.45 -20.93
C LEU A 13 -13.56 22.35 -19.88
N GLY A 14 -13.19 22.50 -18.62
CA GLY A 14 -14.14 22.37 -17.54
C GLY A 14 -14.73 20.98 -17.42
N SER A 15 -13.87 19.96 -17.49
CA SER A 15 -14.35 18.59 -17.42
C SER A 15 -14.98 18.29 -16.06
N PHE A 16 -14.34 18.72 -14.98
CA PHE A 16 -14.88 18.50 -13.65
C PHE A 16 -15.95 19.51 -13.27
N SER A 17 -15.99 20.67 -13.95
CA SER A 17 -16.99 21.69 -13.63
C SER A 17 -18.38 21.26 -14.05
N ARG A 18 -18.50 20.51 -15.15
CA ARG A 18 -19.80 20.04 -15.60
C ARG A 18 -20.38 18.99 -14.65
N LEU A 19 -19.56 18.40 -13.80
CA LEU A 19 -20.04 17.45 -12.79
C LEU A 19 -20.67 18.13 -11.59
N LEU A 20 -20.56 19.45 -11.50
CA LEU A 20 -21.23 20.21 -10.44
C LEU A 20 -22.70 20.43 -10.74
N LEU A 21 -23.16 20.11 -11.95
CA LEU A 21 -24.56 20.20 -12.32
C LEU A 21 -25.32 18.91 -12.09
N CYS A 22 -24.80 18.03 -11.24
CA CYS A 22 -25.43 16.76 -10.93
C CYS A 22 -26.11 16.84 -9.57
N TRP A 23 -27.14 16.02 -9.39
CA TRP A 23 -27.87 15.96 -8.12
C TRP A 23 -27.73 14.62 -7.42
N ARG A 24 -27.88 13.51 -8.13
CA ARG A 24 -27.71 12.20 -7.50
C ARG A 24 -26.26 11.99 -7.12
N GLY A 25 -26.04 11.58 -5.87
CA GLY A 25 -24.69 11.37 -5.37
C GLY A 25 -23.88 12.64 -5.24
N SER A 26 -24.53 13.78 -5.18
CA SER A 26 -23.84 15.07 -5.20
C SER A 26 -23.59 15.57 -3.78
N ILE A 27 -22.71 16.57 -3.68
CA ILE A 27 -22.43 17.20 -2.39
C ILE A 27 -23.64 17.98 -1.89
N TYR A 28 -24.41 18.58 -2.80
CA TYR A 28 -25.61 19.32 -2.41
C TYR A 28 -26.62 18.41 -1.73
N LYS A 29 -26.84 17.22 -2.32
CA LYS A 29 -27.80 16.27 -1.79
C LYS A 29 -27.42 15.84 -0.38
N LEU A 30 -26.13 15.60 -0.14
CA LEU A 30 -25.64 15.21 1.18
C LEU A 30 -25.50 16.36 2.14
N LEU A 31 -25.57 17.60 1.66
CA LEU A 31 -25.22 18.76 2.49
C LEU A 31 -26.34 19.74 2.74
N TYR A 32 -27.47 19.65 2.05
CA TYR A 32 -28.43 20.75 2.10
C TYR A 32 -29.06 20.90 3.48
N GLY A 33 -29.34 19.79 4.18
CA GLY A 33 -29.92 19.90 5.50
C GLY A 33 -28.98 20.55 6.50
N GLU A 34 -27.72 20.10 6.52
CA GLU A 34 -26.73 20.69 7.41
C GLU A 34 -26.50 22.17 7.07
N PHE A 35 -26.48 22.50 5.78
CA PHE A 35 -26.26 23.88 5.39
C PHE A 35 -27.45 24.76 5.77
N LEU A 36 -28.66 24.23 5.66
CA LEU A 36 -29.83 24.98 6.10
C LEU A 36 -29.79 25.23 7.60
N ILE A 37 -29.41 24.21 8.38
CA ILE A 37 -29.31 24.39 9.82
C ILE A 37 -28.25 25.43 10.16
N PHE A 38 -27.09 25.36 9.50
CA PHE A 38 -26.02 26.32 9.75
C PHE A 38 -26.45 27.73 9.35
N LEU A 39 -27.14 27.86 8.22
CA LEU A 39 -27.64 29.14 7.77
C LEU A 39 -28.61 29.74 8.78
N LEU A 40 -29.54 28.92 9.27
CA LEU A 40 -30.52 29.39 10.24
C LEU A 40 -29.83 29.84 11.53
N CYS A 41 -28.88 29.04 12.02
CA CYS A 41 -28.17 29.40 13.25
C CYS A 41 -27.37 30.69 13.06
N TYR A 42 -26.67 30.82 11.93
CA TYR A 42 -25.86 32.00 11.69
C TYR A 42 -26.72 33.26 11.65
N TYR A 43 -27.84 33.20 10.94
CA TYR A 43 -28.66 34.41 10.83
C TYR A 43 -29.47 34.67 12.10
N ILE A 44 -29.79 33.64 12.89
CA ILE A 44 -30.37 33.87 14.20
C ILE A 44 -29.38 34.60 15.10
N ILE A 45 -28.12 34.17 15.10
CA ILE A 45 -27.11 34.84 15.89
C ILE A 45 -26.91 36.27 15.41
N ARG A 46 -26.92 36.48 14.10
CA ARG A 46 -26.77 37.82 13.55
C ARG A 46 -27.92 38.73 13.97
N PHE A 47 -29.16 38.24 13.90
CA PHE A 47 -30.31 39.05 14.29
C PHE A 47 -30.31 39.33 15.78
N ILE A 48 -29.87 38.36 16.59
CA ILE A 48 -29.78 38.59 18.03
C ILE A 48 -28.74 39.65 18.33
N TYR A 49 -27.59 39.59 17.65
CA TYR A 49 -26.54 40.59 17.87
C TYR A 49 -26.99 41.98 17.44
N ARG A 50 -27.70 42.08 16.31
CA ARG A 50 -27.98 43.39 15.73
C ARG A 50 -29.27 44.02 16.25
N LEU A 51 -30.28 43.23 16.60
CA LEU A 51 -31.57 43.78 16.98
C LEU A 51 -31.97 43.50 18.42
N ALA A 52 -31.34 42.56 19.11
CA ALA A 52 -31.78 42.13 20.42
C ALA A 52 -30.77 42.36 21.53
N LEU A 53 -29.60 42.94 21.24
CA LEU A 53 -28.58 43.18 22.23
C LEU A 53 -28.41 44.67 22.48
N THR A 54 -28.18 45.04 23.74
CA THR A 54 -27.89 46.43 24.07
C THR A 54 -26.48 46.79 23.60
N GLU A 55 -26.17 48.08 23.66
CA GLU A 55 -24.89 48.57 23.13
C GLU A 55 -23.71 47.94 23.87
N GLU A 56 -23.81 47.83 25.20
CA GLU A 56 -22.75 47.18 25.96
C GLU A 56 -22.69 45.69 25.63
N GLN A 57 -23.85 45.04 25.48
CA GLN A 57 -23.88 43.66 25.05
C GLN A 57 -23.35 43.51 23.64
N GLN A 58 -23.60 44.48 22.77
CA GLN A 58 -23.05 44.45 21.42
C GLN A 58 -21.53 44.56 21.45
N LEU A 59 -20.99 45.42 22.32
CA LEU A 59 -19.54 45.50 22.47
C LEU A 59 -18.96 44.19 22.99
N MET A 60 -19.64 43.58 23.96
CA MET A 60 -19.18 42.28 24.46
C MET A 60 -19.20 41.22 23.38
N PHE A 61 -20.25 41.21 22.54
CA PHE A 61 -20.31 40.24 21.46
C PHE A 61 -19.26 40.51 20.40
N GLU A 62 -18.94 41.77 20.14
CA GLU A 62 -17.86 42.08 19.20
C GLU A 62 -16.52 41.59 19.73
N LYS A 63 -16.26 41.79 21.02
CA LYS A 63 -15.04 41.26 21.61
C LYS A 63 -15.02 39.74 21.55
N LEU A 64 -16.17 39.10 21.79
CA LEU A 64 -16.24 37.65 21.71
C LEU A 64 -15.99 37.16 20.28
N THR A 65 -16.52 37.88 19.29
CA THR A 65 -16.30 37.51 17.89
C THR A 65 -14.83 37.64 17.51
N LEU A 66 -14.18 38.73 17.95
CA LEU A 66 -12.75 38.87 17.68
C LEU A 66 -11.94 37.80 18.39
N TYR A 67 -12.38 37.38 19.58
CA TYR A 67 -11.72 36.28 20.28
C TYR A 67 -11.91 34.96 19.55
N CYS A 68 -13.12 34.70 19.04
CA CYS A 68 -13.42 33.45 18.36
C CYS A 68 -12.69 33.35 17.03
N ASP A 69 -12.49 34.48 16.33
CA ASP A 69 -11.86 34.43 15.01
C ASP A 69 -10.43 33.90 15.10
N SER A 70 -9.78 34.03 16.25
CA SER A 70 -8.41 33.55 16.40
C SER A 70 -8.35 32.04 16.47
N TYR A 71 -9.36 31.40 17.05
CA TYR A 71 -9.37 29.96 17.27
C TYR A 71 -9.95 29.19 16.08
N ILE A 72 -9.94 29.77 14.89
CA ILE A 72 -10.45 29.13 13.69
C ILE A 72 -9.26 28.77 12.83
N GLN A 73 -8.79 27.53 12.94
CA GLN A 73 -7.58 27.08 12.31
C GLN A 73 -7.88 26.03 11.25
N LEU A 74 -7.17 26.09 10.13
CA LEU A 74 -7.43 25.22 8.98
C LEU A 74 -6.52 24.00 8.93
N ILE A 75 -5.29 24.10 9.41
CA ILE A 75 -4.36 22.98 9.30
C ILE A 75 -4.84 21.74 10.04
N PRO A 76 -5.31 21.80 11.30
CA PRO A 76 -5.69 20.57 12.00
C PRO A 76 -6.89 19.86 11.37
N ILE A 77 -7.94 20.60 11.03
CA ILE A 77 -9.12 19.99 10.44
C ILE A 77 -8.78 19.40 9.07
N SER A 78 -7.99 20.12 8.27
CA SER A 78 -7.58 19.60 6.97
C SER A 78 -6.74 18.34 7.11
N PHE A 79 -5.81 18.33 8.08
CA PHE A 79 -4.94 17.17 8.29
C PHE A 79 -5.76 15.93 8.68
N VAL A 80 -6.60 16.08 9.71
CA VAL A 80 -7.35 14.93 10.21
C VAL A 80 -8.37 14.46 9.18
N LEU A 81 -9.03 15.40 8.49
CA LEU A 81 -9.98 15.03 7.45
C LEU A 81 -9.29 14.31 6.31
N GLY A 82 -8.13 14.81 5.87
CA GLY A 82 -7.43 14.14 4.80
C GLY A 82 -7.06 12.72 5.15
N PHE A 83 -6.51 12.52 6.35
CA PHE A 83 -6.11 11.17 6.74
C PHE A 83 -7.31 10.26 6.98
N TYR A 84 -8.35 10.77 7.63
CA TYR A 84 -9.55 9.96 7.88
C TYR A 84 -10.26 9.59 6.59
N VAL A 85 -10.39 10.54 5.67
CA VAL A 85 -11.05 10.27 4.40
C VAL A 85 -10.20 9.33 3.54
N THR A 86 -8.87 9.46 3.61
CA THR A 86 -8.03 8.49 2.93
C THR A 86 -8.25 7.09 3.46
N LEU A 87 -8.34 6.96 4.79
CA LEU A 87 -8.63 5.66 5.39
C LEU A 87 -9.98 5.13 4.95
N VAL A 88 -11.00 6.00 4.94
CA VAL A 88 -12.35 5.58 4.57
C VAL A 88 -12.40 5.14 3.11
N VAL A 89 -11.72 5.87 2.23
CA VAL A 89 -11.73 5.53 0.81
C VAL A 89 -10.95 4.24 0.57
N THR A 90 -9.84 4.05 1.27
CA THR A 90 -9.10 2.80 1.15
C THR A 90 -9.94 1.62 1.61
N ARG A 91 -10.63 1.76 2.74
CA ARG A 91 -11.49 0.70 3.22
C ARG A 91 -12.68 0.46 2.28
N TRP A 92 -13.20 1.53 1.68
CA TRP A 92 -14.31 1.40 0.74
C TRP A 92 -13.90 0.61 -0.50
N TRP A 93 -12.73 0.91 -1.06
CA TRP A 93 -12.28 0.15 -2.22
C TRP A 93 -11.89 -1.27 -1.84
N ASN A 94 -11.35 -1.48 -0.64
CA ASN A 94 -11.08 -2.85 -0.19
C ASN A 94 -12.37 -3.65 -0.02
N GLN A 95 -13.41 -3.01 0.50
CA GLN A 95 -14.70 -3.67 0.64
C GLN A 95 -15.29 -4.01 -0.73
N TYR A 96 -15.06 -3.15 -1.73
CA TYR A 96 -15.47 -3.53 -3.07
C TYR A 96 -14.66 -4.72 -3.58
N GLU A 97 -13.35 -4.72 -3.36
CA GLU A 97 -12.50 -5.78 -3.87
C GLU A 97 -12.78 -7.13 -3.23
N ASN A 98 -13.52 -7.16 -2.13
CA ASN A 98 -13.93 -8.41 -1.49
C ASN A 98 -15.36 -8.79 -1.81
N LEU A 99 -15.98 -8.11 -2.77
CA LEU A 99 -17.26 -8.57 -3.29
C LEU A 99 -17.02 -9.80 -4.13
N PRO A 100 -17.61 -10.95 -3.81
CA PRO A 100 -17.27 -12.20 -4.50
C PRO A 100 -17.92 -12.30 -5.87
N TRP A 101 -17.11 -12.64 -6.87
CA TRP A 101 -17.58 -12.92 -8.22
C TRP A 101 -17.32 -14.38 -8.55
N PRO A 102 -18.32 -15.14 -8.95
CA PRO A 102 -18.12 -16.58 -9.14
C PRO A 102 -17.60 -16.97 -10.51
N ASP A 103 -17.06 -16.00 -11.25
CA ASP A 103 -16.75 -16.23 -12.66
C ASP A 103 -15.66 -17.28 -12.85
N ARG A 104 -14.56 -17.17 -12.08
CA ARG A 104 -13.53 -18.19 -12.13
C ARG A 104 -14.07 -19.55 -11.69
N LEU A 105 -14.81 -19.56 -10.58
CA LEU A 105 -15.38 -20.79 -10.09
C LEU A 105 -16.41 -21.36 -11.05
N MET A 106 -17.23 -20.49 -11.67
CA MET A 106 -18.24 -21.01 -12.59
C MET A 106 -17.59 -21.56 -13.86
N SER A 107 -16.48 -20.96 -14.31
CA SER A 107 -15.74 -21.54 -15.42
C SER A 107 -15.20 -22.92 -15.06
N LEU A 108 -14.65 -23.05 -13.85
CA LEU A 108 -14.11 -24.35 -13.44
C LEU A 108 -15.21 -25.38 -13.24
N VAL A 109 -16.38 -24.98 -12.77
CA VAL A 109 -17.49 -25.92 -12.60
C VAL A 109 -18.02 -26.34 -13.96
N SER A 110 -18.13 -25.40 -14.90
CA SER A 110 -18.60 -25.73 -16.24
C SER A 110 -17.64 -26.69 -16.93
N GLY A 111 -16.33 -26.47 -16.76
CA GLY A 111 -15.35 -27.35 -17.39
C GLY A 111 -15.14 -28.69 -16.71
N PHE A 112 -14.79 -28.67 -15.42
CA PHE A 112 -14.29 -29.87 -14.76
C PHE A 112 -15.40 -30.89 -14.51
N VAL A 113 -16.55 -30.45 -14.03
CA VAL A 113 -17.63 -31.36 -13.66
C VAL A 113 -18.30 -31.85 -14.95
N GLU A 114 -18.20 -33.14 -15.22
CA GLU A 114 -18.62 -33.72 -16.48
C GLU A 114 -20.02 -34.31 -16.39
N GLY A 115 -20.64 -34.48 -17.55
CA GLY A 115 -21.96 -35.06 -17.63
C GLY A 115 -23.00 -34.14 -18.23
N LYS A 116 -23.51 -34.50 -19.39
CA LYS A 116 -24.60 -33.77 -20.02
C LYS A 116 -25.97 -34.29 -19.64
N ASP A 117 -26.04 -35.31 -18.78
CA ASP A 117 -27.31 -35.88 -18.35
C ASP A 117 -27.88 -35.03 -17.22
N GLU A 118 -28.96 -35.51 -16.61
CA GLU A 118 -29.61 -34.75 -15.55
C GLU A 118 -28.77 -34.70 -14.28
N GLN A 119 -28.02 -35.77 -13.99
CA GLN A 119 -27.25 -35.82 -12.75
C GLN A 119 -26.10 -34.82 -12.78
N GLY A 120 -25.35 -34.78 -13.89
CA GLY A 120 -24.25 -33.84 -13.98
C GLY A 120 -24.72 -32.39 -14.01
N ARG A 121 -25.80 -32.13 -14.74
CA ARG A 121 -26.38 -30.79 -14.77
C ARG A 121 -26.85 -30.37 -13.39
N LEU A 122 -27.53 -31.27 -12.68
CA LEU A 122 -27.97 -30.99 -11.32
C LEU A 122 -26.80 -30.73 -10.39
N LEU A 123 -25.73 -31.50 -10.54
CA LEU A 123 -24.55 -31.34 -9.70
C LEU A 123 -23.89 -29.99 -9.93
N ARG A 124 -23.71 -29.60 -11.20
CA ARG A 124 -23.10 -28.30 -11.50
C ARG A 124 -23.97 -27.16 -10.99
N ARG A 125 -25.28 -27.24 -11.23
CA ARG A 125 -26.17 -26.19 -10.79
C ARG A 125 -26.15 -26.05 -9.27
N THR A 126 -26.21 -27.19 -8.56
CA THR A 126 -26.19 -27.15 -7.10
C THR A 126 -24.88 -26.60 -6.57
N LEU A 127 -23.76 -26.97 -7.17
CA LEU A 127 -22.46 -26.44 -6.74
C LEU A 127 -22.41 -24.92 -6.89
N ILE A 128 -22.78 -24.42 -8.06
CA ILE A 128 -22.74 -22.97 -8.27
C ILE A 128 -23.79 -22.27 -7.41
N ARG A 129 -24.89 -22.96 -7.11
CA ARG A 129 -25.89 -22.41 -6.20
C ARG A 129 -25.38 -22.34 -4.78
N TYR A 130 -24.55 -23.29 -4.36
CA TYR A 130 -23.90 -23.18 -3.05
C TYR A 130 -23.01 -21.95 -3.01
N ALA A 131 -22.25 -21.71 -4.08
CA ALA A 131 -21.41 -20.51 -4.13
C ALA A 131 -22.26 -19.24 -4.02
N ASN A 132 -23.32 -19.15 -4.82
CA ASN A 132 -24.17 -17.97 -4.81
C ASN A 132 -24.93 -17.83 -3.48
N LEU A 133 -25.29 -18.96 -2.86
CA LEU A 133 -25.97 -18.91 -1.57
C LEU A 133 -25.05 -18.38 -0.48
N GLY A 134 -23.78 -18.80 -0.48
CA GLY A 134 -22.85 -18.22 0.46
C GLY A 134 -22.65 -16.74 0.25
N ASN A 135 -22.53 -16.33 -1.02
CA ASN A 135 -22.38 -14.90 -1.32
C ASN A 135 -23.58 -14.11 -0.82
N VAL A 136 -24.80 -14.60 -1.10
CA VAL A 136 -25.98 -13.85 -0.70
C VAL A 136 -26.17 -13.90 0.82
N LEU A 137 -25.74 -14.98 1.46
CA LEU A 137 -25.83 -15.05 2.92
C LEU A 137 -24.94 -14.01 3.59
N ILE A 138 -23.74 -13.79 3.06
CA ILE A 138 -22.92 -12.74 3.65
C ILE A 138 -23.43 -11.36 3.25
N LEU A 139 -23.98 -11.22 2.03
CA LEU A 139 -24.41 -9.90 1.58
C LEU A 139 -25.65 -9.42 2.33
N ARG A 140 -26.61 -10.31 2.60
CA ARG A 140 -27.77 -9.89 3.38
C ARG A 140 -27.41 -9.62 4.83
N SER A 141 -26.23 -10.04 5.28
CA SER A 141 -25.73 -9.68 6.60
C SER A 141 -24.99 -8.35 6.61
N VAL A 142 -24.33 -8.00 5.50
CA VAL A 142 -23.57 -6.77 5.46
C VAL A 142 -24.25 -5.62 4.72
N SER A 143 -25.25 -5.91 3.88
CA SER A 143 -25.89 -4.90 3.05
C SER A 143 -27.35 -4.76 3.45
N THR A 144 -27.80 -3.51 3.63
CA THR A 144 -29.18 -3.25 4.03
C THR A 144 -30.16 -3.43 2.89
N ALA A 145 -29.74 -3.14 1.65
CA ALA A 145 -30.63 -3.36 0.51
C ALA A 145 -30.92 -4.85 0.30
N VAL A 146 -29.90 -5.69 0.42
CA VAL A 146 -30.09 -7.13 0.28
C VAL A 146 -30.94 -7.65 1.43
N TYR A 147 -30.76 -7.11 2.63
CA TYR A 147 -31.58 -7.54 3.75
C TYR A 147 -33.03 -7.13 3.58
N LYS A 148 -33.27 -5.94 3.02
CA LYS A 148 -34.65 -5.54 2.72
C LYS A 148 -35.22 -6.39 1.61
N ARG A 149 -34.38 -6.93 0.73
CA ARG A 149 -34.85 -7.88 -0.27
C ARG A 149 -35.12 -9.25 0.34
N PHE A 150 -34.26 -9.69 1.25
CA PHE A 150 -34.39 -11.00 1.91
C PHE A 150 -34.33 -10.81 3.41
N PRO A 151 -35.44 -10.38 4.03
CA PRO A 151 -35.44 -10.22 5.49
C PRO A 151 -35.25 -11.51 6.26
N SER A 152 -35.54 -12.67 5.65
CA SER A 152 -35.42 -13.95 6.33
C SER A 152 -34.85 -14.97 5.36
N ALA A 153 -34.48 -16.13 5.91
CA ALA A 153 -34.01 -17.23 5.07
C ALA A 153 -35.14 -17.82 4.25
N GLN A 154 -36.39 -17.70 4.72
CA GLN A 154 -37.52 -18.12 3.92
C GLN A 154 -37.66 -17.26 2.67
N HIS A 155 -37.27 -15.99 2.75
CA HIS A 155 -37.24 -15.15 1.55
C HIS A 155 -36.19 -15.65 0.57
N LEU A 156 -35.07 -16.17 1.08
CA LEU A 156 -34.08 -16.80 0.20
C LEU A 156 -34.61 -18.08 -0.41
N VAL A 157 -35.46 -18.81 0.32
CA VAL A 157 -36.08 -20.01 -0.25
C VAL A 157 -37.05 -19.62 -1.35
N GLN A 158 -37.88 -18.60 -1.12
CA GLN A 158 -38.85 -18.17 -2.12
C GLN A 158 -38.20 -17.51 -3.33
N ALA A 159 -36.95 -17.06 -3.20
CA ALA A 159 -36.22 -16.44 -4.30
C ALA A 159 -35.35 -17.43 -5.07
N GLY A 160 -35.35 -18.70 -4.67
CA GLY A 160 -34.61 -19.72 -5.37
C GLY A 160 -33.15 -19.87 -4.99
N PHE A 161 -32.66 -19.08 -4.04
CA PHE A 161 -31.27 -19.23 -3.61
C PHE A 161 -31.09 -20.45 -2.71
N MET A 162 -32.13 -20.84 -1.98
CA MET A 162 -32.06 -21.94 -1.03
C MET A 162 -33.24 -22.87 -1.28
N THR A 163 -32.96 -24.16 -1.40
CA THR A 163 -34.04 -25.13 -1.47
C THR A 163 -34.59 -25.38 -0.06
N PRO A 164 -35.81 -25.89 0.04
CA PRO A 164 -36.34 -26.22 1.37
C PRO A 164 -35.48 -27.24 2.13
N ALA A 165 -34.88 -28.19 1.42
CA ALA A 165 -33.96 -29.12 2.07
C ALA A 165 -32.74 -28.39 2.63
N GLU A 166 -32.18 -27.45 1.86
CA GLU A 166 -31.06 -26.66 2.34
C GLU A 166 -31.46 -25.79 3.53
N HIS A 167 -32.67 -25.23 3.50
CA HIS A 167 -33.15 -24.44 4.61
C HIS A 167 -33.29 -25.28 5.88
N LYS A 168 -33.84 -26.49 5.75
CA LYS A 168 -33.96 -27.37 6.90
C LYS A 168 -32.59 -27.79 7.42
N GLN A 169 -31.64 -28.05 6.51
CA GLN A 169 -30.29 -28.39 6.92
C GLN A 169 -29.62 -27.24 7.67
N LEU A 170 -29.81 -26.01 7.18
CA LEU A 170 -29.25 -24.85 7.85
C LEU A 170 -29.89 -24.63 9.22
N GLU A 171 -31.19 -24.90 9.34
CA GLU A 171 -31.84 -24.81 10.64
C GLU A 171 -31.31 -25.88 11.59
N LYS A 172 -30.99 -27.07 11.07
CA LYS A 172 -30.44 -28.11 11.92
C LYS A 172 -29.04 -27.78 12.40
N LEU A 173 -28.24 -27.09 11.58
CA LEU A 173 -26.86 -26.75 11.91
C LEU A 173 -26.74 -25.42 12.64
N SER A 174 -27.78 -24.99 13.34
CA SER A 174 -27.82 -23.65 13.89
C SER A 174 -26.87 -23.52 15.08
N LEU A 175 -25.96 -22.57 15.00
CA LEU A 175 -25.08 -22.14 16.07
C LEU A 175 -25.32 -20.67 16.33
N PRO A 176 -24.98 -20.17 17.53
CA PRO A 176 -25.20 -18.75 17.82
C PRO A 176 -24.19 -17.83 17.14
N HIS A 177 -23.97 -18.05 15.83
CA HIS A 177 -23.09 -17.21 15.03
C HIS A 177 -23.72 -17.06 13.66
N ASN A 178 -23.09 -16.24 12.82
CA ASN A 178 -23.52 -16.11 11.44
C ASN A 178 -23.17 -17.38 10.68
N MET A 179 -24.13 -17.94 9.96
CA MET A 179 -23.98 -19.23 9.31
C MET A 179 -23.65 -19.11 7.82
N PHE A 180 -22.99 -18.02 7.42
CA PHE A 180 -22.68 -17.84 6.01
C PHE A 180 -21.60 -18.80 5.51
N TRP A 181 -20.83 -19.40 6.42
CA TRP A 181 -19.77 -20.32 6.06
C TRP A 181 -20.28 -21.70 5.68
N VAL A 182 -21.54 -22.01 5.98
CA VAL A 182 -22.03 -23.38 5.75
C VAL A 182 -22.00 -23.79 4.28
N PRO A 183 -22.41 -22.97 3.31
CA PRO A 183 -22.36 -23.41 1.92
C PRO A 183 -20.96 -23.74 1.43
N TRP A 184 -19.90 -23.22 2.06
CA TRP A 184 -18.56 -23.60 1.63
C TRP A 184 -18.22 -25.03 2.04
N VAL A 185 -18.61 -25.43 3.25
CA VAL A 185 -18.44 -26.82 3.65
C VAL A 185 -19.32 -27.72 2.79
N TRP A 186 -20.52 -27.25 2.45
CA TRP A 186 -21.37 -28.00 1.53
C TRP A 186 -20.70 -28.17 0.17
N PHE A 187 -20.10 -27.11 -0.35
CA PHE A 187 -19.41 -27.18 -1.64
C PHE A 187 -18.25 -28.15 -1.58
N ALA A 188 -17.46 -28.10 -0.51
CA ALA A 188 -16.32 -29.00 -0.39
C ALA A 188 -16.78 -30.46 -0.35
N ASN A 189 -17.80 -30.75 0.45
CA ASN A 189 -18.28 -32.13 0.54
C ASN A 189 -18.91 -32.60 -0.76
N LEU A 190 -19.67 -31.73 -1.43
CA LEU A 190 -20.31 -32.12 -2.68
C LEU A 190 -19.28 -32.31 -3.79
N SER A 191 -18.23 -31.49 -3.81
CA SER A 191 -17.17 -31.67 -4.80
C SER A 191 -16.38 -32.94 -4.52
N MET A 192 -16.14 -33.27 -3.25
CA MET A 192 -15.51 -34.55 -2.93
C MET A 192 -16.38 -35.72 -3.38
N LYS A 193 -17.69 -35.61 -3.16
CA LYS A 193 -18.60 -36.65 -3.62
C LYS A 193 -18.61 -36.77 -5.13
N ALA A 194 -18.52 -35.64 -5.83
CA ALA A 194 -18.46 -35.65 -7.28
C ALA A 194 -17.18 -36.30 -7.79
N TRP A 195 -16.05 -36.02 -7.15
CA TRP A 195 -14.80 -36.68 -7.55
C TRP A 195 -14.85 -38.17 -7.27
N LEU A 196 -15.41 -38.58 -6.12
CA LEU A 196 -15.53 -40.00 -5.83
C LEU A 196 -16.50 -40.68 -6.77
N GLY A 197 -17.52 -39.98 -7.24
CA GLY A 197 -18.49 -40.53 -8.16
C GLY A 197 -18.10 -40.53 -9.61
N GLY A 198 -16.91 -40.05 -9.94
CA GLY A 198 -16.45 -40.02 -11.32
C GLY A 198 -16.81 -38.80 -12.11
N ARG A 199 -17.60 -37.88 -11.54
CA ARG A 199 -17.99 -36.68 -12.27
C ARG A 199 -16.81 -35.71 -12.43
N ILE A 200 -15.85 -35.78 -11.53
CA ILE A 200 -14.59 -35.05 -11.65
C ILE A 200 -13.50 -36.08 -11.93
N ARG A 201 -12.80 -35.91 -13.05
CA ARG A 201 -11.93 -36.97 -13.56
C ARG A 201 -10.62 -37.06 -12.78
N ASP A 202 -10.08 -35.94 -12.30
CA ASP A 202 -8.82 -35.95 -11.59
C ASP A 202 -8.92 -35.13 -10.31
N PRO A 203 -8.19 -35.52 -9.26
CA PRO A 203 -8.20 -34.73 -8.03
C PRO A 203 -7.60 -33.35 -8.17
N ILE A 204 -6.79 -33.08 -9.20
CA ILE A 204 -6.23 -31.75 -9.35
C ILE A 204 -7.31 -30.76 -9.79
N LEU A 205 -8.29 -31.23 -10.57
CA LEU A 205 -9.44 -30.39 -10.89
C LEU A 205 -10.26 -30.09 -9.64
N LEU A 206 -10.40 -31.08 -8.76
CA LEU A 206 -11.05 -30.86 -7.47
C LEU A 206 -10.30 -29.82 -6.65
N GLN A 207 -8.97 -29.89 -6.67
CA GLN A 207 -8.16 -28.91 -5.96
C GLN A 207 -8.37 -27.51 -6.50
N SER A 208 -8.42 -27.37 -7.83
CA SER A 208 -8.68 -26.06 -8.43
C SER A 208 -10.05 -25.52 -8.04
N LEU A 209 -11.06 -26.39 -8.06
CA LEU A 209 -12.41 -25.99 -7.67
C LEU A 209 -12.42 -25.49 -6.24
N LEU A 210 -11.79 -26.24 -5.33
CA LEU A 210 -11.81 -25.84 -3.93
C LEU A 210 -10.93 -24.62 -3.68
N ASN A 211 -9.89 -24.40 -4.49
CA ASN A 211 -9.12 -23.18 -4.38
C ASN A 211 -9.95 -21.95 -4.73
N GLU A 212 -10.71 -22.03 -5.83
CA GLU A 212 -11.59 -20.91 -6.18
C GLU A 212 -12.67 -20.70 -5.13
N MET A 213 -13.22 -21.79 -4.62
CA MET A 213 -14.23 -21.68 -3.57
C MET A 213 -13.65 -21.05 -2.30
N ASN A 214 -12.41 -21.40 -1.95
CA ASN A 214 -11.79 -20.80 -0.77
C ASN A 214 -11.44 -19.33 -0.99
N THR A 215 -11.12 -18.95 -2.23
CA THR A 215 -10.95 -17.52 -2.51
C THR A 215 -12.25 -16.77 -2.28
N LEU A 216 -13.37 -17.33 -2.75
CA LEU A 216 -14.66 -16.71 -2.48
C LEU A 216 -14.95 -16.64 -0.98
N ARG A 217 -14.59 -17.71 -0.25
CA ARG A 217 -14.78 -17.72 1.20
C ARG A 217 -13.96 -16.62 1.88
N THR A 218 -12.71 -16.42 1.44
CA THR A 218 -11.89 -15.36 2.00
C THR A 218 -12.49 -13.99 1.72
N GLN A 219 -13.01 -13.79 0.50
CA GLN A 219 -13.65 -12.51 0.20
C GLN A 219 -14.87 -12.27 1.07
N CYS A 220 -15.70 -13.29 1.26
CA CYS A 220 -16.88 -13.13 2.11
C CYS A 220 -16.50 -12.91 3.57
N GLY A 221 -15.44 -13.57 4.03
CA GLY A 221 -14.95 -13.32 5.37
C GLY A 221 -14.43 -11.91 5.56
N HIS A 222 -13.79 -11.36 4.53
CA HIS A 222 -13.36 -9.96 4.59
C HIS A 222 -14.55 -9.03 4.61
N LEU A 223 -15.61 -9.35 3.87
CA LEU A 223 -16.83 -8.54 3.94
C LEU A 223 -17.42 -8.55 5.34
N TYR A 224 -17.49 -9.74 5.96
CA TYR A 224 -17.97 -9.83 7.33
C TYR A 224 -17.06 -9.05 8.27
N ALA A 225 -15.75 -9.09 8.04
CA ALA A 225 -14.80 -8.38 8.87
C ALA A 225 -15.01 -6.87 8.80
N TYR A 226 -15.17 -6.34 7.59
CA TYR A 226 -15.40 -4.91 7.43
C TYR A 226 -16.74 -4.48 8.00
N ASP A 227 -17.76 -5.34 7.90
CA ASP A 227 -19.03 -5.01 8.52
C ASP A 227 -18.95 -5.05 10.04
N TRP A 228 -18.14 -5.93 10.60
CA TRP A 228 -18.02 -6.10 12.04
C TRP A 228 -17.03 -5.11 12.64
N ILE A 229 -15.78 -5.16 12.19
CA ILE A 229 -14.74 -4.30 12.72
C ILE A 229 -14.83 -2.94 12.05
N SER A 230 -15.60 -2.03 12.65
CA SER A 230 -15.75 -0.69 12.11
C SER A 230 -14.48 0.11 12.34
N ILE A 231 -14.39 1.25 11.66
CA ILE A 231 -13.37 2.23 12.03
C ILE A 231 -13.60 2.62 13.48
N PRO A 232 -12.55 2.72 14.31
CA PRO A 232 -12.78 2.98 15.74
C PRO A 232 -13.61 4.24 15.95
N LEU A 233 -14.55 4.13 16.90
CA LEU A 233 -15.48 5.21 17.14
C LEU A 233 -14.78 6.48 17.62
N VAL A 234 -13.66 6.32 18.34
CA VAL A 234 -12.93 7.48 18.83
C VAL A 234 -12.44 8.34 17.68
N TYR A 235 -11.97 7.71 16.60
CA TYR A 235 -11.45 8.46 15.46
C TYR A 235 -12.57 9.18 14.71
N THR A 236 -13.67 8.49 14.44
CA THR A 236 -14.82 9.12 13.81
C THR A 236 -15.30 10.31 14.64
N GLN A 237 -15.36 10.13 15.96
CA GLN A 237 -15.74 11.24 16.83
C GLN A 237 -14.72 12.35 16.82
N VAL A 238 -13.43 12.03 16.67
CA VAL A 238 -12.40 13.07 16.59
C VAL A 238 -12.61 13.94 15.36
N VAL A 239 -12.84 13.31 14.21
CA VAL A 239 -13.06 14.07 12.99
C VAL A 239 -14.36 14.87 13.06
N THR A 240 -15.41 14.26 13.60
CA THR A 240 -16.68 14.95 13.77
C THR A 240 -16.54 16.15 14.68
N VAL A 241 -15.83 15.98 15.81
CA VAL A 241 -15.61 17.08 16.74
C VAL A 241 -14.82 18.18 16.08
N ALA A 242 -13.77 17.84 15.34
CA ALA A 242 -12.99 18.86 14.65
C ALA A 242 -13.85 19.68 13.71
N VAL A 243 -14.60 19.02 12.83
CA VAL A 243 -15.38 19.74 11.82
C VAL A 243 -16.46 20.59 12.49
N TYR A 244 -17.22 19.99 13.41
CA TYR A 244 -18.35 20.71 13.97
C TYR A 244 -17.93 21.76 14.99
N SER A 245 -16.78 21.60 15.65
CA SER A 245 -16.28 22.67 16.50
C SER A 245 -15.76 23.82 15.66
N PHE A 246 -15.12 23.51 14.52
CA PHE A 246 -14.73 24.54 13.58
C PHE A 246 -15.92 25.39 13.18
N PHE A 247 -17.02 24.75 12.80
CA PHE A 247 -18.15 25.55 12.33
C PHE A 247 -19.01 26.11 13.47
N LEU A 248 -18.98 25.51 14.65
CA LEU A 248 -19.63 26.13 15.80
C LEU A 248 -18.92 27.42 16.21
N THR A 249 -17.59 27.44 16.17
CA THR A 249 -16.89 28.68 16.43
C THR A 249 -16.95 29.65 15.26
N CYS A 250 -17.19 29.14 14.03
CA CYS A 250 -17.47 30.03 12.91
C CYS A 250 -18.85 30.66 12.99
N LEU A 251 -19.78 30.04 13.72
CA LEU A 251 -21.09 30.64 13.91
C LEU A 251 -21.00 32.01 14.56
N VAL A 252 -20.04 32.21 15.46
CA VAL A 252 -19.86 33.48 16.14
C VAL A 252 -18.71 34.29 15.56
N GLY A 253 -17.57 33.65 15.29
CA GLY A 253 -16.39 34.36 14.85
C GLY A 253 -16.48 34.91 13.44
N ARG A 254 -17.37 34.36 12.62
CA ARG A 254 -17.54 34.83 11.26
C ARG A 254 -18.73 35.78 11.10
N GLN A 255 -19.27 36.26 12.21
CA GLN A 255 -20.33 37.27 12.13
C GLN A 255 -19.76 38.59 11.63
N PHE A 256 -20.55 39.27 10.81
CA PHE A 256 -20.18 40.61 10.33
C PHE A 256 -20.48 41.61 11.43
N LEU A 257 -19.43 42.19 12.01
CA LEU A 257 -19.60 43.15 13.09
C LEU A 257 -20.05 44.50 12.53
N ASN A 258 -20.27 45.44 13.43
CA ASN A 258 -20.74 46.76 13.04
C ASN A 258 -19.64 47.53 12.30
N PRO A 259 -19.88 47.98 11.07
CA PRO A 259 -18.83 48.72 10.35
C PRO A 259 -18.43 50.02 11.03
N ALA A 260 -19.33 50.63 11.82
CA ALA A 260 -19.02 51.90 12.46
C ALA A 260 -17.88 51.76 13.48
N LYS A 261 -17.73 50.58 14.08
CA LYS A 261 -16.66 50.37 15.06
C LYS A 261 -15.29 50.27 14.40
N ALA A 262 -15.25 50.07 13.08
CA ALA A 262 -14.00 50.04 12.31
C ALA A 262 -13.02 49.01 12.87
N TYR A 263 -13.53 47.84 13.21
CA TYR A 263 -12.65 46.75 13.66
C TYR A 263 -11.79 46.27 12.49
N PRO A 264 -10.56 45.84 12.77
CA PRO A 264 -9.71 45.30 11.70
C PRO A 264 -10.31 44.06 11.09
N GLY A 265 -10.55 44.11 9.79
CA GLY A 265 -11.19 43.03 9.07
C GLY A 265 -12.70 43.05 9.08
N HIS A 266 -13.32 44.06 9.71
CA HIS A 266 -14.77 44.17 9.79
C HIS A 266 -15.22 45.54 9.29
N GLU A 267 -14.56 46.05 8.25
CA GLU A 267 -14.93 47.33 7.67
C GLU A 267 -16.05 47.21 6.65
N LEU A 268 -16.47 45.99 6.30
CA LEU A 268 -17.48 45.77 5.27
C LEU A 268 -18.47 44.73 5.75
N ASP A 269 -19.74 45.11 5.79
CA ASP A 269 -20.84 44.23 6.20
C ASP A 269 -21.47 43.66 4.93
N LEU A 270 -21.04 42.47 4.53
CA LEU A 270 -21.54 41.81 3.33
C LEU A 270 -22.75 40.93 3.59
N VAL A 271 -23.23 40.88 4.83
CA VAL A 271 -24.42 40.12 5.23
C VAL A 271 -24.20 38.63 5.05
N VAL A 272 -23.94 38.19 3.82
CA VAL A 272 -23.79 36.79 3.50
C VAL A 272 -22.31 36.43 3.60
N PRO A 273 -21.90 35.56 4.53
CA PRO A 273 -20.50 35.12 4.58
C PRO A 273 -20.19 34.09 3.50
N VAL A 274 -19.93 34.61 2.30
CA VAL A 274 -19.76 33.75 1.13
C VAL A 274 -18.58 32.80 1.33
N PHE A 275 -17.47 33.31 1.86
CA PHE A 275 -16.29 32.48 2.03
C PHE A 275 -16.46 31.49 3.18
N THR A 276 -17.17 31.88 4.24
CA THR A 276 -17.49 30.94 5.30
C THR A 276 -18.40 29.83 4.80
N PHE A 277 -19.37 30.17 3.94
CA PHE A 277 -20.24 29.16 3.37
C PHE A 277 -19.48 28.26 2.41
N LEU A 278 -18.52 28.80 1.67
CA LEU A 278 -17.67 27.98 0.82
C LEU A 278 -16.83 27.03 1.64
N GLN A 279 -16.29 27.51 2.76
CA GLN A 279 -15.56 26.63 3.67
C GLN A 279 -16.47 25.55 4.24
N PHE A 280 -17.71 25.91 4.58
CA PHE A 280 -18.67 24.91 5.06
C PHE A 280 -18.90 23.85 4.00
N PHE A 281 -19.20 24.28 2.77
CA PHE A 281 -19.42 23.31 1.70
C PHE A 281 -18.21 22.39 1.53
N PHE A 282 -17.02 22.98 1.46
CA PHE A 282 -15.81 22.19 1.22
C PHE A 282 -15.55 21.20 2.37
N TYR A 283 -15.53 21.70 3.61
CA TYR A 283 -15.14 20.85 4.73
C TYR A 283 -16.21 19.81 5.07
N VAL A 284 -17.48 20.22 5.12
CA VAL A 284 -18.51 19.25 5.43
C VAL A 284 -18.80 18.33 4.25
N GLY A 285 -18.47 18.71 3.01
CA GLY A 285 -18.52 17.75 1.93
C GLY A 285 -17.38 16.76 1.99
N TRP A 286 -16.21 17.21 2.43
CA TRP A 286 -15.11 16.29 2.71
C TRP A 286 -15.51 15.29 3.78
N LEU A 287 -16.21 15.77 4.82
CA LEU A 287 -16.72 14.87 5.84
C LEU A 287 -17.82 13.95 5.29
N LYS A 288 -18.66 14.46 4.40
CA LYS A 288 -19.74 13.65 3.84
C LYS A 288 -19.22 12.57 2.90
N VAL A 289 -18.04 12.77 2.31
CA VAL A 289 -17.40 11.68 1.58
C VAL A 289 -17.21 10.48 2.50
N ALA A 290 -16.65 10.72 3.69
CA ALA A 290 -16.46 9.65 4.67
C ALA A 290 -17.79 9.14 5.18
N GLU A 291 -18.76 10.03 5.39
CA GLU A 291 -20.06 9.61 5.92
C GLU A 291 -20.76 8.67 4.94
N GLN A 292 -20.66 8.95 3.64
CA GLN A 292 -21.26 8.09 2.64
C GLN A 292 -20.47 6.80 2.45
N LEU A 293 -19.15 6.87 2.47
CA LEU A 293 -18.32 5.71 2.15
C LEU A 293 -17.97 4.85 3.37
N ILE A 294 -18.32 5.27 4.58
CA ILE A 294 -17.91 4.49 5.75
C ILE A 294 -18.63 3.14 5.78
N ASN A 295 -19.88 3.10 5.31
CA ASN A 295 -20.60 1.85 5.07
C ASN A 295 -21.05 1.86 3.62
N PRO A 296 -20.28 1.27 2.71
CA PRO A 296 -20.63 1.29 1.28
C PRO A 296 -21.74 0.32 0.89
N PHE A 297 -22.38 -0.33 1.86
CA PHE A 297 -23.46 -1.27 1.60
C PHE A 297 -24.79 -0.76 2.13
N GLY A 298 -24.92 0.55 2.32
CA GLY A 298 -26.19 1.13 2.72
C GLY A 298 -27.07 1.40 1.52
N GLU A 299 -27.75 2.54 1.51
CA GLU A 299 -28.67 2.89 0.43
C GLU A 299 -28.38 4.29 -0.12
N ASP A 300 -27.13 4.74 -0.01
CA ASP A 300 -26.74 5.99 -0.64
C ASP A 300 -26.63 5.80 -2.15
N ASP A 301 -26.56 6.93 -2.87
CA ASP A 301 -26.46 6.88 -4.32
C ASP A 301 -25.14 6.27 -4.75
N ASP A 302 -24.06 6.56 -4.03
CA ASP A 302 -22.74 6.04 -4.37
C ASP A 302 -22.42 4.71 -3.69
N ASP A 303 -23.36 4.16 -2.93
CA ASP A 303 -23.15 2.84 -2.33
C ASP A 303 -23.30 1.75 -3.38
N PHE A 304 -22.76 0.58 -3.06
CA PHE A 304 -22.68 -0.50 -4.03
C PHE A 304 -24.06 -1.05 -4.36
N GLU A 305 -24.27 -1.37 -5.64
CA GLU A 305 -25.52 -1.97 -6.12
C GLU A 305 -25.43 -3.47 -5.91
N THR A 306 -25.61 -3.88 -4.66
CA THR A 306 -25.39 -5.29 -4.29
C THR A 306 -26.52 -6.18 -4.78
N ASN A 307 -27.74 -5.66 -4.88
CA ASN A 307 -28.84 -6.46 -5.42
C ASN A 307 -28.62 -6.80 -6.89
N TRP A 308 -28.13 -5.83 -7.66
CA TRP A 308 -27.79 -6.11 -9.04
C TRP A 308 -26.67 -7.13 -9.14
N ILE A 309 -25.67 -7.01 -8.26
CA ILE A 309 -24.58 -7.98 -8.25
C ILE A 309 -25.10 -9.37 -7.95
N VAL A 310 -26.03 -9.48 -7.00
CA VAL A 310 -26.62 -10.78 -6.65
C VAL A 310 -27.34 -11.37 -7.85
N ASP A 311 -28.21 -10.58 -8.47
CA ASP A 311 -28.98 -11.07 -9.62
C ASP A 311 -28.07 -11.47 -10.77
N ARG A 312 -27.11 -10.62 -11.09
CA ARG A 312 -26.19 -10.91 -12.20
C ARG A 312 -25.37 -12.15 -11.93
N ASN A 313 -24.86 -12.29 -10.70
CA ASN A 313 -24.07 -13.47 -10.37
C ASN A 313 -24.90 -14.74 -10.50
N LEU A 314 -26.13 -14.72 -10.00
CA LEU A 314 -26.98 -15.91 -10.10
C LEU A 314 -27.23 -16.27 -11.56
N GLN A 315 -27.67 -15.29 -12.36
CA GLN A 315 -28.00 -15.58 -13.76
C GLN A 315 -26.79 -16.06 -14.54
N VAL A 316 -25.68 -15.34 -14.41
CA VAL A 316 -24.48 -15.65 -15.18
C VAL A 316 -23.91 -17.01 -14.76
N SER A 317 -23.90 -17.30 -13.46
CA SER A 317 -23.38 -18.57 -12.98
C SER A 317 -24.22 -19.74 -13.48
N LEU A 318 -25.56 -19.62 -13.37
CA LEU A 318 -26.41 -20.71 -13.83
C LEU A 318 -26.29 -20.92 -15.34
N LEU A 319 -26.22 -19.82 -16.10
CA LEU A 319 -26.04 -19.96 -17.54
C LEU A 319 -24.69 -20.61 -17.88
N ALA A 320 -23.63 -20.21 -17.17
CA ALA A 320 -22.30 -20.72 -17.48
C ALA A 320 -22.18 -22.20 -17.16
N VAL A 321 -22.74 -22.64 -16.03
CA VAL A 321 -22.58 -24.05 -15.66
C VAL A 321 -23.63 -24.96 -16.29
N ASP A 322 -24.78 -24.43 -16.71
CA ASP A 322 -25.84 -25.27 -17.25
C ASP A 322 -25.89 -25.24 -18.77
N GLU A 323 -26.09 -24.06 -19.36
CA GLU A 323 -26.28 -24.00 -20.81
C GLU A 323 -24.97 -23.96 -21.56
N MET A 324 -23.91 -23.45 -20.94
CA MET A 324 -22.62 -23.28 -21.62
C MET A 324 -21.67 -24.43 -21.37
N HIS A 325 -22.10 -25.47 -20.67
CA HIS A 325 -21.24 -26.63 -20.44
C HIS A 325 -21.09 -27.44 -21.71
N GLN A 326 -19.86 -27.50 -22.23
CA GLN A 326 -19.53 -28.23 -23.46
C GLN A 326 -20.38 -27.76 -24.64
N ASP A 327 -20.83 -26.52 -24.61
CA ASP A 327 -21.58 -25.91 -25.69
C ASP A 327 -20.70 -24.81 -26.27
N LEU A 328 -19.83 -25.18 -27.20
CA LEU A 328 -18.85 -24.28 -27.76
C LEU A 328 -19.24 -23.87 -29.17
N PRO A 329 -18.84 -22.68 -29.61
CA PRO A 329 -18.99 -22.33 -31.02
C PRO A 329 -18.11 -23.22 -31.89
N ARG A 330 -18.54 -23.39 -33.14
CA ARG A 330 -17.82 -24.24 -34.06
C ARG A 330 -16.39 -23.73 -34.25
N MET A 331 -15.43 -24.64 -34.15
CA MET A 331 -14.02 -24.30 -34.26
C MET A 331 -13.62 -24.29 -35.74
N GLU A 332 -13.40 -23.10 -36.27
CA GLU A 332 -13.07 -22.89 -37.67
C GLU A 332 -11.87 -21.97 -37.76
N PRO A 333 -11.10 -22.04 -38.85
CA PRO A 333 -9.97 -21.11 -39.03
C PRO A 333 -10.44 -19.66 -39.03
N ASP A 334 -9.63 -18.81 -38.41
CA ASP A 334 -9.98 -17.41 -38.24
C ASP A 334 -9.57 -16.61 -39.48
N MET A 335 -9.65 -15.28 -39.36
CA MET A 335 -9.36 -14.41 -40.49
C MET A 335 -7.89 -14.38 -40.85
N TYR A 336 -7.02 -14.60 -39.86
CA TYR A 336 -5.57 -14.51 -40.03
C TYR A 336 -4.92 -15.89 -39.97
N TRP A 337 -5.56 -16.88 -40.60
CA TRP A 337 -5.13 -18.25 -40.49
C TRP A 337 -3.69 -18.44 -40.97
N ASN A 338 -3.38 -17.95 -42.17
CA ASN A 338 -2.04 -18.08 -42.73
C ASN A 338 -1.29 -16.75 -42.77
N LYS A 339 -1.85 -15.71 -42.16
CA LYS A 339 -1.21 -14.40 -42.17
C LYS A 339 -0.28 -14.28 -40.97
N PRO A 340 1.03 -14.12 -41.16
CA PRO A 340 1.95 -14.07 -40.02
C PRO A 340 1.80 -12.82 -39.17
N GLU A 341 1.37 -11.70 -39.74
CA GLU A 341 1.22 -10.45 -39.02
C GLU A 341 -0.22 -9.96 -39.16
N PRO A 342 -1.09 -10.30 -38.21
CA PRO A 342 -2.47 -9.78 -38.25
C PRO A 342 -2.49 -8.27 -38.14
N GLN A 343 -3.44 -7.65 -38.84
CA GLN A 343 -3.64 -6.20 -38.80
C GLN A 343 -5.12 -5.90 -38.90
N PRO A 344 -5.83 -5.95 -37.77
CA PRO A 344 -7.25 -5.58 -37.77
C PRO A 344 -7.44 -4.14 -38.21
N PRO A 345 -8.49 -3.85 -38.95
CA PRO A 345 -8.69 -2.49 -39.47
C PRO A 345 -9.11 -1.52 -38.38
N TYR A 346 -8.94 -0.24 -38.69
CA TYR A 346 -9.41 0.87 -37.87
C TYR A 346 -10.56 1.56 -38.57
N THR A 347 -11.50 2.07 -37.77
CA THR A 347 -12.61 2.84 -38.33
C THR A 347 -12.12 4.25 -38.69
N ALA A 348 -13.01 5.03 -39.29
CA ALA A 348 -12.68 6.43 -39.58
C ALA A 348 -12.57 7.25 -38.30
N ALA A 349 -13.29 6.86 -37.26
CA ALA A 349 -13.26 7.57 -35.99
C ALA A 349 -12.13 7.11 -35.08
N SER A 350 -11.40 6.05 -35.45
CA SER A 350 -10.35 5.51 -34.62
C SER A 350 -9.01 5.43 -35.32
N ALA A 351 -8.90 5.89 -36.56
CA ALA A 351 -7.65 5.77 -37.30
C ALA A 351 -6.52 6.58 -36.69
N GLN A 352 -6.84 7.60 -35.89
CA GLN A 352 -5.81 8.41 -35.25
C GLN A 352 -5.15 7.70 -34.08
N PHE A 353 -5.69 6.57 -33.63
CA PHE A 353 -5.11 5.81 -32.52
C PHE A 353 -4.18 4.70 -32.99
N ARG A 354 -3.92 4.59 -34.28
CA ARG A 354 -2.95 3.63 -34.79
C ARG A 354 -1.56 4.18 -34.51
N ARG A 355 -0.88 3.62 -33.51
CA ARG A 355 0.39 4.13 -33.03
C ARG A 355 1.51 3.14 -33.31
N ALA A 356 2.70 3.68 -33.58
CA ALA A 356 3.88 2.85 -33.68
C ALA A 356 4.24 2.30 -32.31
N SER A 357 4.90 1.14 -32.30
CA SER A 357 5.20 0.48 -31.05
C SER A 357 6.30 1.20 -30.28
N PHE A 358 6.18 1.17 -28.96
CA PHE A 358 7.25 1.65 -28.09
C PHE A 358 8.28 0.55 -27.94
N MET A 359 9.50 0.80 -28.41
CA MET A 359 10.57 -0.19 -28.43
C MET A 359 11.51 -0.05 -27.24
N GLY A 360 11.14 0.74 -26.25
CA GLY A 360 12.02 1.03 -25.14
C GLY A 360 12.63 2.41 -25.26
N SER A 361 12.93 3.01 -24.10
CA SER A 361 13.47 4.36 -24.09
C SER A 361 14.87 4.44 -24.67
N THR A 362 15.61 3.34 -24.70
CA THR A 362 16.98 3.33 -25.18
C THR A 362 17.09 3.07 -26.67
N PHE A 363 15.96 2.97 -27.39
CA PHE A 363 16.01 2.65 -28.81
C PHE A 363 16.65 3.77 -29.61
N ASN A 364 16.41 5.02 -29.22
CA ASN A 364 16.89 6.17 -29.97
C ASN A 364 18.26 6.65 -29.51
N ILE A 365 18.92 5.92 -28.62
CA ILE A 365 20.25 6.31 -28.17
C ILE A 365 21.24 6.12 -29.31
N SER A 366 21.98 7.18 -29.63
CA SER A 366 22.94 7.18 -30.73
C SER A 366 24.35 7.11 -30.16
N LEU A 367 25.10 6.09 -30.57
CA LEU A 367 26.50 5.93 -30.21
C LEU A 367 27.33 5.83 -31.47
N ASN A 368 28.50 6.49 -31.47
CA ASN A 368 29.37 6.42 -32.63
C ASN A 368 30.04 5.05 -32.70
N LYS A 369 30.76 4.82 -33.80
CA LYS A 369 31.33 3.52 -34.06
C LYS A 369 32.38 3.14 -33.02
N GLU A 370 33.22 4.10 -32.61
CA GLU A 370 34.36 3.78 -31.76
C GLU A 370 33.96 3.30 -30.37
N GLU A 371 32.78 3.69 -29.89
CA GLU A 371 32.34 3.34 -28.54
C GLU A 371 31.42 2.12 -28.51
N MET A 372 31.34 1.37 -29.60
CA MET A 372 30.53 0.17 -29.65
C MET A 372 31.33 -1.12 -29.67
N GLU A 373 32.63 -1.06 -29.91
CA GLU A 373 33.46 -2.26 -29.90
C GLU A 373 33.62 -2.79 -28.49
N PHE A 374 33.55 -4.10 -28.35
CA PHE A 374 33.82 -4.74 -27.07
C PHE A 374 35.30 -4.64 -26.72
N GLN A 375 35.58 -4.38 -25.45
CA GLN A 375 36.95 -4.26 -24.99
C GLN A 375 37.56 -5.64 -24.74
N THR B 1 -0.42 7.75 -24.17
CA THR B 1 0.79 7.66 -23.36
C THR B 1 1.89 8.54 -23.94
N ILE B 2 2.30 9.55 -23.18
CA ILE B 2 3.43 10.39 -23.52
C ILE B 2 4.64 9.87 -22.76
N THR B 3 5.66 9.40 -23.49
CA THR B 3 6.84 8.80 -22.89
C THR B 3 8.00 9.78 -22.97
N TYR B 4 8.60 10.08 -21.83
CA TYR B 4 9.80 10.91 -21.76
C TYR B 4 10.85 10.24 -20.88
N THR B 5 10.81 8.91 -20.81
CA THR B 5 11.72 8.18 -19.93
C THR B 5 13.17 8.35 -20.36
N SER B 6 13.44 8.36 -21.66
CA SER B 6 14.80 8.53 -22.14
C SER B 6 15.35 9.91 -21.83
N GLN B 7 14.47 10.92 -21.79
CA GLN B 7 14.91 12.29 -21.54
C GLN B 7 15.29 12.53 -20.08
N VAL B 8 14.85 11.66 -19.17
CA VAL B 8 15.10 11.86 -17.75
C VAL B 8 15.85 10.66 -17.19
N ALA B 9 16.67 10.02 -18.02
CA ALA B 9 17.44 8.87 -17.57
C ALA B 9 18.45 9.27 -16.50
N ASN B 10 19.12 10.40 -16.69
CA ASN B 10 20.08 10.93 -15.74
C ASN B 10 19.61 12.28 -15.23
N ALA B 11 19.93 12.58 -13.98
CA ALA B 11 19.59 13.87 -13.37
C ALA B 11 20.63 14.91 -13.80
N ARG B 12 20.51 15.33 -15.06
CA ARG B 12 21.43 16.30 -15.64
C ARG B 12 21.01 17.71 -15.26
N LEU B 13 21.74 18.69 -15.80
CA LEU B 13 21.47 20.09 -15.52
C LEU B 13 20.13 20.49 -16.14
N GLY B 14 19.12 20.71 -15.30
CA GLY B 14 17.81 21.09 -15.78
C GLY B 14 17.13 20.01 -16.61
N SER B 15 17.17 18.77 -16.14
CA SER B 15 16.55 17.67 -16.87
C SER B 15 15.04 17.86 -16.96
N PHE B 16 14.42 18.29 -15.86
CA PHE B 16 12.98 18.54 -15.86
C PHE B 16 12.61 19.84 -16.55
N SER B 17 13.56 20.76 -16.71
CA SER B 17 13.28 22.01 -17.39
C SER B 17 13.10 21.83 -18.89
N ARG B 18 13.85 20.89 -19.47
CA ARG B 18 13.68 20.60 -20.89
C ARG B 18 12.34 19.95 -21.19
N LEU B 19 11.65 19.45 -20.17
CA LEU B 19 10.30 18.93 -20.32
C LEU B 19 9.25 20.02 -20.39
N LEU B 20 9.62 21.28 -20.11
CA LEU B 20 8.70 22.39 -20.20
C LEU B 20 8.49 22.87 -21.63
N LEU B 21 9.31 22.40 -22.57
CA LEU B 21 9.16 22.74 -23.98
C LEU B 21 8.36 21.70 -24.75
N CYS B 22 7.47 20.98 -24.08
CA CYS B 22 6.63 19.96 -24.69
C CYS B 22 5.21 20.46 -24.79
N TRP B 23 4.49 19.98 -25.81
CA TRP B 23 3.10 20.35 -26.02
C TRP B 23 2.12 19.19 -25.84
N ARG B 24 2.42 18.03 -26.42
CA ARG B 24 1.54 16.88 -26.27
C ARG B 24 1.62 16.36 -24.83
N GLY B 25 0.44 16.17 -24.22
CA GLY B 25 0.38 15.71 -22.85
C GLY B 25 0.91 16.71 -21.84
N SER B 26 1.00 17.98 -22.22
CA SER B 26 1.58 19.00 -21.37
C SER B 26 0.52 19.72 -20.55
N ILE B 27 0.99 20.55 -19.62
CA ILE B 27 0.08 21.33 -18.80
C ILE B 27 -0.55 22.46 -19.61
N TYR B 28 0.19 23.03 -20.57
CA TYR B 28 -0.36 24.11 -21.38
C TYR B 28 -1.54 23.63 -22.21
N LYS B 29 -1.42 22.44 -22.81
CA LYS B 29 -2.50 21.90 -23.62
C LYS B 29 -3.75 21.66 -22.80
N LEU B 30 -3.58 21.24 -21.54
CA LEU B 30 -4.70 20.99 -20.65
C LEU B 30 -5.21 22.26 -19.97
N LEU B 31 -4.46 23.36 -20.03
CA LEU B 31 -4.77 24.53 -19.24
C LEU B 31 -5.09 25.80 -20.03
N TYR B 32 -4.85 25.82 -21.34
CA TYR B 32 -4.92 27.10 -22.05
C TYR B 32 -6.33 27.66 -22.08
N GLY B 33 -7.35 26.83 -22.27
CA GLY B 33 -8.72 27.33 -22.29
C GLY B 33 -9.16 27.91 -20.97
N GLU B 34 -8.92 27.17 -19.88
CA GLU B 34 -9.26 27.66 -18.55
C GLU B 34 -8.49 28.93 -18.22
N PHE B 35 -7.21 28.97 -18.60
CA PHE B 35 -6.41 30.15 -18.30
C PHE B 35 -6.87 31.36 -19.09
N LEU B 36 -7.29 31.15 -20.35
CA LEU B 36 -7.83 32.25 -21.13
C LEU B 36 -9.12 32.77 -20.52
N ILE B 37 -10.00 31.87 -20.07
CA ILE B 37 -11.23 32.31 -19.42
C ILE B 37 -10.92 33.09 -18.15
N PHE B 38 -10.00 32.58 -17.33
CA PHE B 38 -9.65 33.24 -16.08
C PHE B 38 -9.02 34.61 -16.33
N LEU B 39 -8.13 34.70 -17.31
CA LEU B 39 -7.49 35.97 -17.63
C LEU B 39 -8.50 36.98 -18.18
N LEU B 40 -9.41 36.53 -19.04
CA LEU B 40 -10.45 37.41 -19.55
C LEU B 40 -11.32 37.94 -18.42
N CYS B 41 -11.74 37.08 -17.50
CA CYS B 41 -12.55 37.52 -16.38
C CYS B 41 -11.78 38.50 -15.48
N TYR B 42 -10.51 38.19 -15.21
CA TYR B 42 -9.70 39.05 -14.36
C TYR B 42 -9.56 40.45 -14.96
N TYR B 43 -9.27 40.52 -16.26
CA TYR B 43 -9.09 41.84 -16.87
C TYR B 43 -10.40 42.55 -17.14
N ILE B 44 -11.51 41.82 -17.30
CA ILE B 44 -12.82 42.47 -17.32
C ILE B 44 -13.09 43.14 -15.99
N ILE B 45 -12.82 42.43 -14.89
CA ILE B 45 -13.02 43.00 -13.56
C ILE B 45 -12.09 44.20 -13.36
N ARG B 46 -10.85 44.08 -13.82
CA ARG B 46 -9.89 45.19 -13.71
C ARG B 46 -10.37 46.42 -14.48
N PHE B 47 -10.86 46.22 -15.70
CA PHE B 47 -11.32 47.36 -16.50
C PHE B 47 -12.58 47.97 -15.91
N ILE B 48 -13.46 47.15 -15.34
CA ILE B 48 -14.64 47.69 -14.64
C ILE B 48 -14.21 48.53 -13.45
N TYR B 49 -13.24 48.05 -12.68
CA TYR B 49 -12.80 48.78 -11.50
C TYR B 49 -12.07 50.07 -11.86
N ARG B 50 -11.31 50.05 -12.96
CA ARG B 50 -10.49 51.20 -13.31
C ARG B 50 -11.22 52.24 -14.15
N LEU B 51 -12.16 51.83 -15.00
CA LEU B 51 -12.77 52.73 -15.97
C LEU B 51 -14.27 52.90 -15.81
N ALA B 52 -14.94 52.10 -14.97
CA ALA B 52 -16.39 52.16 -14.87
C ALA B 52 -16.87 52.12 -13.42
N LEU B 53 -16.09 52.68 -12.50
CA LEU B 53 -16.48 52.75 -11.09
C LEU B 53 -16.23 54.15 -10.57
N THR B 54 -17.19 54.69 -9.83
CA THR B 54 -17.03 55.99 -9.20
C THR B 54 -16.05 55.90 -8.03
N GLU B 55 -15.68 57.06 -7.50
CA GLU B 55 -14.70 57.10 -6.42
C GLU B 55 -15.20 56.36 -5.19
N GLU B 56 -16.46 56.57 -4.83
CA GLU B 56 -17.05 55.80 -3.73
C GLU B 56 -17.14 54.32 -4.09
N GLN B 57 -17.55 54.01 -5.33
CA GLN B 57 -17.59 52.63 -5.77
C GLN B 57 -16.18 52.03 -5.83
N GLN B 58 -15.19 52.82 -6.23
CA GLN B 58 -13.81 52.34 -6.23
C GLN B 58 -13.34 52.03 -4.82
N LEU B 59 -13.68 52.89 -3.85
CA LEU B 59 -13.30 52.62 -2.46
C LEU B 59 -14.00 51.35 -1.96
N MET B 60 -15.27 51.17 -2.31
CA MET B 60 -15.99 49.96 -1.94
C MET B 60 -15.32 48.72 -2.53
N PHE B 61 -14.91 48.81 -3.81
CA PHE B 61 -14.25 47.67 -4.45
C PHE B 61 -12.89 47.41 -3.82
N GLU B 62 -12.17 48.46 -3.41
CA GLU B 62 -10.89 48.25 -2.74
C GLU B 62 -11.07 47.55 -1.40
N LYS B 63 -12.09 47.94 -0.63
CA LYS B 63 -12.38 47.23 0.60
C LYS B 63 -12.73 45.78 0.33
N LEU B 64 -13.55 45.54 -0.69
CA LEU B 64 -13.93 44.17 -1.05
C LEU B 64 -12.71 43.36 -1.48
N THR B 65 -11.80 43.97 -2.23
CA THR B 65 -10.59 43.28 -2.65
C THR B 65 -9.72 42.91 -1.46
N LEU B 66 -9.57 43.82 -0.51
CA LEU B 66 -8.79 43.51 0.70
C LEU B 66 -9.44 42.38 1.49
N TYR B 67 -10.77 42.40 1.60
CA TYR B 67 -11.49 41.34 2.31
C TYR B 67 -11.30 39.99 1.62
N CYS B 68 -11.49 39.95 0.30
CA CYS B 68 -11.35 38.70 -0.44
C CYS B 68 -9.92 38.18 -0.36
N ASP B 69 -8.93 39.07 -0.46
CA ASP B 69 -7.54 38.65 -0.32
C ASP B 69 -7.27 38.09 1.07
N SER B 70 -7.89 38.69 2.09
CA SER B 70 -7.76 38.15 3.44
C SER B 70 -8.37 36.75 3.56
N TYR B 71 -9.37 36.45 2.73
CA TYR B 71 -10.03 35.15 2.79
C TYR B 71 -9.53 34.15 1.75
N ILE B 72 -8.33 34.36 1.21
CA ILE B 72 -7.71 33.41 0.28
C ILE B 72 -6.69 32.58 1.04
N GLN B 73 -6.92 31.28 1.12
CA GLN B 73 -6.09 30.38 1.91
C GLN B 73 -5.60 29.22 1.04
N LEU B 74 -4.34 28.85 1.22
CA LEU B 74 -3.71 27.79 0.43
C LEU B 74 -3.72 26.43 1.11
N ILE B 75 -3.86 26.36 2.42
CA ILE B 75 -3.76 25.09 3.12
C ILE B 75 -4.85 24.10 2.71
N PRO B 76 -6.15 24.45 2.74
CA PRO B 76 -7.16 23.43 2.45
C PRO B 76 -7.14 22.94 1.01
N ILE B 77 -6.97 23.85 0.05
CA ILE B 77 -6.94 23.44 -1.35
C ILE B 77 -5.72 22.56 -1.62
N SER B 78 -4.57 22.90 -1.03
CA SER B 78 -3.39 22.07 -1.19
C SER B 78 -3.58 20.68 -0.60
N PHE B 79 -4.17 20.60 0.60
CA PHE B 79 -4.38 19.29 1.22
C PHE B 79 -5.35 18.43 0.41
N VAL B 80 -6.49 19.02 0.00
CA VAL B 80 -7.47 18.23 -0.71
C VAL B 80 -6.97 17.83 -2.08
N LEU B 81 -6.22 18.72 -2.76
CA LEU B 81 -5.63 18.37 -4.03
C LEU B 81 -4.61 17.26 -3.88
N GLY B 82 -3.75 17.34 -2.85
CA GLY B 82 -2.77 16.29 -2.66
C GLY B 82 -3.40 14.93 -2.43
N PHE B 83 -4.38 14.87 -1.52
CA PHE B 83 -4.99 13.58 -1.23
C PHE B 83 -5.80 13.06 -2.42
N TYR B 84 -6.58 13.91 -3.07
CA TYR B 84 -7.39 13.48 -4.21
C TYR B 84 -6.51 13.03 -5.38
N VAL B 85 -5.46 13.79 -5.69
CA VAL B 85 -4.59 13.44 -6.81
C VAL B 85 -3.79 12.18 -6.48
N THR B 86 -3.41 11.99 -5.22
CA THR B 86 -2.77 10.73 -4.85
C THR B 86 -3.71 9.55 -5.07
N LEU B 87 -4.98 9.70 -4.68
CA LEU B 87 -5.95 8.65 -4.93
C LEU B 87 -6.12 8.39 -6.42
N VAL B 88 -6.20 9.45 -7.23
CA VAL B 88 -6.39 9.29 -8.67
C VAL B 88 -5.19 8.60 -9.30
N VAL B 89 -3.97 8.97 -8.89
CA VAL B 89 -2.76 8.36 -9.45
C VAL B 89 -2.67 6.90 -9.05
N THR B 90 -3.00 6.58 -7.80
CA THR B 90 -2.99 5.19 -7.37
C THR B 90 -3.99 4.36 -8.18
N ARG B 91 -5.21 4.89 -8.36
CA ARG B 91 -6.20 4.18 -9.15
C ARG B 91 -5.77 4.06 -10.61
N TRP B 92 -5.10 5.08 -11.14
CA TRP B 92 -4.63 5.05 -12.52
C TRP B 92 -3.59 3.95 -12.72
N TRP B 93 -2.64 3.83 -11.80
CA TRP B 93 -1.66 2.76 -11.95
C TRP B 93 -2.27 1.39 -11.70
N ASN B 94 -3.24 1.29 -10.80
CA ASN B 94 -3.93 0.01 -10.61
C ASN B 94 -4.73 -0.37 -11.86
N GLN B 95 -5.34 0.61 -12.51
CA GLN B 95 -6.04 0.34 -13.76
C GLN B 95 -5.08 -0.12 -14.83
N TYR B 96 -3.88 0.45 -14.87
CA TYR B 96 -2.90 -0.06 -15.82
C TYR B 96 -2.49 -1.49 -15.49
N GLU B 97 -2.26 -1.78 -14.20
CA GLU B 97 -1.78 -3.10 -13.81
C GLU B 97 -2.82 -4.18 -14.07
N ASN B 98 -4.07 -3.81 -14.30
CA ASN B 98 -5.13 -4.76 -14.60
C ASN B 98 -5.38 -4.90 -16.09
N LEU B 99 -4.54 -4.30 -16.92
CA LEU B 99 -4.60 -4.55 -18.35
C LEU B 99 -4.11 -5.97 -18.63
N PRO B 100 -4.92 -6.82 -19.25
CA PRO B 100 -4.53 -8.24 -19.40
C PRO B 100 -3.50 -8.43 -20.50
N TRP B 101 -2.41 -9.09 -20.16
CA TRP B 101 -1.38 -9.48 -21.11
C TRP B 101 -1.38 -10.99 -21.25
N PRO B 102 -1.54 -11.53 -22.46
CA PRO B 102 -1.71 -12.98 -22.61
C PRO B 102 -0.40 -13.75 -22.69
N ASP B 103 0.71 -13.13 -22.29
CA ASP B 103 2.03 -13.71 -22.57
C ASP B 103 2.26 -15.01 -21.79
N ARG B 104 1.93 -15.02 -20.50
CA ARG B 104 2.05 -16.26 -19.74
C ARG B 104 1.10 -17.32 -20.29
N LEU B 105 -0.13 -16.93 -20.57
CA LEU B 105 -1.10 -17.87 -21.12
C LEU B 105 -0.69 -18.35 -22.50
N MET B 106 -0.16 -17.46 -23.34
CA MET B 106 0.25 -17.88 -24.67
C MET B 106 1.46 -18.81 -24.62
N SER B 107 2.37 -18.59 -23.65
CA SER B 107 3.45 -19.55 -23.45
C SER B 107 2.92 -20.92 -23.07
N LEU B 108 1.95 -20.95 -22.15
CA LEU B 108 1.39 -22.23 -21.72
C LEU B 108 0.62 -22.90 -22.84
N VAL B 109 -0.09 -22.13 -23.67
CA VAL B 109 -0.83 -22.71 -24.79
C VAL B 109 0.14 -23.25 -25.84
N SER B 110 1.22 -22.51 -26.11
CA SER B 110 2.20 -22.96 -27.09
C SER B 110 2.89 -24.24 -26.63
N GLY B 111 3.18 -24.33 -25.34
CA GLY B 111 3.85 -25.52 -24.83
C GLY B 111 2.96 -26.73 -24.61
N PHE B 112 1.90 -26.56 -23.82
CA PHE B 112 1.14 -27.70 -23.32
C PHE B 112 0.28 -28.35 -24.40
N VAL B 113 -0.38 -27.55 -25.22
CA VAL B 113 -1.32 -28.08 -26.21
C VAL B 113 -0.52 -28.63 -27.39
N GLU B 114 -0.51 -29.95 -27.53
CA GLU B 114 0.35 -30.62 -28.49
C GLU B 114 -0.36 -30.77 -29.83
N GLY B 115 0.45 -31.05 -30.85
CA GLY B 115 -0.07 -31.27 -32.19
C GLY B 115 0.44 -30.28 -33.22
N LYS B 116 1.21 -30.76 -34.18
CA LYS B 116 1.67 -29.95 -35.30
C LYS B 116 0.75 -30.04 -36.51
N ASP B 117 -0.34 -30.80 -36.43
CA ASP B 117 -1.27 -30.94 -37.53
C ASP B 117 -2.24 -29.75 -37.53
N GLU B 118 -3.25 -29.80 -38.39
CA GLU B 118 -4.19 -28.70 -38.49
C GLU B 118 -5.09 -28.60 -37.27
N GLN B 119 -5.45 -29.73 -36.66
CA GLN B 119 -6.37 -29.71 -35.54
C GLN B 119 -5.73 -29.07 -34.30
N GLY B 120 -4.49 -29.45 -33.99
CA GLY B 120 -3.82 -28.87 -32.84
C GLY B 120 -3.52 -27.39 -33.03
N ARG B 121 -3.11 -27.01 -34.23
CA ARG B 121 -2.88 -25.61 -34.54
C ARG B 121 -4.16 -24.80 -34.42
N LEU B 122 -5.26 -25.33 -34.95
CA LEU B 122 -6.56 -24.68 -34.83
C LEU B 122 -6.97 -24.56 -33.37
N LEU B 123 -6.70 -25.58 -32.57
CA LEU B 123 -7.06 -25.57 -31.16
C LEU B 123 -6.28 -24.51 -30.39
N ARG B 124 -4.97 -24.42 -30.62
CA ARG B 124 -4.16 -23.41 -29.96
C ARG B 124 -4.59 -22.01 -30.37
N ARG B 125 -4.83 -21.80 -31.67
CA ARG B 125 -5.26 -20.50 -32.14
C ARG B 125 -6.62 -20.14 -31.55
N THR B 126 -7.54 -21.10 -31.47
CA THR B 126 -8.86 -20.84 -30.91
C THR B 126 -8.77 -20.46 -29.44
N LEU B 127 -7.93 -21.16 -28.67
CA LEU B 127 -7.79 -20.85 -27.25
C LEU B 127 -7.23 -19.45 -27.06
N ILE B 128 -6.13 -19.13 -27.75
CA ILE B 128 -5.53 -17.81 -27.57
C ILE B 128 -6.46 -16.72 -28.12
N ARG B 129 -7.27 -17.04 -29.13
CA ARG B 129 -8.26 -16.10 -29.63
C ARG B 129 -9.38 -15.88 -28.63
N TYR B 130 -9.75 -16.91 -27.87
CA TYR B 130 -10.72 -16.70 -26.79
C TYR B 130 -10.18 -15.74 -25.75
N ALA B 131 -8.90 -15.90 -25.39
CA ALA B 131 -8.29 -14.97 -24.45
C ALA B 131 -8.30 -13.54 -25.00
N ASN B 132 -7.87 -13.36 -26.24
CA ASN B 132 -7.83 -12.03 -26.83
C ASN B 132 -9.23 -11.45 -27.00
N LEU B 133 -10.21 -12.30 -27.31
CA LEU B 133 -11.58 -11.84 -27.46
C LEU B 133 -12.16 -11.36 -26.14
N GLY B 134 -11.87 -12.07 -25.04
CA GLY B 134 -12.29 -11.56 -23.74
C GLY B 134 -11.64 -10.24 -23.40
N ASN B 135 -10.34 -10.12 -23.67
CA ASN B 135 -9.65 -8.85 -23.41
C ASN B 135 -10.28 -7.71 -24.21
N VAL B 136 -10.52 -7.93 -25.50
CA VAL B 136 -11.07 -6.85 -26.33
C VAL B 136 -12.53 -6.57 -25.96
N LEU B 137 -13.27 -7.58 -25.50
CA LEU B 137 -14.63 -7.35 -25.07
C LEU B 137 -14.68 -6.45 -23.85
N ILE B 138 -13.77 -6.64 -22.89
CA ILE B 138 -13.78 -5.72 -21.76
C ILE B 138 -13.21 -4.36 -22.16
N LEU B 139 -12.24 -4.32 -23.08
CA LEU B 139 -11.61 -3.05 -23.43
C LEU B 139 -12.55 -2.16 -24.22
N ARG B 140 -13.34 -2.72 -25.14
CA ARG B 140 -14.32 -1.90 -25.85
C ARG B 140 -15.44 -1.44 -24.95
N SER B 141 -15.59 -2.02 -23.76
CA SER B 141 -16.55 -1.54 -22.78
C SER B 141 -15.96 -0.48 -21.86
N VAL B 142 -14.65 -0.51 -21.61
CA VAL B 142 -14.05 0.46 -20.71
C VAL B 142 -13.28 1.58 -21.43
N SER B 143 -12.92 1.39 -22.69
CA SER B 143 -12.09 2.35 -23.42
C SER B 143 -12.87 2.94 -24.58
N THR B 144 -12.82 4.28 -24.70
CA THR B 144 -13.54 4.95 -25.77
C THR B 144 -12.86 4.80 -27.11
N ALA B 145 -11.53 4.72 -27.13
CA ALA B 145 -10.82 4.50 -28.39
C ALA B 145 -11.12 3.12 -28.96
N VAL B 146 -11.13 2.09 -28.12
CA VAL B 146 -11.43 0.74 -28.59
C VAL B 146 -12.89 0.65 -29.03
N TYR B 147 -13.79 1.33 -28.32
CA TYR B 147 -15.19 1.33 -28.74
C TYR B 147 -15.37 2.06 -30.06
N LYS B 148 -14.63 3.15 -30.28
CA LYS B 148 -14.68 3.82 -31.57
C LYS B 148 -14.09 2.93 -32.67
N ARG B 149 -13.15 2.06 -32.31
CA ARG B 149 -12.64 1.09 -33.27
C ARG B 149 -13.63 -0.04 -33.53
N PHE B 150 -14.32 -0.49 -32.49
CA PHE B 150 -15.29 -1.59 -32.59
C PHE B 150 -16.61 -1.15 -31.99
N PRO B 151 -17.40 -0.35 -32.72
CA PRO B 151 -18.69 0.10 -32.18
C PRO B 151 -19.70 -1.02 -31.99
N SER B 152 -19.51 -2.17 -32.62
CA SER B 152 -20.46 -3.28 -32.52
C SER B 152 -19.68 -4.59 -32.52
N ALA B 153 -20.38 -5.66 -32.13
CA ALA B 153 -19.77 -6.99 -32.18
C ALA B 153 -19.54 -7.45 -33.62
N GLN B 154 -20.33 -6.92 -34.56
CA GLN B 154 -20.06 -7.20 -35.97
C GLN B 154 -18.74 -6.59 -36.41
N HIS B 155 -18.36 -5.45 -35.84
CA HIS B 155 -17.02 -4.91 -36.10
C HIS B 155 -15.94 -5.85 -35.59
N LEU B 156 -16.19 -6.49 -34.44
CA LEU B 156 -15.25 -7.49 -33.94
C LEU B 156 -15.21 -8.71 -34.85
N VAL B 157 -16.33 -9.07 -35.47
CA VAL B 157 -16.32 -10.16 -36.43
C VAL B 157 -15.51 -9.77 -37.67
N GLN B 158 -15.68 -8.55 -38.16
CA GLN B 158 -14.95 -8.10 -39.35
C GLN B 158 -13.47 -7.89 -39.06
N ALA B 159 -13.08 -7.73 -37.80
CA ALA B 159 -11.69 -7.52 -37.42
C ALA B 159 -10.96 -8.81 -37.09
N GLY B 160 -11.65 -9.96 -37.12
CA GLY B 160 -11.02 -11.23 -36.87
C GLY B 160 -10.96 -11.65 -35.42
N PHE B 161 -11.44 -10.83 -34.48
CA PHE B 161 -11.47 -11.24 -33.09
C PHE B 161 -12.56 -12.26 -32.82
N MET B 162 -13.62 -12.25 -33.61
CA MET B 162 -14.76 -13.13 -33.43
C MET B 162 -15.11 -13.75 -34.76
N THR B 163 -15.32 -15.06 -34.77
CA THR B 163 -15.85 -15.70 -35.95
C THR B 163 -17.37 -15.52 -35.99
N PRO B 164 -17.98 -15.67 -37.16
CA PRO B 164 -19.46 -15.61 -37.21
C PRO B 164 -20.14 -16.63 -36.32
N ALA B 165 -19.57 -17.83 -36.18
CA ALA B 165 -20.13 -18.82 -35.27
C ALA B 165 -20.06 -18.34 -33.83
N GLU B 166 -18.94 -17.73 -33.44
CA GLU B 166 -18.81 -17.19 -32.09
C GLU B 166 -19.79 -16.04 -31.87
N HIS B 167 -20.01 -15.22 -32.90
CA HIS B 167 -20.98 -14.13 -32.78
C HIS B 167 -22.40 -14.68 -32.62
N LYS B 168 -22.75 -15.71 -33.38
CA LYS B 168 -24.08 -16.32 -33.23
C LYS B 168 -24.24 -16.95 -31.86
N GLN B 169 -23.18 -17.60 -31.35
CA GLN B 169 -23.23 -18.18 -30.01
C GLN B 169 -23.39 -17.09 -28.95
N LEU B 170 -22.68 -15.98 -29.12
CA LEU B 170 -22.79 -14.87 -28.16
C LEU B 170 -24.19 -14.26 -28.17
N GLU B 171 -24.77 -14.12 -29.37
CA GLU B 171 -26.14 -13.62 -29.44
C GLU B 171 -27.14 -14.59 -28.85
N LYS B 172 -26.88 -15.90 -28.97
CA LYS B 172 -27.77 -16.89 -28.36
C LYS B 172 -27.71 -16.83 -26.84
N LEU B 173 -26.53 -16.55 -26.28
CA LEU B 173 -26.32 -16.51 -24.84
C LEU B 173 -26.60 -15.13 -24.25
N SER B 174 -27.42 -14.32 -24.90
CA SER B 174 -27.60 -12.93 -24.51
C SER B 174 -28.35 -12.85 -23.19
N LEU B 175 -27.72 -12.22 -22.20
CA LEU B 175 -28.32 -11.81 -20.94
C LEU B 175 -28.22 -10.30 -20.83
N PRO B 176 -29.06 -9.66 -20.01
CA PRO B 176 -29.03 -8.20 -19.90
C PRO B 176 -27.86 -7.67 -19.08
N HIS B 177 -26.67 -8.21 -19.33
CA HIS B 177 -25.44 -7.77 -18.70
C HIS B 177 -24.34 -7.75 -19.74
N ASN B 178 -23.17 -7.25 -19.35
CA ASN B 178 -22.01 -7.30 -20.23
C ASN B 178 -21.52 -8.73 -20.36
N MET B 179 -21.34 -9.17 -21.60
CA MET B 179 -21.01 -10.56 -21.91
C MET B 179 -19.52 -10.79 -22.11
N PHE B 180 -18.68 -10.01 -21.44
CA PHE B 180 -17.23 -10.17 -21.61
C PHE B 180 -16.72 -11.45 -20.96
N TRP B 181 -17.47 -12.02 -20.02
CA TRP B 181 -17.08 -13.23 -19.31
C TRP B 181 -17.23 -14.50 -20.14
N VAL B 182 -17.96 -14.43 -21.26
CA VAL B 182 -18.28 -15.65 -22.02
C VAL B 182 -17.03 -16.35 -22.56
N PRO B 183 -16.06 -15.65 -23.17
CA PRO B 183 -14.88 -16.36 -23.66
C PRO B 183 -14.10 -17.11 -22.61
N TRP B 184 -14.23 -16.75 -21.33
CA TRP B 184 -13.54 -17.51 -20.28
C TRP B 184 -14.17 -18.89 -20.09
N VAL B 185 -15.50 -18.95 -20.07
CA VAL B 185 -16.17 -20.25 -20.01
C VAL B 185 -15.89 -21.04 -21.28
N TRP B 186 -15.83 -20.34 -22.43
CA TRP B 186 -15.45 -21.02 -23.66
C TRP B 186 -14.05 -21.61 -23.57
N PHE B 187 -13.10 -20.85 -23.02
CA PHE B 187 -11.73 -21.34 -22.87
C PHE B 187 -11.68 -22.55 -21.94
N ALA B 188 -12.42 -22.49 -20.82
CA ALA B 188 -12.44 -23.61 -19.90
C ALA B 188 -12.98 -24.87 -20.57
N ASN B 189 -14.09 -24.74 -21.29
CA ASN B 189 -14.69 -25.91 -21.93
C ASN B 189 -13.83 -26.44 -23.06
N LEU B 190 -13.21 -25.55 -23.85
CA LEU B 190 -12.35 -26.00 -24.94
C LEU B 190 -11.08 -26.64 -24.42
N SER B 191 -10.54 -26.14 -23.30
CA SER B 191 -9.38 -26.78 -22.69
C SER B 191 -9.72 -28.14 -22.11
N MET B 192 -10.90 -28.27 -21.51
CA MET B 192 -11.34 -29.58 -21.04
C MET B 192 -11.50 -30.55 -22.19
N LYS B 193 -12.09 -30.08 -23.31
CA LYS B 193 -12.23 -30.92 -24.49
C LYS B 193 -10.87 -31.33 -25.05
N ALA B 194 -9.90 -30.40 -25.03
CA ALA B 194 -8.55 -30.71 -25.48
C ALA B 194 -7.89 -31.76 -24.61
N TRP B 195 -8.05 -31.64 -23.28
CA TRP B 195 -7.46 -32.64 -22.40
C TRP B 195 -8.11 -34.00 -22.57
N LEU B 196 -9.44 -34.03 -22.73
CA LEU B 196 -10.12 -35.31 -22.94
C LEU B 196 -9.77 -35.91 -24.29
N GLY B 197 -9.46 -35.08 -25.28
CA GLY B 197 -9.08 -35.55 -26.59
C GLY B 197 -7.62 -35.92 -26.75
N GLY B 198 -6.82 -35.79 -25.69
CA GLY B 198 -5.43 -36.16 -25.73
C GLY B 198 -4.48 -35.06 -26.18
N ARG B 199 -4.99 -33.90 -26.56
CA ARG B 199 -4.11 -32.81 -26.97
C ARG B 199 -3.35 -32.22 -25.80
N ILE B 200 -3.91 -32.29 -24.60
CA ILE B 200 -3.22 -31.94 -23.37
C ILE B 200 -2.92 -33.23 -22.64
N ARG B 201 -1.63 -33.48 -22.37
CA ARG B 201 -1.21 -34.81 -21.93
C ARG B 201 -1.54 -35.07 -20.46
N ASP B 202 -1.47 -34.04 -19.61
CA ASP B 202 -1.73 -34.23 -18.20
C ASP B 202 -2.70 -33.17 -17.70
N PRO B 203 -3.54 -33.50 -16.72
CA PRO B 203 -4.46 -32.50 -16.17
C PRO B 203 -3.78 -31.37 -15.43
N ILE B 204 -2.53 -31.52 -15.01
CA ILE B 204 -1.84 -30.42 -14.34
C ILE B 204 -1.54 -29.30 -15.33
N LEU B 205 -1.24 -29.64 -16.59
CA LEU B 205 -1.10 -28.63 -17.62
C LEU B 205 -2.41 -27.89 -17.86
N LEU B 206 -3.52 -28.62 -17.83
CA LEU B 206 -4.84 -28.01 -17.90
C LEU B 206 -5.08 -27.05 -16.74
N GLN B 207 -4.66 -27.46 -15.54
CA GLN B 207 -4.79 -26.59 -14.37
C GLN B 207 -3.99 -25.31 -14.54
N SER B 208 -2.76 -25.43 -15.05
CA SER B 208 -1.94 -24.22 -15.27
C SER B 208 -2.57 -23.30 -16.30
N LEU B 209 -3.08 -23.88 -17.39
CA LEU B 209 -3.75 -23.08 -18.41
C LEU B 209 -4.93 -22.33 -17.82
N LEU B 210 -5.78 -23.02 -17.07
CA LEU B 210 -6.95 -22.37 -16.51
C LEU B 210 -6.59 -21.40 -15.39
N ASN B 211 -5.44 -21.59 -14.72
CA ASN B 211 -5.00 -20.60 -13.74
C ASN B 211 -4.58 -19.30 -14.41
N GLU B 212 -3.82 -19.39 -15.51
CA GLU B 212 -3.48 -18.18 -16.24
C GLU B 212 -4.73 -17.52 -16.82
N MET B 213 -5.66 -18.33 -17.32
N MET B 213 -5.67 -18.33 -17.32
CA MET B 213 -6.92 -17.81 -17.84
CA MET B 213 -6.91 -17.78 -17.84
C MET B 213 -7.71 -17.10 -16.76
C MET B 213 -7.72 -17.09 -16.75
N ASN B 214 -7.75 -17.67 -15.55
CA ASN B 214 -8.47 -17.04 -14.45
C ASN B 214 -7.78 -15.75 -13.99
N THR B 215 -6.45 -15.70 -14.06
CA THR B 215 -5.75 -14.45 -13.77
C THR B 215 -6.17 -13.35 -14.75
N LEU B 216 -6.26 -13.70 -16.04
CA LEU B 216 -6.75 -12.73 -17.02
C LEU B 216 -8.19 -12.32 -16.72
N ARG B 217 -9.01 -13.29 -16.30
CA ARG B 217 -10.39 -12.98 -15.94
C ARG B 217 -10.45 -11.99 -14.78
N THR B 218 -9.61 -12.18 -13.76
CA THR B 218 -9.60 -11.27 -12.62
C THR B 218 -9.15 -9.87 -13.06
N GLN B 219 -8.15 -9.79 -13.93
CA GLN B 219 -7.72 -8.49 -14.42
C GLN B 219 -8.83 -7.78 -15.19
N CYS B 220 -9.54 -8.51 -16.05
CA CYS B 220 -10.62 -7.90 -16.82
C CYS B 220 -11.78 -7.50 -15.91
N GLY B 221 -12.05 -8.29 -14.87
CA GLY B 221 -13.06 -7.90 -13.91
C GLY B 221 -12.69 -6.66 -13.14
N HIS B 222 -11.40 -6.50 -12.83
CA HIS B 222 -10.94 -5.27 -12.18
C HIS B 222 -11.07 -4.07 -13.12
N LEU B 223 -10.81 -4.27 -14.41
CA LEU B 223 -11.02 -3.18 -15.37
C LEU B 223 -12.49 -2.78 -15.42
N TYR B 224 -13.38 -3.77 -15.46
CA TYR B 224 -14.82 -3.48 -15.42
C TYR B 224 -15.20 -2.77 -14.12
N ALA B 225 -14.58 -3.17 -13.01
CA ALA B 225 -14.86 -2.55 -11.73
C ALA B 225 -14.46 -1.09 -11.70
N TYR B 226 -13.26 -0.79 -12.22
CA TYR B 226 -12.81 0.59 -12.24
C TYR B 226 -13.64 1.44 -13.19
N ASP B 227 -14.08 0.87 -14.31
CA ASP B 227 -14.98 1.60 -15.19
C ASP B 227 -16.33 1.85 -14.53
N TRP B 228 -16.83 0.89 -13.77
CA TRP B 228 -18.14 0.98 -13.15
C TRP B 228 -18.09 1.84 -11.89
N ILE B 229 -17.29 1.42 -10.90
CA ILE B 229 -17.23 2.11 -9.62
C ILE B 229 -16.28 3.29 -9.74
N SER B 230 -16.83 4.46 -10.10
CA SER B 230 -16.03 5.66 -10.21
C SER B 230 -15.62 6.15 -8.82
N ILE B 231 -14.65 7.06 -8.81
CA ILE B 231 -14.40 7.81 -7.57
C ILE B 231 -15.68 8.52 -7.19
N PRO B 232 -16.09 8.53 -5.92
CA PRO B 232 -17.39 9.10 -5.57
C PRO B 232 -17.51 10.55 -6.03
N LEU B 233 -18.69 10.87 -6.57
CA LEU B 233 -18.91 12.19 -7.15
C LEU B 233 -18.79 13.29 -6.11
N VAL B 234 -19.08 12.99 -4.85
CA VAL B 234 -18.98 14.01 -3.80
C VAL B 234 -17.54 14.44 -3.61
N TYR B 235 -16.60 13.50 -3.64
CA TYR B 235 -15.19 13.85 -3.46
C TYR B 235 -14.68 14.70 -4.62
N THR B 236 -15.01 14.29 -5.85
CA THR B 236 -14.64 15.06 -7.04
C THR B 236 -15.21 16.47 -6.95
N GLN B 237 -16.50 16.58 -6.63
CA GLN B 237 -17.14 17.88 -6.54
C GLN B 237 -16.53 18.72 -5.43
N VAL B 238 -16.10 18.10 -4.33
CA VAL B 238 -15.46 18.84 -3.25
C VAL B 238 -14.15 19.45 -3.75
N VAL B 239 -13.34 18.66 -4.45
CA VAL B 239 -12.06 19.18 -4.96
C VAL B 239 -12.30 20.26 -6.00
N THR B 240 -13.27 20.05 -6.89
CA THR B 240 -13.58 21.05 -7.92
C THR B 240 -14.06 22.34 -7.29
N VAL B 241 -14.93 22.25 -6.29
CA VAL B 241 -15.43 23.44 -5.60
C VAL B 241 -14.28 24.16 -4.91
N ALA B 242 -13.39 23.43 -4.26
CA ALA B 242 -12.24 24.07 -3.61
C ALA B 242 -11.42 24.86 -4.61
N VAL B 243 -11.02 24.23 -5.71
CA VAL B 243 -10.14 24.90 -6.67
C VAL B 243 -10.85 26.09 -7.31
N TYR B 244 -12.10 25.89 -7.74
CA TYR B 244 -12.77 26.93 -8.50
C TYR B 244 -13.23 28.08 -7.60
N SER B 245 -13.56 27.82 -6.35
CA SER B 245 -13.84 28.90 -5.42
C SER B 245 -12.56 29.67 -5.09
N PHE B 246 -11.44 28.96 -4.96
CA PHE B 246 -10.16 29.63 -4.75
C PHE B 246 -9.88 30.63 -5.87
N PHE B 247 -10.08 30.21 -7.11
CA PHE B 247 -9.74 31.13 -8.19
C PHE B 247 -10.86 32.13 -8.50
N LEU B 248 -12.11 31.83 -8.13
CA LEU B 248 -13.16 32.83 -8.21
C LEU B 248 -12.91 33.96 -7.21
N THR B 249 -12.43 33.64 -6.01
CA THR B 249 -12.08 34.70 -5.08
C THR B 249 -10.75 35.36 -5.40
N CYS B 250 -9.84 34.66 -6.10
CA CYS B 250 -8.65 35.33 -6.62
C CYS B 250 -9.00 36.28 -7.77
N LEU B 251 -10.12 36.05 -8.45
CA LEU B 251 -10.55 36.96 -9.51
C LEU B 251 -10.75 38.37 -9.00
N VAL B 252 -11.14 38.54 -7.74
CA VAL B 252 -11.39 39.85 -7.14
C VAL B 252 -10.29 40.24 -6.17
N GLY B 253 -9.89 39.32 -5.29
CA GLY B 253 -8.93 39.64 -4.25
C GLY B 253 -7.52 39.87 -4.73
N ARG B 254 -7.17 39.34 -5.90
CA ARG B 254 -5.84 39.53 -6.47
C ARG B 254 -5.77 40.69 -7.44
N GLN B 255 -6.83 41.50 -7.53
CA GLN B 255 -6.80 42.68 -8.36
C GLN B 255 -5.79 43.68 -7.83
N PHE B 256 -5.12 44.37 -8.74
CA PHE B 256 -4.15 45.39 -8.36
C PHE B 256 -4.90 46.66 -8.00
N LEU B 257 -4.87 47.02 -6.72
CA LEU B 257 -5.53 48.23 -6.26
C LEU B 257 -4.69 49.46 -6.60
N ASN B 258 -5.27 50.62 -6.35
CA ASN B 258 -4.60 51.88 -6.68
C ASN B 258 -3.42 52.10 -5.73
N PRO B 259 -2.19 52.22 -6.24
CA PRO B 259 -1.06 52.48 -5.35
C PRO B 259 -1.09 53.86 -4.72
N ALA B 260 -1.85 54.79 -5.28
CA ALA B 260 -1.96 56.12 -4.71
C ALA B 260 -2.66 56.11 -3.36
N LYS B 261 -3.51 55.10 -3.12
CA LYS B 261 -4.18 54.98 -1.83
C LYS B 261 -3.32 54.33 -0.77
N ALA B 262 -2.13 53.84 -1.13
CA ALA B 262 -1.16 53.27 -0.19
C ALA B 262 -1.77 52.12 0.62
N TYR B 263 -2.19 51.10 -0.10
CA TYR B 263 -2.68 49.96 0.66
C TYR B 263 -1.56 49.00 1.00
N PRO B 264 -1.65 48.32 2.14
CA PRO B 264 -0.62 47.33 2.50
C PRO B 264 -0.63 46.16 1.52
N GLY B 265 0.50 45.93 0.87
CA GLY B 265 0.60 44.91 -0.15
C GLY B 265 0.22 45.36 -1.54
N HIS B 266 -0.20 46.61 -1.71
CA HIS B 266 -0.59 47.16 -3.00
C HIS B 266 0.23 48.39 -3.34
N GLU B 267 1.50 48.39 -2.94
CA GLU B 267 2.36 49.54 -3.21
C GLU B 267 2.79 49.58 -4.67
N LEU B 268 2.96 48.42 -5.30
CA LEU B 268 3.39 48.34 -6.70
C LEU B 268 2.22 47.86 -7.54
N ASP B 269 1.85 48.63 -8.54
CA ASP B 269 0.69 48.34 -9.39
C ASP B 269 1.18 47.75 -10.70
N LEU B 270 1.42 46.46 -10.72
CA LEU B 270 1.66 45.76 -11.97
C LEU B 270 0.35 45.57 -12.71
N VAL B 271 0.45 45.05 -13.94
CA VAL B 271 -0.74 44.78 -14.73
C VAL B 271 -1.00 43.28 -14.77
N VAL B 272 0.07 42.50 -14.78
CA VAL B 272 -0.01 41.04 -14.87
C VAL B 272 0.17 40.46 -13.47
N PRO B 273 -0.84 39.81 -12.90
CA PRO B 273 -0.65 39.13 -11.59
C PRO B 273 0.13 37.83 -11.78
N VAL B 274 1.45 37.97 -11.84
CA VAL B 274 2.31 36.84 -12.17
C VAL B 274 2.19 35.74 -11.13
N PHE B 275 2.04 36.12 -9.86
CA PHE B 275 1.94 35.10 -8.82
C PHE B 275 0.57 34.45 -8.80
N THR B 276 -0.49 35.22 -9.09
CA THR B 276 -1.80 34.62 -9.23
C THR B 276 -1.85 33.69 -10.44
N PHE B 277 -1.20 34.08 -11.54
CA PHE B 277 -1.15 33.21 -12.71
C PHE B 277 -0.31 31.97 -12.44
N LEU B 278 0.76 32.09 -11.65
CA LEU B 278 1.53 30.92 -11.25
C LEU B 278 0.72 29.99 -10.35
N GLN B 279 -0.06 30.56 -9.44
CA GLN B 279 -0.94 29.74 -8.61
C GLN B 279 -2.00 29.03 -9.45
N PHE B 280 -2.56 29.74 -10.44
CA PHE B 280 -3.47 29.08 -11.38
C PHE B 280 -2.76 27.92 -12.07
N PHE B 281 -1.55 28.18 -12.56
CA PHE B 281 -0.75 27.12 -13.18
C PHE B 281 -0.63 25.91 -12.27
N PHE B 282 -0.14 26.12 -11.05
CA PHE B 282 0.13 25.01 -10.14
C PHE B 282 -1.14 24.25 -9.79
N TYR B 283 -2.16 24.98 -9.30
CA TYR B 283 -3.33 24.32 -8.74
C TYR B 283 -4.24 23.74 -9.83
N VAL B 284 -4.48 24.47 -10.91
CA VAL B 284 -5.30 23.89 -11.96
C VAL B 284 -4.54 22.84 -12.76
N GLY B 285 -3.20 22.89 -12.83
CA GLY B 285 -2.47 21.77 -13.39
C GLY B 285 -2.53 20.54 -12.51
N TRP B 286 -2.48 20.74 -11.19
CA TRP B 286 -2.67 19.63 -10.26
C TRP B 286 -4.05 19.03 -10.42
N LEU B 287 -5.07 19.86 -10.62
CA LEU B 287 -6.41 19.37 -10.88
C LEU B 287 -6.49 18.67 -12.23
N LYS B 288 -5.77 19.17 -13.23
CA LYS B 288 -5.80 18.56 -14.56
C LYS B 288 -5.09 17.23 -14.58
N VAL B 289 -4.13 17.01 -13.68
CA VAL B 289 -3.56 15.67 -13.50
C VAL B 289 -4.67 14.68 -13.20
N ALA B 290 -5.53 15.01 -12.22
CA ALA B 290 -6.64 14.16 -11.88
C ALA B 290 -7.66 14.07 -13.00
N GLU B 291 -7.92 15.19 -13.67
CA GLU B 291 -8.92 15.19 -14.75
C GLU B 291 -8.49 14.30 -15.90
N GLN B 292 -7.19 14.28 -16.21
CA GLN B 292 -6.69 13.40 -17.25
C GLN B 292 -6.62 11.95 -16.79
N LEU B 293 -6.22 11.71 -15.54
CA LEU B 293 -5.99 10.36 -15.06
C LEU B 293 -7.21 9.69 -14.46
N ILE B 294 -8.31 10.41 -14.27
CA ILE B 294 -9.47 9.79 -13.61
C ILE B 294 -10.06 8.70 -14.50
N ASN B 295 -10.04 8.88 -15.81
CA ASN B 295 -10.38 7.84 -16.77
C ASN B 295 -9.20 7.69 -17.72
N PRO B 296 -8.29 6.75 -17.45
CA PRO B 296 -7.11 6.60 -18.30
C PRO B 296 -7.36 5.85 -19.60
N PHE B 297 -8.61 5.56 -19.94
CA PHE B 297 -8.96 4.89 -21.17
C PHE B 297 -9.70 5.80 -22.15
N GLY B 298 -9.62 7.11 -21.93
CA GLY B 298 -10.20 8.05 -22.86
C GLY B 298 -9.30 8.30 -24.05
N GLU B 299 -9.23 9.55 -24.51
CA GLU B 299 -8.43 9.89 -25.69
C GLU B 299 -7.45 11.01 -25.40
N ASP B 300 -7.06 11.16 -24.13
CA ASP B 300 -6.01 12.11 -23.79
C ASP B 300 -4.67 11.61 -24.31
N ASP B 301 -3.70 12.53 -24.35
CA ASP B 301 -2.36 12.17 -24.80
C ASP B 301 -1.70 11.18 -23.85
N ASP B 302 -1.89 11.35 -22.55
CA ASP B 302 -1.29 10.49 -21.54
C ASP B 302 -2.16 9.29 -21.19
N ASP B 303 -3.28 9.10 -21.88
CA ASP B 303 -4.09 7.92 -21.65
C ASP B 303 -3.45 6.70 -22.32
N PHE B 304 -3.90 5.53 -21.88
CA PHE B 304 -3.30 4.28 -22.35
C PHE B 304 -3.60 4.03 -23.82
N GLU B 305 -2.61 3.52 -24.54
CA GLU B 305 -2.75 3.18 -25.96
C GLU B 305 -3.35 1.78 -26.04
N THR B 306 -4.66 1.71 -25.81
CA THR B 306 -5.32 0.41 -25.72
C THR B 306 -5.48 -0.25 -27.08
N ASN B 307 -5.64 0.53 -28.14
CA ASN B 307 -5.71 -0.07 -29.48
C ASN B 307 -4.38 -0.73 -29.84
N TRP B 308 -3.26 -0.07 -29.53
CA TRP B 308 -1.96 -0.68 -29.76
C TRP B 308 -1.80 -1.94 -28.93
N ILE B 309 -2.26 -1.91 -27.68
CA ILE B 309 -2.17 -3.09 -26.82
C ILE B 309 -2.97 -4.24 -27.41
N VAL B 310 -4.16 -3.94 -27.92
CA VAL B 310 -5.00 -4.97 -28.53
C VAL B 310 -4.30 -5.58 -29.74
N ASP B 311 -3.78 -4.73 -30.63
CA ASP B 311 -3.12 -5.23 -31.84
C ASP B 311 -1.88 -6.05 -31.50
N ARG B 312 -1.05 -5.54 -30.58
CA ARG B 312 0.16 -6.24 -30.19
C ARG B 312 -0.16 -7.58 -29.55
N ASN B 313 -1.17 -7.59 -28.66
CA ASN B 313 -1.55 -8.84 -28.01
C ASN B 313 -2.02 -9.87 -29.02
N LEU B 314 -2.84 -9.45 -29.98
CA LEU B 314 -3.32 -10.40 -30.98
C LEU B 314 -2.17 -10.96 -31.80
N GLN B 315 -1.30 -10.08 -32.33
CA GLN B 315 -0.20 -10.54 -33.17
C GLN B 315 0.74 -11.45 -32.40
N VAL B 316 1.15 -11.04 -31.20
CA VAL B 316 2.12 -11.79 -30.44
C VAL B 316 1.55 -13.12 -29.99
N SER B 317 0.28 -13.15 -29.57
CA SER B 317 -0.35 -14.40 -29.15
C SER B 317 -0.45 -15.38 -30.30
N LEU B 318 -0.92 -14.91 -31.46
CA LEU B 318 -1.06 -15.82 -32.59
C LEU B 318 0.29 -16.34 -33.05
N LEU B 319 1.30 -15.47 -33.07
CA LEU B 319 2.64 -15.93 -33.45
C LEU B 319 3.19 -16.95 -32.44
N ALA B 320 2.99 -16.69 -31.15
CA ALA B 320 3.55 -17.57 -30.13
C ALA B 320 2.88 -18.94 -30.16
N VAL B 321 1.57 -19.01 -30.34
CA VAL B 321 0.90 -20.30 -30.29
C VAL B 321 0.87 -21.02 -31.63
N ASP B 322 1.06 -20.31 -32.75
CA ASP B 322 0.97 -20.93 -34.06
C ASP B 322 2.35 -21.24 -34.66
N GLU B 323 3.17 -20.21 -34.85
CA GLU B 323 4.45 -20.39 -35.52
C GLU B 323 5.56 -20.83 -34.58
N MET B 324 5.47 -20.47 -33.31
CA MET B 324 6.52 -20.77 -32.34
C MET B 324 6.28 -22.05 -31.58
N HIS B 325 5.22 -22.79 -31.89
CA HIS B 325 4.95 -24.05 -31.20
C HIS B 325 5.96 -25.10 -31.64
N GLN B 326 6.78 -25.56 -30.69
CA GLN B 326 7.81 -26.57 -30.93
C GLN B 326 8.76 -26.16 -32.06
N ASP B 327 8.92 -24.86 -32.27
CA ASP B 327 9.83 -24.31 -33.26
C ASP B 327 10.94 -23.60 -32.48
N LEU B 328 11.97 -24.36 -32.13
CA LEU B 328 13.03 -23.87 -31.27
C LEU B 328 14.31 -23.67 -32.07
N PRO B 329 15.14 -22.71 -31.67
CA PRO B 329 16.48 -22.61 -32.27
C PRO B 329 17.31 -23.82 -31.91
N ARG B 330 18.27 -24.13 -32.78
CA ARG B 330 19.11 -25.30 -32.58
C ARG B 330 19.87 -25.20 -31.27
N MET B 331 19.82 -26.26 -30.47
CA MET B 331 20.43 -26.29 -29.15
C MET B 331 21.90 -26.70 -29.29
N GLU B 332 22.79 -25.74 -29.12
CA GLU B 332 24.22 -25.92 -29.29
C GLU B 332 24.94 -25.38 -28.07
N PRO B 333 26.14 -25.88 -27.78
CA PRO B 333 26.91 -25.34 -26.65
C PRO B 333 27.18 -23.86 -26.83
N ASP B 334 27.10 -23.11 -25.73
CA ASP B 334 27.21 -21.66 -25.77
C ASP B 334 28.68 -21.23 -25.71
N MET B 335 28.90 -19.94 -25.53
CA MET B 335 30.26 -19.39 -25.51
C MET B 335 31.01 -19.83 -24.25
N TYR B 336 30.31 -19.93 -23.12
CA TYR B 336 30.91 -20.24 -21.83
C TYR B 336 30.68 -21.70 -21.44
N TRP B 337 30.78 -22.60 -22.42
CA TRP B 337 30.49 -24.01 -22.18
C TRP B 337 31.43 -24.59 -21.12
N ASN B 338 32.73 -24.32 -21.24
CA ASN B 338 33.72 -24.81 -20.29
C ASN B 338 34.31 -23.69 -19.43
N LYS B 339 33.78 -22.47 -19.53
CA LYS B 339 34.25 -21.37 -18.71
C LYS B 339 33.45 -21.32 -17.42
N PRO B 340 34.08 -21.57 -16.25
CA PRO B 340 33.29 -21.60 -15.01
C PRO B 340 32.85 -20.25 -14.52
N GLU B 341 33.52 -19.16 -14.91
CA GLU B 341 33.16 -17.81 -14.52
C GLU B 341 32.99 -16.97 -15.78
N PRO B 342 31.80 -16.92 -16.35
CA PRO B 342 31.58 -16.12 -17.56
C PRO B 342 31.87 -14.65 -17.31
N GLN B 343 32.49 -14.01 -18.30
CA GLN B 343 32.81 -12.59 -18.26
C GLN B 343 32.40 -11.96 -19.58
N PRO B 344 31.13 -11.60 -19.75
CA PRO B 344 30.71 -10.92 -20.97
C PRO B 344 31.42 -9.58 -21.11
N PRO B 345 31.85 -9.23 -22.32
CA PRO B 345 32.65 -8.02 -22.49
C PRO B 345 31.82 -6.75 -22.34
N TYR B 346 32.52 -5.67 -22.03
CA TYR B 346 31.94 -4.33 -21.97
C TYR B 346 32.44 -3.51 -23.15
N THR B 347 31.57 -2.64 -23.65
CA THR B 347 31.97 -1.73 -24.72
C THR B 347 32.76 -0.56 -24.14
N ALA B 348 33.30 0.27 -25.04
CA ALA B 348 34.02 1.46 -24.60
C ALA B 348 33.08 2.43 -23.89
N ALA B 349 31.85 2.55 -24.38
CA ALA B 349 30.86 3.43 -23.77
C ALA B 349 30.26 2.87 -22.49
N SER B 350 30.53 1.61 -22.16
CA SER B 350 29.94 0.99 -20.99
C SER B 350 30.97 0.45 -20.01
N ALA B 351 32.27 0.67 -20.24
CA ALA B 351 33.29 0.13 -19.36
C ALA B 351 33.25 0.74 -17.97
N GLN B 352 32.67 1.93 -17.82
CA GLN B 352 32.57 2.57 -16.51
C GLN B 352 31.50 1.98 -15.63
N PHE B 353 30.64 1.11 -16.16
CA PHE B 353 29.61 0.46 -15.38
C PHE B 353 30.03 -0.90 -14.84
N ARG B 354 31.26 -1.32 -15.11
CA ARG B 354 31.79 -2.56 -14.54
C ARG B 354 32.14 -2.31 -13.08
N ARG B 355 31.37 -2.90 -12.17
CA ARG B 355 31.48 -2.62 -10.75
C ARG B 355 31.85 -3.88 -9.98
N ALA B 356 32.55 -3.68 -8.87
CA ALA B 356 32.77 -4.76 -7.92
C ALA B 356 31.46 -5.09 -7.20
N SER B 357 31.33 -6.35 -6.80
CA SER B 357 30.09 -6.80 -6.19
C SER B 357 29.93 -6.25 -4.78
N PHE B 358 28.67 -6.03 -4.40
CA PHE B 358 28.35 -5.67 -3.03
C PHE B 358 28.24 -6.95 -2.21
N MET B 359 29.09 -7.08 -1.20
CA MET B 359 29.17 -8.29 -0.39
C MET B 359 28.41 -8.18 0.92
N GLY B 360 27.59 -7.16 1.08
CA GLY B 360 26.92 -6.90 2.33
C GLY B 360 27.53 -5.71 3.05
N SER B 361 26.72 -5.04 3.86
CA SER B 361 27.19 -3.86 4.57
C SER B 361 28.15 -4.20 5.70
N THR B 362 28.18 -5.45 6.13
CA THR B 362 29.03 -5.87 7.24
C THR B 362 30.37 -6.43 6.78
N PHE B 363 30.66 -6.40 5.48
CA PHE B 363 31.90 -7.00 4.98
C PHE B 363 33.12 -6.24 5.48
N ASN B 364 33.03 -4.92 5.59
CA ASN B 364 34.17 -4.09 5.95
C ASN B 364 34.27 -3.82 7.45
N ILE B 365 33.52 -4.56 8.27
CA ILE B 365 33.63 -4.41 9.72
C ILE B 365 34.94 -5.02 10.19
N SER B 366 35.71 -4.25 10.95
CA SER B 366 37.02 -4.67 11.43
C SER B 366 36.94 -5.08 12.90
N LEU B 367 37.42 -6.28 13.19
CA LEU B 367 37.46 -6.80 14.55
C LEU B 367 38.85 -7.39 14.83
N ASN B 368 39.24 -7.35 16.09
CA ASN B 368 40.54 -7.87 16.51
C ASN B 368 40.46 -9.37 16.77
N LYS B 369 41.62 -9.97 17.03
CA LYS B 369 41.67 -11.41 17.27
C LYS B 369 41.00 -11.79 18.58
N GLU B 370 41.09 -10.92 19.60
CA GLU B 370 40.51 -11.25 20.89
C GLU B 370 38.99 -11.29 20.83
N GLU B 371 38.37 -10.35 20.11
CA GLU B 371 36.92 -10.26 20.07
C GLU B 371 36.29 -11.13 18.98
N MET B 372 37.09 -11.76 18.13
CA MET B 372 36.58 -12.70 17.14
C MET B 372 36.61 -14.14 17.64
N GLU B 373 36.99 -14.36 18.90
CA GLU B 373 37.10 -15.70 19.45
C GLU B 373 35.79 -16.10 20.13
N PHE B 374 35.33 -17.31 19.83
CA PHE B 374 34.08 -17.81 20.42
C PHE B 374 34.24 -17.96 21.93
N GLN B 375 33.25 -17.46 22.67
CA GLN B 375 33.23 -17.61 24.11
C GLN B 375 32.50 -18.88 24.53
N THR C 1 23.97 2.67 -7.75
CA THR C 1 23.61 2.44 -6.35
C THR C 1 24.72 2.91 -5.42
N ILE C 2 24.40 3.87 -4.56
CA ILE C 2 25.30 4.33 -3.51
C ILE C 2 24.84 3.71 -2.20
N THR C 3 25.64 2.81 -1.64
CA THR C 3 25.28 2.09 -0.43
C THR C 3 25.98 2.73 0.76
N TYR C 4 25.20 3.16 1.75
CA TYR C 4 25.72 3.68 3.00
C TYR C 4 25.05 3.00 4.17
N THR C 5 24.59 1.75 3.97
CA THR C 5 23.88 1.03 5.01
C THR C 5 24.76 0.76 6.22
N SER C 6 26.06 0.52 6.01
CA SER C 6 26.96 0.30 7.13
C SER C 6 27.17 1.56 7.96
N GLN C 7 27.13 2.73 7.32
CA GLN C 7 27.38 3.97 8.03
C GLN C 7 26.20 4.40 8.89
N VAL C 8 25.02 3.83 8.66
CA VAL C 8 23.83 4.21 9.40
C VAL C 8 23.26 3.00 10.12
N ALA C 9 24.13 2.04 10.48
CA ALA C 9 23.68 0.86 11.19
C ALA C 9 23.13 1.21 12.57
N ASN C 10 23.79 2.14 13.26
CA ASN C 10 23.37 2.59 14.58
C ASN C 10 23.11 4.09 14.54
N ALA C 11 22.14 4.54 15.33
CA ALA C 11 21.84 5.96 15.46
C ALA C 11 22.85 6.56 16.42
N ARG C 12 23.97 7.01 15.87
CA ARG C 12 25.03 7.62 16.66
C ARG C 12 24.92 9.14 16.61
N LEU C 13 25.88 9.80 17.24
CA LEU C 13 25.90 11.26 17.27
C LEU C 13 26.17 11.79 15.87
N GLY C 14 25.16 12.40 15.26
CA GLY C 14 25.29 12.92 13.92
C GLY C 14 25.53 11.85 12.87
N SER C 15 24.74 10.77 12.92
CA SER C 15 24.90 9.71 11.92
C SER C 15 24.53 10.21 10.53
N PHE C 16 23.46 10.99 10.43
CA PHE C 16 23.11 11.60 9.14
C PHE C 16 23.96 12.82 8.82
N SER C 17 24.61 13.41 9.81
CA SER C 17 25.47 14.57 9.55
C SER C 17 26.70 14.17 8.76
N ARG C 18 27.28 13.01 9.06
CA ARG C 18 28.46 12.54 8.34
C ARG C 18 28.14 12.19 6.89
N LEU C 19 26.87 11.89 6.59
CA LEU C 19 26.48 11.64 5.22
C LEU C 19 26.52 12.89 4.37
N LEU C 20 26.56 14.07 5.00
CA LEU C 20 26.69 15.32 4.26
C LEU C 20 28.09 15.54 3.72
N LEU C 21 29.05 14.72 4.11
CA LEU C 21 30.41 14.82 3.60
C LEU C 21 30.64 13.95 2.37
N CYS C 22 29.62 13.26 1.89
CA CYS C 22 29.73 12.40 0.72
C CYS C 22 29.56 13.22 -0.55
N TRP C 23 30.17 12.74 -1.63
CA TRP C 23 30.09 13.40 -2.94
C TRP C 23 29.31 12.60 -3.96
N ARG C 24 29.58 11.31 -4.10
CA ARG C 24 28.87 10.50 -5.09
C ARG C 24 27.43 10.28 -4.65
N GLY C 25 26.50 10.53 -5.56
CA GLY C 25 25.09 10.41 -5.24
C GLY C 25 24.61 11.38 -4.20
N SER C 26 25.18 12.59 -4.16
CA SER C 26 24.89 13.56 -3.13
C SER C 26 24.08 14.71 -3.68
N ILE C 27 23.66 15.60 -2.77
CA ILE C 27 22.94 16.81 -3.17
C ILE C 27 23.84 17.71 -4.00
N TYR C 28 25.09 17.88 -3.56
CA TYR C 28 26.00 18.81 -4.23
C TYR C 28 26.27 18.37 -5.66
N LYS C 29 26.53 17.07 -5.86
CA LYS C 29 26.84 16.58 -7.20
C LYS C 29 25.66 16.78 -8.15
N LEU C 30 24.45 16.55 -7.66
CA LEU C 30 23.25 16.73 -8.46
C LEU C 30 22.82 18.18 -8.57
N LEU C 31 23.43 19.09 -7.81
CA LEU C 31 22.92 20.44 -7.66
C LEU C 31 23.89 21.55 -8.01
N TYR C 32 25.16 21.26 -8.26
CA TYR C 32 26.14 22.33 -8.36
C TYR C 32 25.92 23.19 -9.61
N GLY C 33 25.49 22.59 -10.73
CA GLY C 33 25.23 23.40 -11.92
C GLY C 33 24.09 24.36 -11.73
N GLU C 34 22.97 23.87 -11.19
CA GLU C 34 21.83 24.74 -10.92
C GLU C 34 22.18 25.81 -9.89
N PHE C 35 22.96 25.43 -8.87
CA PHE C 35 23.33 26.40 -7.85
C PHE C 35 24.26 27.47 -8.41
N LEU C 36 25.18 27.08 -9.32
CA LEU C 36 26.04 28.07 -9.94
C LEU C 36 25.24 29.01 -10.83
N ILE C 37 24.28 28.49 -11.58
CA ILE C 37 23.42 29.36 -12.40
C ILE C 37 22.64 30.31 -11.51
N PHE C 38 22.08 29.80 -10.40
CA PHE C 38 21.33 30.66 -9.48
C PHE C 38 22.25 31.72 -8.86
N LEU C 39 23.45 31.33 -8.45
CA LEU C 39 24.39 32.26 -7.85
C LEU C 39 24.78 33.36 -8.83
N LEU C 40 25.11 32.98 -10.07
CA LEU C 40 25.49 33.95 -11.07
C LEU C 40 24.35 34.91 -11.38
N CYS C 41 23.13 34.39 -11.55
CA CYS C 41 22.01 35.26 -11.82
C CYS C 41 21.72 36.19 -10.65
N TYR C 42 21.79 35.67 -9.42
CA TYR C 42 21.53 36.49 -8.24
C TYR C 42 22.52 37.64 -8.15
N TYR C 43 23.81 37.36 -8.33
CA TYR C 43 24.78 38.42 -8.17
C TYR C 43 24.84 39.34 -9.38
N ILE C 44 24.46 38.85 -10.57
CA ILE C 44 24.29 39.75 -11.71
C ILE C 44 23.18 40.76 -11.43
N ILE C 45 22.06 40.27 -10.90
CA ILE C 45 20.96 41.17 -10.57
C ILE C 45 21.37 42.13 -9.45
N ARG C 46 22.14 41.64 -8.49
CA ARG C 46 22.60 42.49 -7.40
C ARG C 46 23.49 43.62 -7.91
N PHE C 47 24.45 43.29 -8.78
CA PHE C 47 25.35 44.32 -9.28
C PHE C 47 24.65 45.26 -10.27
N ILE C 48 23.65 44.76 -10.99
CA ILE C 48 22.84 45.64 -11.83
C ILE C 48 22.08 46.64 -10.98
N TYR C 49 21.47 46.16 -9.88
CA TYR C 49 20.72 47.06 -9.01
C TYR C 49 21.63 48.07 -8.33
N ARG C 50 22.80 47.64 -7.86
CA ARG C 50 23.64 48.53 -7.06
C ARG C 50 24.61 49.37 -7.86
N LEU C 51 24.85 49.05 -9.14
CA LEU C 51 25.84 49.76 -9.92
C LEU C 51 25.35 50.17 -11.31
N ALA C 52 24.12 49.83 -11.69
CA ALA C 52 23.67 50.11 -13.05
C ALA C 52 22.25 50.65 -13.11
N LEU C 53 21.70 51.13 -12.00
CA LEU C 53 20.34 51.67 -11.97
C LEU C 53 20.36 53.08 -11.39
N THR C 54 19.55 53.95 -11.97
CA THR C 54 19.39 55.30 -11.44
C THR C 54 18.55 55.25 -10.17
N GLU C 55 18.44 56.41 -9.51
CA GLU C 55 17.74 56.47 -8.23
C GLU C 55 16.27 56.08 -8.38
N GLU C 56 15.60 56.58 -9.43
CA GLU C 56 14.23 56.17 -9.68
C GLU C 56 14.15 54.70 -10.06
N GLN C 57 15.08 54.22 -10.88
CA GLN C 57 15.12 52.81 -11.21
C GLN C 57 15.44 51.96 -9.98
N GLN C 58 16.33 52.44 -9.11
CA GLN C 58 16.61 51.72 -7.87
C GLN C 58 15.38 51.65 -6.98
N LEU C 59 14.62 52.74 -6.90
CA LEU C 59 13.39 52.72 -6.10
C LEU C 59 12.37 51.74 -6.68
N MET C 60 12.24 51.74 -8.01
CA MET C 60 11.34 50.79 -8.65
C MET C 60 11.77 49.34 -8.38
N PHE C 61 13.06 49.08 -8.46
CA PHE C 61 13.55 47.73 -8.20
C PHE C 61 13.34 47.34 -6.74
N GLU C 62 13.51 48.30 -5.82
CA GLU C 62 13.27 48.00 -4.41
C GLU C 62 11.80 47.66 -4.16
N LYS C 63 10.89 48.41 -4.78
CA LYS C 63 9.48 48.08 -4.66
C LYS C 63 9.18 46.70 -5.26
N LEU C 64 9.79 46.39 -6.41
CA LEU C 64 9.60 45.08 -7.01
C LEU C 64 10.14 43.97 -6.12
N THR C 65 11.30 44.19 -5.49
CA THR C 65 11.87 43.19 -4.60
C THR C 65 10.99 42.97 -3.38
N LEU C 66 10.46 44.05 -2.79
CA LEU C 66 9.54 43.89 -1.67
C LEU C 66 8.28 43.14 -2.08
N TYR C 67 7.76 43.44 -3.27
CA TYR C 67 6.57 42.75 -3.77
C TYR C 67 6.85 41.27 -3.97
N CYS C 68 7.98 40.93 -4.59
CA CYS C 68 8.32 39.53 -4.83
C CYS C 68 8.55 38.78 -3.54
N ASP C 69 9.23 39.40 -2.57
CA ASP C 69 9.45 38.73 -1.29
C ASP C 69 8.18 38.64 -0.47
N SER C 70 7.21 39.52 -0.72
CA SER C 70 5.91 39.39 -0.06
C SER C 70 5.09 38.26 -0.65
N TYR C 71 5.16 38.07 -1.97
CA TYR C 71 4.32 37.09 -2.65
C TYR C 71 5.06 35.78 -2.96
N ILE C 72 6.29 35.62 -2.46
CA ILE C 72 6.99 34.35 -2.64
C ILE C 72 6.27 33.21 -1.93
N GLN C 73 5.62 33.51 -0.80
CA GLN C 73 4.92 32.48 -0.04
C GLN C 73 3.70 31.94 -0.75
N LEU C 74 3.25 32.58 -1.82
CA LEU C 74 2.10 32.10 -2.59
C LEU C 74 2.40 30.82 -3.35
N ILE C 75 3.66 30.44 -3.51
CA ILE C 75 4.05 29.30 -4.33
C ILE C 75 4.08 28.07 -3.42
N PRO C 76 3.20 27.07 -3.64
CA PRO C 76 3.25 25.83 -2.85
C PRO C 76 4.36 24.93 -3.37
N ILE C 77 5.43 24.80 -2.59
CA ILE C 77 6.62 24.08 -2.99
C ILE C 77 6.92 22.91 -2.06
N SER C 78 6.02 22.63 -1.11
CA SER C 78 6.19 21.52 -0.19
C SER C 78 5.10 20.46 -0.32
N PHE C 79 3.87 20.85 -0.64
CA PHE C 79 2.81 19.88 -0.82
C PHE C 79 3.02 19.08 -2.10
N VAL C 80 3.11 19.78 -3.23
CA VAL C 80 3.24 19.10 -4.52
C VAL C 80 4.58 18.38 -4.60
N LEU C 81 5.65 19.00 -4.06
CA LEU C 81 6.94 18.32 -4.02
C LEU C 81 6.87 17.06 -3.18
N GLY C 82 6.24 17.13 -2.02
CA GLY C 82 6.16 15.95 -1.16
C GLY C 82 5.40 14.80 -1.80
N PHE C 83 4.22 15.10 -2.36
CA PHE C 83 3.42 14.05 -2.96
C PHE C 83 4.07 13.49 -4.22
N TYR C 84 4.65 14.37 -5.05
CA TYR C 84 5.32 13.91 -6.27
C TYR C 84 6.54 13.05 -5.94
N VAL C 85 7.35 13.47 -4.97
CA VAL C 85 8.53 12.70 -4.61
C VAL C 85 8.13 11.37 -3.98
N THR C 86 7.05 11.37 -3.19
CA THR C 86 6.56 10.10 -2.65
C THR C 86 6.16 9.14 -3.77
N LEU C 87 5.45 9.66 -4.77
CA LEU C 87 5.08 8.83 -5.92
C LEU C 87 6.32 8.32 -6.65
N VAL C 88 7.32 9.18 -6.85
CA VAL C 88 8.52 8.78 -7.57
C VAL C 88 9.28 7.71 -6.79
N VAL C 89 9.38 7.85 -5.46
CA VAL C 89 10.10 6.88 -4.66
C VAL C 89 9.36 5.54 -4.64
N THR C 90 8.04 5.59 -4.53
CA THR C 90 7.25 4.35 -4.58
C THR C 90 7.45 3.63 -5.91
N ARG C 91 7.39 4.38 -7.02
CA ARG C 91 7.61 3.78 -8.32
C ARG C 91 9.03 3.26 -8.47
N TRP C 92 10.01 3.95 -7.89
CA TRP C 92 11.40 3.52 -7.97
C TRP C 92 11.61 2.19 -7.24
N TRP C 93 11.04 2.04 -6.05
CA TRP C 93 11.17 0.76 -5.36
C TRP C 93 10.37 -0.33 -6.05
N ASN C 94 9.22 0.00 -6.63
CA ASN C 94 8.48 -0.99 -7.42
C ASN C 94 9.28 -1.44 -8.63
N GLN C 95 9.97 -0.50 -9.29
CA GLN C 95 10.82 -0.85 -10.42
C GLN C 95 11.97 -1.74 -9.99
N TYR C 96 12.51 -1.52 -8.80
CA TYR C 96 13.50 -2.46 -8.30
C TYR C 96 12.90 -3.84 -8.05
N GLU C 97 11.70 -3.88 -7.45
CA GLU C 97 11.10 -5.15 -7.11
C GLU C 97 10.74 -5.99 -8.34
N ASN C 98 10.73 -5.39 -9.52
CA ASN C 98 10.46 -6.10 -10.76
C ASN C 98 11.72 -6.46 -11.52
N LEU C 99 12.89 -6.24 -10.93
CA LEU C 99 14.12 -6.74 -11.53
C LEU C 99 14.16 -8.25 -11.40
N PRO C 100 14.27 -8.99 -12.50
CA PRO C 100 14.16 -10.45 -12.43
C PRO C 100 15.42 -11.09 -11.88
N TRP C 101 15.24 -12.00 -10.91
CA TRP C 101 16.31 -12.81 -10.37
C TRP C 101 16.03 -14.27 -10.66
N PRO C 102 16.92 -14.99 -11.34
CA PRO C 102 16.60 -16.36 -11.76
C PRO C 102 16.91 -17.41 -10.70
N ASP C 103 17.07 -17.00 -9.44
CA ASP C 103 17.56 -17.91 -8.41
C ASP C 103 16.59 -19.06 -8.14
N ARG C 104 15.31 -18.75 -7.99
CA ARG C 104 14.31 -19.81 -7.82
C ARG C 104 14.26 -20.69 -9.06
N LEU C 105 14.24 -20.07 -10.24
CA LEU C 105 14.21 -20.84 -11.48
C LEU C 105 15.49 -21.63 -11.67
N MET C 106 16.65 -21.08 -11.31
CA MET C 106 17.88 -21.83 -11.48
C MET C 106 17.96 -23.00 -10.52
N SER C 107 17.42 -22.86 -9.30
CA SER C 107 17.32 -24.00 -8.40
C SER C 107 16.44 -25.09 -9.00
N LEU C 108 15.28 -24.70 -9.55
CA LEU C 108 14.39 -25.70 -10.12
C LEU C 108 14.97 -26.35 -11.37
N VAL C 109 15.73 -25.60 -12.17
CA VAL C 109 16.38 -26.20 -13.34
C VAL C 109 17.49 -27.14 -12.92
N SER C 110 18.27 -26.75 -11.91
CA SER C 110 19.34 -27.62 -11.41
C SER C 110 18.78 -28.92 -10.85
N GLY C 111 17.65 -28.84 -10.16
CA GLY C 111 17.05 -30.05 -9.60
C GLY C 111 16.26 -30.90 -10.57
N PHE C 112 15.25 -30.31 -11.21
CA PHE C 112 14.24 -31.10 -11.92
C PHE C 112 14.79 -31.71 -13.20
N VAL C 113 15.54 -30.95 -13.99
CA VAL C 113 16.03 -31.43 -15.28
C VAL C 113 17.18 -32.39 -15.01
N GLU C 114 16.98 -33.66 -15.32
CA GLU C 114 17.91 -34.72 -14.97
C GLU C 114 18.90 -34.99 -16.10
N GLY C 115 20.00 -35.65 -15.74
CA GLY C 115 21.00 -36.02 -16.70
C GLY C 115 22.34 -35.35 -16.48
N LYS C 116 23.35 -36.12 -16.11
CA LYS C 116 24.71 -35.62 -15.99
C LYS C 116 25.51 -35.73 -17.28
N ASP C 117 24.90 -36.23 -18.35
CA ASP C 117 25.58 -36.35 -19.62
C ASP C 117 25.60 -35.00 -20.33
N GLU C 118 26.09 -34.98 -21.57
CA GLU C 118 26.20 -33.72 -22.30
C GLU C 118 24.84 -33.16 -22.68
N GLN C 119 23.88 -34.03 -22.99
CA GLN C 119 22.56 -33.58 -23.44
C GLN C 119 21.81 -32.88 -22.31
N GLY C 120 21.80 -33.48 -21.12
CA GLY C 120 21.11 -32.86 -19.99
C GLY C 120 21.77 -31.56 -19.55
N ARG C 121 23.10 -31.53 -19.54
CA ARG C 121 23.82 -30.31 -19.21
C ARG C 121 23.51 -29.21 -20.22
N LEU C 122 23.51 -29.54 -21.50
CA LEU C 122 23.19 -28.57 -22.54
C LEU C 122 21.75 -28.08 -22.39
N LEU C 123 20.83 -28.98 -22.04
CA LEU C 123 19.44 -28.61 -21.86
C LEU C 123 19.27 -27.62 -20.71
N ARG C 124 19.90 -27.92 -19.56
CA ARG C 124 19.80 -27.02 -18.41
C ARG C 124 20.42 -25.66 -18.72
N ARG C 125 21.60 -25.66 -19.35
CA ARG C 125 22.24 -24.40 -19.69
C ARG C 125 21.39 -23.59 -20.67
N THR C 126 20.77 -24.27 -21.64
CA THR C 126 19.94 -23.58 -22.62
C THR C 126 18.70 -22.98 -21.97
N LEU C 127 18.07 -23.70 -21.03
CA LEU C 127 16.90 -23.16 -20.34
C LEU C 127 17.26 -21.92 -19.52
N ILE C 128 18.30 -22.03 -18.70
CA ILE C 128 18.67 -20.89 -17.87
C ILE C 128 19.17 -19.74 -18.74
N ARG C 129 19.76 -20.04 -19.91
CA ARG C 129 20.17 -18.99 -20.83
C ARG C 129 18.98 -18.34 -21.51
N TYR C 130 17.90 -19.07 -21.75
CA TYR C 130 16.68 -18.45 -22.23
C TYR C 130 16.16 -17.45 -21.22
N ALA C 131 16.16 -17.83 -19.93
CA ALA C 131 15.73 -16.90 -18.90
C ALA C 131 16.59 -15.64 -18.87
N ASN C 132 17.91 -15.82 -18.88
CA ASN C 132 18.81 -14.67 -18.85
C ASN C 132 18.72 -13.83 -20.11
N LEU C 133 18.50 -14.46 -21.27
CA LEU C 133 18.34 -13.72 -22.51
C LEU C 133 17.08 -12.86 -22.48
N GLY C 134 15.98 -13.39 -21.96
CA GLY C 134 14.79 -12.56 -21.82
C GLY C 134 15.01 -11.38 -20.89
N ASN C 135 15.69 -11.63 -19.76
CA ASN C 135 15.97 -10.54 -18.84
C ASN C 135 16.85 -9.47 -19.48
N VAL C 136 17.89 -9.87 -20.21
CA VAL C 136 18.78 -8.89 -20.81
C VAL C 136 18.08 -8.19 -21.98
N LEU C 137 17.15 -8.86 -22.66
CA LEU C 137 16.41 -8.23 -23.73
C LEU C 137 15.51 -7.12 -23.19
N ILE C 138 14.88 -7.34 -22.04
CA ILE C 138 14.09 -6.23 -21.49
C ILE C 138 14.99 -5.15 -20.87
N LEU C 139 16.14 -5.53 -20.33
CA LEU C 139 17.01 -4.55 -19.67
C LEU C 139 17.70 -3.65 -20.68
N ARG C 140 18.08 -4.17 -21.85
CA ARG C 140 18.66 -3.30 -22.87
C ARG C 140 17.62 -2.38 -23.48
N SER C 141 16.34 -2.61 -23.22
CA SER C 141 15.28 -1.71 -23.65
C SER C 141 14.92 -0.69 -22.58
N VAL C 142 15.10 -1.03 -21.30
CA VAL C 142 14.74 -0.09 -20.23
C VAL C 142 15.94 0.63 -19.62
N SER C 143 17.16 0.13 -19.81
CA SER C 143 18.33 0.68 -19.17
C SER C 143 19.30 1.23 -20.21
N THR C 144 19.77 2.46 -19.99
CA THR C 144 20.70 3.07 -20.93
C THR C 144 22.10 2.48 -20.82
N ALA C 145 22.50 2.05 -19.61
CA ALA C 145 23.79 1.42 -19.43
C ALA C 145 23.86 0.07 -20.15
N VAL C 146 22.81 -0.73 -20.04
CA VAL C 146 22.79 -2.03 -20.71
C VAL C 146 22.74 -1.84 -22.22
N TYR C 147 22.02 -0.83 -22.70
CA TYR C 147 21.99 -0.56 -24.13
C TYR C 147 23.35 -0.08 -24.62
N LYS C 148 24.04 0.74 -23.82
CA LYS C 148 25.40 1.13 -24.19
C LYS C 148 26.33 -0.08 -24.20
N ARG C 149 26.05 -1.08 -23.37
CA ARG C 149 26.84 -2.30 -23.41
C ARG C 149 26.46 -3.19 -24.59
N PHE C 150 25.17 -3.24 -24.93
CA PHE C 150 24.67 -4.07 -26.03
C PHE C 150 23.85 -3.19 -26.97
N PRO C 151 24.50 -2.38 -27.80
CA PRO C 151 23.76 -1.54 -28.75
C PRO C 151 22.95 -2.33 -29.77
N SER C 152 23.38 -3.55 -30.09
CA SER C 152 22.71 -4.39 -31.07
C SER C 152 22.56 -5.79 -30.52
N ALA C 153 21.71 -6.59 -31.18
CA ALA C 153 21.58 -7.99 -30.81
C ALA C 153 22.84 -8.78 -31.14
N GLN C 154 23.61 -8.33 -32.13
CA GLN C 154 24.89 -8.96 -32.40
C GLN C 154 25.85 -8.79 -31.24
N HIS C 155 25.72 -7.71 -30.48
CA HIS C 155 26.50 -7.57 -29.25
C HIS C 155 26.10 -8.62 -28.23
N LEU C 156 24.81 -8.95 -28.16
CA LEU C 156 24.36 -10.05 -27.30
C LEU C 156 24.90 -11.39 -27.79
N VAL C 157 25.01 -11.58 -29.10
CA VAL C 157 25.62 -12.81 -29.61
C VAL C 157 27.10 -12.86 -29.24
N GLN C 158 27.81 -11.74 -29.39
CA GLN C 158 29.24 -11.71 -29.08
C GLN C 158 29.51 -11.74 -27.58
N ALA C 159 28.52 -11.45 -26.75
CA ALA C 159 28.66 -11.52 -25.31
C ALA C 159 28.19 -12.86 -24.74
N GLY C 160 27.68 -13.76 -25.56
CA GLY C 160 27.29 -15.08 -25.12
C GLY C 160 25.87 -15.22 -24.62
N PHE C 161 25.06 -14.17 -24.67
CA PHE C 161 23.67 -14.29 -24.28
C PHE C 161 22.83 -14.96 -25.37
N MET C 162 23.22 -14.82 -26.62
CA MET C 162 22.50 -15.40 -27.74
C MET C 162 23.46 -16.21 -28.60
N THR C 163 23.02 -17.36 -29.05
CA THR C 163 23.74 -18.09 -30.08
C THR C 163 23.37 -17.52 -31.45
N PRO C 164 24.20 -17.76 -32.46
CA PRO C 164 23.81 -17.33 -33.82
C PRO C 164 22.49 -17.95 -34.29
N ALA C 165 22.20 -19.19 -33.89
CA ALA C 165 20.91 -19.79 -34.23
C ALA C 165 19.75 -19.05 -33.56
N GLU C 166 19.94 -18.67 -32.29
CA GLU C 166 18.90 -17.89 -31.61
C GLU C 166 18.72 -16.52 -32.24
N HIS C 167 19.80 -15.88 -32.65
CA HIS C 167 19.70 -14.59 -33.32
C HIS C 167 18.98 -14.73 -34.66
N LYS C 168 19.28 -15.78 -35.42
CA LYS C 168 18.57 -16.01 -36.68
C LYS C 168 17.09 -16.28 -36.45
N GLN C 169 16.77 -17.05 -35.41
CA GLN C 169 15.37 -17.33 -35.09
C GLN C 169 14.64 -16.06 -34.69
N LEU C 170 15.28 -15.20 -33.89
CA LEU C 170 14.67 -13.95 -33.48
C LEU C 170 14.47 -13.02 -34.67
N GLU C 171 15.42 -13.00 -35.60
CA GLU C 171 15.26 -12.18 -36.80
C GLU C 171 14.14 -12.72 -37.68
N LYS C 172 13.99 -14.05 -37.75
CA LYS C 172 12.92 -14.63 -38.56
C LYS C 172 11.54 -14.34 -37.99
N LEU C 173 11.41 -14.35 -36.67
CA LEU C 173 10.12 -14.14 -36.01
C LEU C 173 9.76 -12.68 -35.85
N SER C 174 10.52 -11.77 -36.48
CA SER C 174 10.43 -10.36 -36.15
C SER C 174 9.04 -9.79 -36.38
N LEU C 175 8.52 -9.13 -35.36
CA LEU C 175 7.27 -8.39 -35.37
C LEU C 175 7.58 -6.94 -35.05
N PRO C 176 6.70 -5.99 -35.43
CA PRO C 176 6.95 -4.57 -35.16
C PRO C 176 6.70 -4.16 -33.70
N HIS C 177 7.19 -4.98 -32.77
CA HIS C 177 7.12 -4.70 -31.35
C HIS C 177 8.43 -5.13 -30.71
N ASN C 178 8.57 -4.88 -29.41
CA ASN C 178 9.72 -5.36 -28.68
C ASN C 178 9.60 -6.86 -28.48
N MET C 179 10.66 -7.59 -28.83
CA MET C 179 10.64 -9.05 -28.87
C MET C 179 11.23 -9.69 -27.63
N PHE C 180 11.13 -9.03 -26.48
CA PHE C 180 11.68 -9.60 -25.26
C PHE C 180 10.91 -10.82 -24.78
N TRP C 181 9.68 -11.00 -25.24
CA TRP C 181 8.82 -12.10 -24.82
C TRP C 181 9.21 -13.44 -25.45
N VAL C 182 10.02 -13.41 -26.52
CA VAL C 182 10.29 -14.64 -27.27
C VAL C 182 10.98 -15.71 -26.44
N PRO C 183 12.01 -15.41 -25.64
CA PRO C 183 12.66 -16.47 -24.86
C PRO C 183 11.74 -17.17 -23.88
N TRP C 184 10.64 -16.55 -23.47
CA TRP C 184 9.70 -17.24 -22.58
C TRP C 184 8.96 -18.34 -23.32
N VAL C 185 8.52 -18.07 -24.55
CA VAL C 185 7.91 -19.11 -25.36
C VAL C 185 8.93 -20.19 -25.69
N TRP C 186 10.18 -19.79 -25.93
CA TRP C 186 11.25 -20.77 -26.14
C TRP C 186 11.43 -21.65 -24.92
N PHE C 187 11.43 -21.06 -23.72
CA PHE C 187 11.57 -21.83 -22.49
C PHE C 187 10.42 -22.80 -22.32
N ALA C 188 9.19 -22.34 -22.58
CA ALA C 188 8.04 -23.23 -22.45
C ALA C 188 8.14 -24.42 -23.39
N ASN C 189 8.49 -24.16 -24.65
CA ASN C 189 8.57 -25.25 -25.62
C ASN C 189 9.74 -26.20 -25.32
N LEU C 190 10.88 -25.65 -24.90
CA LEU C 190 12.01 -26.51 -24.57
C LEU C 190 11.75 -27.34 -23.32
N SER C 191 11.05 -26.77 -22.34
CA SER C 191 10.69 -27.54 -21.15
C SER C 191 9.68 -28.62 -21.48
N MET C 192 8.73 -28.33 -22.38
CA MET C 192 7.80 -29.36 -22.81
C MET C 192 8.53 -30.49 -23.53
N LYS C 193 9.49 -30.14 -24.39
CA LYS C 193 10.27 -31.17 -25.09
C LYS C 193 11.11 -31.97 -24.10
N ALA C 194 11.65 -31.32 -23.07
CA ALA C 194 12.41 -32.02 -22.05
C ALA C 194 11.53 -33.00 -21.27
N TRP C 195 10.31 -32.58 -20.92
CA TRP C 195 9.41 -33.50 -20.24
C TRP C 195 9.01 -34.67 -21.12
N LEU C 196 8.74 -34.40 -22.40
CA LEU C 196 8.40 -35.48 -23.32
C LEU C 196 9.60 -36.38 -23.60
N GLY C 197 10.81 -35.86 -23.49
CA GLY C 197 12.01 -36.64 -23.67
C GLY C 197 12.50 -37.39 -22.46
N GLY C 198 11.79 -37.30 -21.34
CA GLY C 198 12.17 -38.01 -20.13
C GLY C 198 13.16 -37.29 -19.25
N ARG C 199 13.64 -36.11 -19.65
CA ARG C 199 14.58 -35.37 -18.81
C ARG C 199 13.91 -34.81 -17.58
N ILE C 200 12.62 -34.50 -17.67
CA ILE C 200 11.81 -34.10 -16.51
C ILE C 200 10.88 -35.27 -16.20
N ARG C 201 10.96 -35.76 -14.96
CA ARG C 201 10.33 -37.04 -14.64
C ARG C 201 8.82 -36.91 -14.48
N ASP C 202 8.33 -35.82 -13.92
CA ASP C 202 6.90 -35.63 -13.71
C ASP C 202 6.48 -34.27 -14.25
N PRO C 203 5.25 -34.16 -14.75
CA PRO C 203 4.79 -32.86 -15.27
C PRO C 203 4.59 -31.81 -14.21
N ILE C 204 4.56 -32.19 -12.93
CA ILE C 204 4.46 -31.20 -11.86
C ILE C 204 5.75 -30.39 -11.75
N LEU C 205 6.90 -31.04 -11.97
CA LEU C 205 8.15 -30.32 -12.03
C LEU C 205 8.16 -29.35 -13.20
N LEU C 206 7.59 -29.77 -14.33
CA LEU C 206 7.42 -28.88 -15.48
C LEU C 206 6.53 -27.69 -15.12
N GLN C 207 5.46 -27.94 -14.36
CA GLN C 207 4.58 -26.86 -13.93
C GLN C 207 5.31 -25.87 -13.03
N SER C 208 6.14 -26.37 -12.10
CA SER C 208 6.91 -25.49 -11.24
C SER C 208 7.91 -24.65 -12.03
N LEU C 209 8.59 -25.29 -12.98
CA LEU C 209 9.53 -24.57 -13.84
C LEU C 209 8.82 -23.44 -14.59
N LEU C 210 7.67 -23.75 -15.19
CA LEU C 210 6.96 -22.74 -15.95
C LEU C 210 6.31 -21.69 -15.05
N ASN C 211 5.99 -22.03 -13.80
CA ASN C 211 5.51 -21.01 -12.86
C ASN C 211 6.60 -20.01 -12.52
N GLU C 212 7.82 -20.48 -12.24
CA GLU C 212 8.92 -19.55 -12.01
C GLU C 212 9.22 -18.74 -13.26
N MET C 213 9.16 -19.38 -14.43
N MET C 213 9.16 -19.37 -14.43
CA MET C 213 9.36 -18.68 -15.69
CA MET C 213 9.39 -18.65 -15.68
C MET C 213 8.33 -17.58 -15.89
C MET C 213 8.33 -17.58 -15.91
N ASN C 214 7.07 -17.88 -15.58
CA ASN C 214 6.01 -16.88 -15.71
C ASN C 214 6.17 -15.75 -14.70
N THR C 215 6.68 -16.04 -13.51
CA THR C 215 6.99 -14.98 -12.57
C THR C 215 8.04 -14.03 -13.12
N LEU C 216 9.09 -14.59 -13.72
CA LEU C 216 10.10 -13.74 -14.36
C LEU C 216 9.50 -12.95 -15.52
N ARG C 217 8.60 -13.57 -16.27
CA ARG C 217 7.92 -12.87 -17.36
C ARG C 217 7.12 -11.69 -16.86
N THR C 218 6.38 -11.88 -15.76
CA THR C 218 5.60 -10.79 -15.19
C THR C 218 6.50 -9.66 -14.70
N GLN C 219 7.64 -10.00 -14.09
CA GLN C 219 8.57 -8.96 -13.65
C GLN C 219 9.11 -8.17 -14.84
N CYS C 220 9.49 -8.86 -15.92
CA CYS C 220 10.01 -8.15 -17.09
C CYS C 220 8.93 -7.32 -17.77
N GLY C 221 7.69 -7.81 -17.77
CA GLY C 221 6.59 -7.01 -18.30
C GLY C 221 6.34 -5.77 -17.48
N HIS C 222 6.48 -5.86 -16.16
CA HIS C 222 6.35 -4.69 -15.32
C HIS C 222 7.49 -3.70 -15.57
N LEU C 223 8.70 -4.21 -15.83
CA LEU C 223 9.80 -3.31 -16.20
C LEU C 223 9.49 -2.57 -17.50
N TYR C 224 8.99 -3.29 -18.50
CA TYR C 224 8.59 -2.66 -19.76
C TYR C 224 7.48 -1.64 -19.52
N ALA C 225 6.56 -1.97 -18.62
CA ALA C 225 5.45 -1.07 -18.31
C ALA C 225 5.94 0.23 -17.70
N TYR C 226 6.85 0.13 -16.72
CA TYR C 226 7.39 1.33 -16.09
C TYR C 226 8.22 2.15 -17.05
N ASP C 227 8.92 1.50 -17.98
CA ASP C 227 9.65 2.24 -19.00
C ASP C 227 8.70 2.94 -19.96
N TRP C 228 7.57 2.30 -20.28
CA TRP C 228 6.62 2.84 -21.24
C TRP C 228 5.71 3.89 -20.62
N ILE C 229 4.94 3.48 -19.61
CA ILE C 229 3.98 4.38 -18.98
C ILE C 229 4.70 5.25 -17.95
N SER C 230 5.16 6.42 -18.40
CA SER C 230 5.85 7.34 -17.52
C SER C 230 4.87 8.00 -16.56
N ILE C 231 5.41 8.65 -15.54
CA ILE C 231 4.59 9.54 -14.72
C ILE C 231 4.02 10.63 -15.63
N PRO C 232 2.75 11.01 -15.49
CA PRO C 232 2.17 11.98 -16.43
C PRO C 232 2.99 13.26 -16.49
N LEU C 233 3.19 13.75 -17.72
CA LEU C 233 4.05 14.91 -17.94
C LEU C 233 3.49 16.15 -17.26
N VAL C 234 2.18 16.24 -17.12
CA VAL C 234 1.58 17.42 -16.50
C VAL C 234 1.98 17.55 -15.04
N TYR C 235 2.00 16.42 -14.30
CA TYR C 235 2.38 16.46 -12.89
C TYR C 235 3.85 16.87 -12.75
N THR C 236 4.72 16.29 -13.57
CA THR C 236 6.13 16.65 -13.56
C THR C 236 6.30 18.13 -13.85
N GLN C 237 5.63 18.63 -14.89
CA GLN C 237 5.74 20.04 -15.25
C GLN C 237 5.23 20.94 -14.13
N VAL C 238 4.17 20.52 -13.44
CA VAL C 238 3.67 21.29 -12.30
C VAL C 238 4.77 21.43 -11.25
N VAL C 239 5.39 20.32 -10.87
CA VAL C 239 6.42 20.38 -9.83
C VAL C 239 7.61 21.20 -10.29
N THR C 240 8.04 21.01 -11.56
CA THR C 240 9.20 21.73 -12.06
C THR C 240 8.96 23.23 -12.11
N VAL C 241 7.78 23.64 -12.60
CA VAL C 241 7.46 25.05 -12.66
C VAL C 241 7.35 25.62 -11.25
N ALA C 242 6.81 24.85 -10.31
CA ALA C 242 6.74 25.32 -8.93
C ALA C 242 8.11 25.65 -8.38
N VAL C 243 9.05 24.69 -8.48
CA VAL C 243 10.37 24.90 -7.90
C VAL C 243 11.11 26.03 -8.62
N TYR C 244 11.11 25.98 -9.96
CA TYR C 244 11.92 26.94 -10.71
C TYR C 244 11.32 28.33 -10.65
N SER C 245 10.00 28.46 -10.55
CA SER C 245 9.40 29.78 -10.38
C SER C 245 9.65 30.31 -8.97
N PHE C 246 9.66 29.42 -7.97
CA PHE C 246 10.04 29.85 -6.62
C PHE C 246 11.41 30.48 -6.63
N PHE C 247 12.37 29.85 -7.30
CA PHE C 247 13.72 30.39 -7.25
C PHE C 247 13.98 31.50 -8.27
N LEU C 248 13.24 31.55 -9.38
CA LEU C 248 13.26 32.73 -10.23
C LEU C 248 12.71 33.94 -9.48
N THR C 249 11.71 33.73 -8.63
CA THR C 249 11.24 34.82 -7.78
C THR C 249 12.27 35.19 -6.74
N CYS C 250 12.89 34.21 -6.10
CA CYS C 250 13.95 34.47 -5.12
C CYS C 250 15.13 35.20 -5.75
N LEU C 251 15.31 35.09 -7.06
CA LEU C 251 16.35 35.84 -7.75
C LEU C 251 16.21 37.34 -7.54
N VAL C 252 14.98 37.82 -7.38
CA VAL C 252 14.70 39.25 -7.22
C VAL C 252 14.30 39.58 -5.79
N GLY C 253 13.39 38.79 -5.21
CA GLY C 253 12.85 39.08 -3.89
C GLY C 253 13.81 38.86 -2.75
N ARG C 254 14.83 38.02 -2.94
CA ARG C 254 15.84 37.78 -1.92
C ARG C 254 17.06 38.66 -2.07
N GLN C 255 17.00 39.65 -2.96
CA GLN C 255 18.08 40.63 -3.07
C GLN C 255 18.17 41.47 -1.81
N PHE C 256 19.39 41.80 -1.41
CA PHE C 256 19.60 42.69 -0.27
C PHE C 256 19.51 44.13 -0.76
N LEU C 257 18.46 44.83 -0.36
CA LEU C 257 18.23 46.18 -0.82
C LEU C 257 19.20 47.15 -0.13
N ASN C 258 19.04 48.43 -0.43
CA ASN C 258 19.93 49.45 0.12
C ASN C 258 19.68 49.58 1.62
N PRO C 259 20.68 49.37 2.47
CA PRO C 259 20.47 49.55 3.91
C PRO C 259 20.17 50.99 4.31
N ALA C 260 20.53 51.96 3.46
CA ALA C 260 20.23 53.35 3.76
C ALA C 260 18.75 53.67 3.59
N LYS C 261 18.00 52.84 2.86
CA LYS C 261 16.58 53.05 2.67
C LYS C 261 15.75 52.60 3.86
N ALA C 262 16.36 51.85 4.80
CA ALA C 262 15.71 51.43 6.04
C ALA C 262 14.42 50.65 5.77
N TYR C 263 14.43 49.79 4.76
CA TYR C 263 13.30 48.92 4.52
C TYR C 263 13.22 47.86 5.60
N PRO C 264 12.02 47.49 6.05
CA PRO C 264 11.89 46.45 7.09
C PRO C 264 12.37 45.11 6.55
N GLY C 265 13.34 44.52 7.25
CA GLY C 265 13.95 43.28 6.81
C GLY C 265 15.17 43.45 5.95
N HIS C 266 15.46 44.67 5.50
CA HIS C 266 16.62 44.95 4.65
C HIS C 266 17.56 45.97 5.27
N GLU C 267 17.50 46.14 6.60
CA GLU C 267 18.35 47.11 7.27
C GLU C 267 19.83 46.72 7.20
N LEU C 268 20.12 45.44 7.02
CA LEU C 268 21.50 44.95 6.96
C LEU C 268 21.73 44.28 5.60
N ASP C 269 22.84 44.64 4.96
CA ASP C 269 23.25 44.04 3.70
C ASP C 269 24.20 42.89 4.01
N LEU C 270 23.66 41.68 4.08
CA LEU C 270 24.45 40.49 4.38
C LEU C 270 25.18 39.95 3.17
N VAL C 271 24.97 40.51 1.98
CA VAL C 271 25.65 40.13 0.74
C VAL C 271 25.27 38.72 0.33
N VAL C 272 25.57 37.74 1.17
CA VAL C 272 25.32 36.33 0.87
C VAL C 272 23.96 35.95 1.44
N PRO C 273 22.99 35.56 0.63
CA PRO C 273 21.70 35.06 1.14
C PRO C 273 21.81 33.61 1.60
N VAL C 274 22.29 33.44 2.83
CA VAL C 274 22.57 32.10 3.35
C VAL C 274 21.31 31.28 3.46
N PHE C 275 20.22 31.89 3.95
CA PHE C 275 18.97 31.15 4.10
C PHE C 275 18.34 30.84 2.75
N THR C 276 18.50 31.75 1.78
CA THR C 276 18.04 31.45 0.43
C THR C 276 18.83 30.29 -0.17
N PHE C 277 20.13 30.21 0.13
CA PHE C 277 20.93 29.11 -0.38
C PHE C 277 20.56 27.79 0.29
N LEU C 278 20.26 27.83 1.59
CA LEU C 278 19.80 26.62 2.27
C LEU C 278 18.44 26.17 1.73
N GLN C 279 17.54 27.12 1.47
CA GLN C 279 16.28 26.79 0.84
C GLN C 279 16.49 26.22 -0.54
N PHE C 280 17.45 26.76 -1.29
CA PHE C 280 17.76 26.23 -2.61
C PHE C 280 18.21 24.78 -2.51
N PHE C 281 19.17 24.51 -1.61
CA PHE C 281 19.63 23.15 -1.43
C PHE C 281 18.48 22.23 -1.06
N PHE C 282 17.67 22.62 -0.07
CA PHE C 282 16.57 21.77 0.36
C PHE C 282 15.57 21.51 -0.76
N TYR C 283 15.05 22.57 -1.39
CA TYR C 283 13.97 22.41 -2.36
C TYR C 283 14.45 21.78 -3.65
N VAL C 284 15.56 22.25 -4.20
CA VAL C 284 16.02 21.69 -5.46
C VAL C 284 16.66 20.31 -5.27
N GLY C 285 17.19 19.99 -4.09
CA GLY C 285 17.58 18.62 -3.82
C GLY C 285 16.38 17.71 -3.68
N TRP C 286 15.30 18.22 -3.09
CA TRP C 286 14.05 17.46 -3.06
C TRP C 286 13.54 17.18 -4.46
N LEU C 287 13.67 18.16 -5.36
CA LEU C 287 13.35 17.93 -6.77
C LEU C 287 14.33 16.95 -7.41
N LYS C 288 15.61 17.04 -7.03
CA LYS C 288 16.62 16.16 -7.62
C LYS C 288 16.43 14.72 -7.19
N VAL C 289 15.80 14.49 -6.04
CA VAL C 289 15.42 13.13 -5.67
C VAL C 289 14.52 12.53 -6.74
N ALA C 290 13.49 13.27 -7.14
CA ALA C 290 12.59 12.81 -8.19
C ALA C 290 13.30 12.76 -9.54
N GLU C 291 14.17 13.72 -9.81
CA GLU C 291 14.88 13.75 -11.09
C GLU C 291 15.78 12.53 -11.25
N GLN C 292 16.45 12.12 -10.18
CA GLN C 292 17.32 10.96 -10.24
C GLN C 292 16.53 9.66 -10.23
N LEU C 293 15.43 9.60 -9.48
CA LEU C 293 14.71 8.35 -9.31
C LEU C 293 13.59 8.15 -10.33
N ILE C 294 13.29 9.14 -11.18
CA ILE C 294 12.18 8.98 -12.11
C ILE C 294 12.50 7.92 -13.15
N ASN C 295 13.76 7.82 -13.57
CA ASN C 295 14.25 6.71 -14.39
C ASN C 295 15.42 6.10 -13.64
N PRO C 296 15.20 5.05 -12.86
CA PRO C 296 16.28 4.43 -12.09
C PRO C 296 17.19 3.52 -12.89
N PHE C 297 17.06 3.50 -14.21
CA PHE C 297 17.88 2.67 -15.08
C PHE C 297 18.81 3.49 -15.96
N GLY C 298 19.03 4.76 -15.61
CA GLY C 298 19.97 5.59 -16.32
C GLY C 298 21.39 5.37 -15.84
N GLU C 299 22.18 6.44 -15.79
CA GLU C 299 23.59 6.34 -15.41
C GLU C 299 23.91 7.21 -14.19
N ASP C 300 22.91 7.51 -13.36
CA ASP C 300 23.17 8.24 -12.13
C ASP C 300 23.90 7.34 -11.13
N ASP C 301 24.43 7.98 -10.08
CA ASP C 301 25.13 7.23 -9.04
C ASP C 301 24.17 6.32 -8.28
N ASP C 302 22.97 6.81 -7.98
CA ASP C 302 21.98 6.04 -7.22
C ASP C 302 21.08 5.20 -8.10
N ASP C 303 21.31 5.19 -9.42
CA ASP C 303 20.55 4.31 -10.29
C ASP C 303 21.03 2.87 -10.14
N PHE C 304 20.20 1.94 -10.60
CA PHE C 304 20.47 0.52 -10.39
C PHE C 304 21.67 0.07 -11.21
N GLU C 305 22.49 -0.80 -10.61
CA GLU C 305 23.64 -1.39 -11.28
C GLU C 305 23.16 -2.57 -12.10
N THR C 306 22.55 -2.26 -13.25
CA THR C 306 21.91 -3.29 -14.05
C THR C 306 22.93 -4.16 -14.78
N ASN C 307 24.07 -3.60 -15.19
CA ASN C 307 25.10 -4.42 -15.82
C ASN C 307 25.68 -5.43 -14.83
N TRP C 308 25.90 -5.01 -13.58
CA TRP C 308 26.35 -5.95 -12.57
C TRP C 308 25.31 -7.03 -12.33
N ILE C 309 24.03 -6.66 -12.29
CA ILE C 309 22.97 -7.63 -12.09
C ILE C 309 22.96 -8.64 -13.24
N VAL C 310 23.13 -8.15 -14.46
CA VAL C 310 23.16 -9.04 -15.63
C VAL C 310 24.32 -10.03 -15.53
N ASP C 311 25.53 -9.52 -15.23
CA ASP C 311 26.69 -10.38 -15.15
C ASP C 311 26.55 -11.40 -14.03
N ARG C 312 26.11 -10.95 -12.86
CA ARG C 312 25.95 -11.84 -11.71
C ARG C 312 24.90 -12.90 -12.00
N ASN C 313 23.76 -12.51 -12.61
CA ASN C 313 22.72 -13.46 -12.91
C ASN C 313 23.23 -14.52 -13.88
N LEU C 314 23.94 -14.11 -14.92
CA LEU C 314 24.45 -15.10 -15.88
C LEU C 314 25.42 -16.06 -15.22
N GLN C 315 26.39 -15.53 -14.48
CA GLN C 315 27.40 -16.40 -13.85
C GLN C 315 26.75 -17.36 -12.85
N VAL C 316 25.92 -16.82 -11.96
CA VAL C 316 25.32 -17.63 -10.91
C VAL C 316 24.38 -18.67 -11.50
N SER C 317 23.59 -18.31 -12.51
CA SER C 317 22.67 -19.25 -13.13
C SER C 317 23.42 -20.38 -13.80
N LEU C 318 24.45 -20.05 -14.59
CA LEU C 318 25.20 -21.11 -15.27
C LEU C 318 25.90 -22.02 -14.27
N LEU C 319 26.47 -21.45 -13.21
CA LEU C 319 27.10 -22.27 -12.19
C LEU C 319 26.10 -23.17 -11.49
N ALA C 320 24.93 -22.64 -11.15
CA ALA C 320 23.94 -23.40 -10.40
C ALA C 320 23.37 -24.54 -11.23
N VAL C 321 23.10 -24.31 -12.52
CA VAL C 321 22.51 -25.36 -13.33
C VAL C 321 23.52 -26.32 -13.91
N ASP C 322 24.79 -25.93 -14.06
CA ASP C 322 25.77 -26.79 -14.69
C ASP C 322 26.69 -27.47 -13.68
N GLU C 323 27.43 -26.68 -12.89
CA GLU C 323 28.39 -27.28 -11.97
C GLU C 323 27.73 -27.84 -10.71
N MET C 324 26.66 -27.22 -10.25
CA MET C 324 26.04 -27.59 -8.99
C MET C 324 24.91 -28.60 -9.15
N HIS C 325 24.67 -29.10 -10.36
CA HIS C 325 23.63 -30.09 -10.57
C HIS C 325 24.07 -31.43 -9.98
N GLN C 326 23.33 -31.89 -8.98
CA GLN C 326 23.60 -33.15 -8.27
C GLN C 326 25.02 -33.20 -7.71
N ASP C 327 25.63 -32.04 -7.50
CA ASP C 327 26.96 -31.93 -6.91
C ASP C 327 26.76 -31.35 -5.51
N LEU C 328 26.63 -32.24 -4.54
CA LEU C 328 26.31 -31.88 -3.17
C LEU C 328 27.48 -32.17 -2.24
N PRO C 329 27.62 -31.40 -1.16
CA PRO C 329 28.58 -31.78 -0.12
C PRO C 329 28.16 -33.08 0.55
N ARG C 330 29.14 -33.81 1.07
CA ARG C 330 28.87 -35.09 1.70
C ARG C 330 27.92 -34.93 2.87
N MET C 331 26.90 -35.79 2.93
CA MET C 331 25.88 -35.72 3.98
C MET C 331 26.39 -36.46 5.20
N GLU C 332 26.72 -35.72 6.25
CA GLU C 332 27.29 -36.25 7.48
C GLU C 332 26.56 -35.67 8.67
N PRO C 333 26.55 -36.38 9.81
CA PRO C 333 25.91 -35.83 11.01
C PRO C 333 26.54 -34.51 11.43
N ASP C 334 25.70 -33.59 11.88
CA ASP C 334 26.13 -32.24 12.19
C ASP C 334 26.67 -32.16 13.62
N MET C 335 26.95 -30.94 14.06
CA MET C 335 27.53 -30.73 15.39
C MET C 335 26.53 -31.06 16.50
N TYR C 336 25.24 -30.85 16.25
CA TYR C 336 24.18 -31.07 17.23
C TYR C 336 23.41 -32.35 16.95
N TRP C 337 24.12 -33.40 16.53
CA TRP C 337 23.47 -34.65 16.16
C TRP C 337 22.71 -35.27 17.32
N ASN C 338 23.31 -35.27 18.51
CA ASN C 338 22.69 -35.82 19.71
C ASN C 338 22.48 -34.76 20.78
N LYS C 339 22.20 -33.53 20.35
CA LYS C 339 21.96 -32.41 21.27
C LYS C 339 20.56 -31.87 21.03
N PRO C 340 19.59 -32.16 21.92
CA PRO C 340 18.22 -31.70 21.69
C PRO C 340 18.05 -30.20 21.75
N GLU C 341 18.98 -29.47 22.37
CA GLU C 341 18.90 -28.01 22.48
C GLU C 341 20.22 -27.42 21.98
N PRO C 342 20.33 -27.18 20.67
CA PRO C 342 21.56 -26.60 20.13
C PRO C 342 21.80 -25.20 20.68
N GLN C 343 23.08 -24.85 20.83
CA GLN C 343 23.47 -23.52 21.30
C GLN C 343 24.78 -23.14 20.65
N PRO C 344 24.72 -22.48 19.50
CA PRO C 344 25.95 -22.00 18.85
C PRO C 344 26.66 -20.98 19.73
N PRO C 345 27.99 -20.97 19.72
CA PRO C 345 28.72 -20.06 20.60
C PRO C 345 28.62 -18.61 20.14
N TYR C 346 28.87 -17.71 21.07
CA TYR C 346 28.94 -16.28 20.81
C TYR C 346 30.39 -15.83 20.93
N THR C 347 30.78 -14.86 20.10
CA THR C 347 32.11 -14.30 20.20
C THR C 347 32.18 -13.28 21.33
N ALA C 348 33.39 -12.80 21.61
CA ALA C 348 33.55 -11.76 22.63
C ALA C 348 32.94 -10.44 22.17
N ALA C 349 32.87 -10.21 20.86
CA ALA C 349 32.26 -9.00 20.32
C ALA C 349 30.76 -9.12 20.13
N SER C 350 30.18 -10.28 20.43
CA SER C 350 28.75 -10.49 20.23
C SER C 350 28.04 -11.10 21.44
N ALA C 351 28.73 -11.29 22.56
CA ALA C 351 28.10 -11.90 23.72
C ALA C 351 27.00 -11.03 24.31
N GLN C 352 27.02 -9.72 24.03
CA GLN C 352 25.99 -8.82 24.54
C GLN C 352 24.67 -8.96 23.80
N PHE C 353 24.65 -9.63 22.66
CA PHE C 353 23.43 -9.82 21.89
C PHE C 353 22.70 -11.11 22.21
N ARG C 354 23.21 -11.89 23.17
CA ARG C 354 22.52 -13.10 23.60
C ARG C 354 21.36 -12.70 24.49
N ARG C 355 20.15 -12.69 23.92
CA ARG C 355 18.96 -12.24 24.61
C ARG C 355 18.11 -13.44 25.03
N ALA C 356 17.23 -13.19 26.00
CA ALA C 356 16.23 -14.17 26.37
C ALA C 356 15.10 -14.17 25.34
N SER C 357 14.33 -15.25 25.36
CA SER C 357 13.24 -15.38 24.39
C SER C 357 12.06 -14.51 24.78
N PHE C 358 11.42 -13.91 23.78
CA PHE C 358 10.19 -13.16 23.98
C PHE C 358 9.02 -14.14 23.91
N MET C 359 8.30 -14.27 25.03
CA MET C 359 7.24 -15.25 25.16
C MET C 359 5.85 -14.63 25.04
N GLY C 360 5.77 -13.43 24.46
CA GLY C 360 4.51 -12.72 24.37
C GLY C 360 4.40 -11.64 25.42
N SER C 361 3.57 -10.63 25.11
CA SER C 361 3.40 -9.51 26.02
C SER C 361 2.63 -9.89 27.28
N THR C 362 1.84 -10.95 27.24
CA THR C 362 1.00 -11.35 28.36
C THR C 362 1.70 -12.28 29.33
N PHE C 363 3.00 -12.51 29.14
CA PHE C 363 3.72 -13.48 29.96
C PHE C 363 3.79 -13.05 31.42
N ASN C 364 3.96 -11.75 31.67
CA ASN C 364 4.18 -11.23 33.01
C ASN C 364 2.91 -10.71 33.66
N ILE C 365 1.74 -11.14 33.19
CA ILE C 365 0.48 -10.73 33.81
C ILE C 365 0.27 -11.56 35.07
N SER C 366 0.06 -10.89 36.20
CA SER C 366 -0.09 -11.54 37.49
C SER C 366 -1.58 -11.59 37.86
N LEU C 367 -2.07 -12.79 38.14
CA LEU C 367 -3.45 -13.01 38.54
C LEU C 367 -3.46 -13.84 39.82
N ASN C 368 -4.34 -13.49 40.75
CA ASN C 368 -4.47 -14.25 41.97
C ASN C 368 -5.28 -15.53 41.72
N LYS C 369 -5.25 -16.42 42.71
CA LYS C 369 -5.89 -17.73 42.55
C LYS C 369 -7.41 -17.60 42.45
N GLU C 370 -7.99 -16.55 43.04
CA GLU C 370 -9.44 -16.39 42.97
C GLU C 370 -9.90 -16.10 41.55
N GLU C 371 -9.17 -15.27 40.83
CA GLU C 371 -9.56 -14.88 39.47
C GLU C 371 -9.01 -15.82 38.40
N MET C 372 -8.23 -16.82 38.77
CA MET C 372 -7.74 -17.82 37.84
C MET C 372 -8.63 -19.05 37.74
N GLU C 373 -9.69 -19.11 38.55
CA GLU C 373 -10.55 -20.28 38.59
C GLU C 373 -11.63 -20.18 37.52
N PHE C 374 -11.85 -21.28 36.81
CA PHE C 374 -12.90 -21.35 35.81
C PHE C 374 -14.28 -21.22 36.44
N THR D 1 15.38 -4.85 19.85
CA THR D 1 13.93 -4.67 19.92
C THR D 1 13.48 -4.36 21.34
N ILE D 2 12.93 -3.16 21.53
CA ILE D 2 12.34 -2.76 22.80
C ILE D 2 10.84 -2.99 22.71
N THR D 3 10.33 -3.88 23.56
CA THR D 3 8.93 -4.27 23.53
C THR D 3 8.21 -3.61 24.70
N TYR D 4 7.17 -2.83 24.40
CA TYR D 4 6.31 -2.23 25.41
C TYR D 4 4.85 -2.52 25.10
N THR D 5 4.59 -3.62 24.40
CA THR D 5 3.23 -3.95 23.98
C THR D 5 2.33 -4.22 25.19
N SER D 6 2.87 -4.86 26.23
CA SER D 6 2.08 -5.14 27.42
C SER D 6 1.69 -3.86 28.16
N GLN D 7 2.55 -2.84 28.11
CA GLN D 7 2.29 -1.60 28.81
C GLN D 7 1.25 -0.72 28.13
N VAL D 8 0.90 -1.01 26.87
CA VAL D 8 -0.05 -0.20 26.13
C VAL D 8 -1.21 -1.06 25.65
N ALA D 9 -1.53 -2.12 26.41
CA ALA D 9 -2.63 -2.99 26.05
C ALA D 9 -3.96 -2.25 26.09
N ASN D 10 -4.16 -1.42 27.12
CA ASN D 10 -5.37 -0.65 27.27
C ASN D 10 -5.04 0.84 27.30
N ALA D 11 -5.94 1.65 26.77
CA ALA D 11 -5.79 3.11 26.79
C ALA D 11 -6.25 3.61 28.15
N ARG D 12 -5.37 3.44 29.14
CA ARG D 12 -5.66 3.85 30.51
C ARG D 12 -5.30 5.33 30.68
N LEU D 13 -5.33 5.81 31.92
CA LEU D 13 -5.01 7.19 32.21
C LEU D 13 -3.52 7.43 32.00
N GLY D 14 -3.19 8.17 30.96
CA GLY D 14 -1.79 8.47 30.65
C GLY D 14 -0.96 7.26 30.33
N SER D 15 -1.48 6.37 29.48
CA SER D 15 -0.73 5.17 29.13
C SER D 15 0.55 5.49 28.38
N PHE D 16 0.50 6.43 27.44
CA PHE D 16 1.69 6.80 26.68
C PHE D 16 2.65 7.66 27.50
N SER D 17 2.14 8.39 28.50
CA SER D 17 3.00 9.22 29.32
C SER D 17 3.91 8.38 30.22
N ARG D 18 3.42 7.24 30.69
CA ARG D 18 4.25 6.35 31.49
C ARG D 18 5.41 5.78 30.70
N LEU D 19 5.33 5.80 29.37
CA LEU D 19 6.45 5.40 28.52
C LEU D 19 7.53 6.46 28.46
N LEU D 20 7.29 7.66 28.97
CA LEU D 20 8.31 8.70 28.99
C LEU D 20 9.37 8.46 30.05
N LEU D 21 9.15 7.52 30.97
CA LEU D 21 10.11 7.19 32.01
C LEU D 21 11.03 6.04 31.61
N CYS D 22 11.19 5.80 30.31
CA CYS D 22 12.05 4.74 29.80
C CYS D 22 13.36 5.35 29.30
N TRP D 23 14.42 4.55 29.34
CA TRP D 23 15.72 4.97 28.85
C TRP D 23 16.22 4.17 27.66
N ARG D 24 16.07 2.84 27.69
CA ARG D 24 16.51 2.03 26.56
C ARG D 24 15.60 2.26 25.36
N GLY D 25 16.20 2.55 24.20
CA GLY D 25 15.43 2.83 23.02
C GLY D 25 14.58 4.08 23.12
N SER D 26 14.98 5.02 23.96
CA SER D 26 14.22 6.23 24.21
C SER D 26 14.76 7.37 23.36
N ILE D 27 13.99 8.47 23.34
CA ILE D 27 14.41 9.64 22.57
C ILE D 27 15.52 10.39 23.28
N TYR D 28 15.57 10.35 24.62
CA TYR D 28 16.66 10.99 25.34
C TYR D 28 18.00 10.35 25.01
N LYS D 29 18.02 9.02 24.94
CA LYS D 29 19.25 8.30 24.63
C LYS D 29 19.76 8.66 23.24
N LEU D 30 18.85 8.85 22.29
CA LEU D 30 19.22 9.19 20.92
C LEU D 30 19.43 10.69 20.72
N LEU D 31 19.06 11.52 21.69
CA LEU D 31 19.03 12.96 21.48
C LEU D 31 19.92 13.77 22.41
N TYR D 32 20.48 13.16 23.46
CA TYR D 32 21.15 13.98 24.48
C TYR D 32 22.40 14.67 23.93
N GLY D 33 23.19 13.99 23.10
CA GLY D 33 24.38 14.62 22.55
C GLY D 33 24.08 15.77 21.62
N GLU D 34 23.12 15.58 20.70
CA GLU D 34 22.72 16.65 19.81
C GLU D 34 22.14 17.82 20.58
N PHE D 35 21.32 17.54 21.60
CA PHE D 35 20.72 18.61 22.38
C PHE D 35 21.78 19.36 23.19
N LEU D 36 22.79 18.66 23.70
CA LEU D 36 23.86 19.35 24.41
C LEU D 36 24.65 20.25 23.47
N ILE D 37 24.93 19.78 22.25
CA ILE D 37 25.63 20.62 21.28
C ILE D 37 24.79 21.86 20.93
N PHE D 38 23.50 21.65 20.69
CA PHE D 38 22.61 22.77 20.36
C PHE D 38 22.51 23.76 21.51
N LEU D 39 22.41 23.25 22.74
CA LEU D 39 22.35 24.10 23.92
C LEU D 39 23.61 24.93 24.06
N LEU D 40 24.77 24.29 23.88
CA LEU D 40 26.04 25.01 24.00
C LEU D 40 26.14 26.09 22.94
N CYS D 41 25.79 25.78 21.69
CA CYS D 41 25.86 26.78 20.64
C CYS D 41 24.89 27.94 20.90
N TYR D 42 23.66 27.62 21.32
CA TYR D 42 22.67 28.67 21.57
C TYR D 42 23.14 29.61 22.67
N TYR D 43 23.65 29.05 23.77
CA TYR D 43 24.04 29.91 24.88
C TYR D 43 25.37 30.62 24.63
N ILE D 44 26.24 30.05 23.80
CA ILE D 44 27.42 30.79 23.37
C ILE D 44 27.00 32.00 22.55
N ILE D 45 26.04 31.82 21.62
CA ILE D 45 25.55 32.96 20.85
C ILE D 45 24.88 33.99 21.75
N ARG D 46 24.13 33.52 22.76
CA ARG D 46 23.48 34.43 23.68
C ARG D 46 24.50 35.24 24.47
N PHE D 47 25.55 34.60 24.97
CA PHE D 47 26.57 35.31 25.73
C PHE D 47 27.36 36.28 24.85
N ILE D 48 27.60 35.90 23.59
CA ILE D 48 28.26 36.82 22.67
C ILE D 48 27.39 38.05 22.42
N TYR D 49 26.08 37.84 22.23
CA TYR D 49 25.18 38.96 22.03
C TYR D 49 25.10 39.86 23.26
N ARG D 50 25.07 39.27 24.45
CA ARG D 50 24.86 40.05 25.66
C ARG D 50 26.12 40.76 26.12
N LEU D 51 27.23 40.02 26.28
CA LEU D 51 28.41 40.53 26.95
C LEU D 51 29.61 40.70 26.02
N ALA D 52 29.40 40.68 24.70
CA ALA D 52 30.53 40.80 23.79
C ALA D 52 30.24 41.67 22.58
N LEU D 53 29.13 42.39 22.55
CA LEU D 53 28.77 43.23 21.42
C LEU D 53 28.48 44.65 21.90
N THR D 54 28.87 45.63 21.08
CA THR D 54 28.56 47.02 21.37
C THR D 54 27.09 47.30 21.05
N GLU D 55 26.66 48.52 21.38
CA GLU D 55 25.25 48.87 21.21
C GLU D 55 24.84 48.82 19.75
N GLU D 56 25.68 49.34 18.86
CA GLU D 56 25.40 49.24 17.42
C GLU D 56 25.44 47.79 16.96
N GLN D 57 26.43 47.02 17.45
CA GLN D 57 26.50 45.61 17.12
C GLN D 57 25.31 44.85 17.67
N GLN D 58 24.84 45.22 18.87
CA GLN D 58 23.63 44.60 19.41
C GLN D 58 22.41 44.94 18.57
N LEU D 59 22.32 46.18 18.07
CA LEU D 59 21.22 46.53 17.19
C LEU D 59 21.26 45.73 15.90
N MET D 60 22.46 45.55 15.33
CA MET D 60 22.60 44.72 14.14
C MET D 60 22.19 43.29 14.42
N PHE D 61 22.57 42.75 15.58
CA PHE D 61 22.18 41.40 15.94
C PHE D 61 20.67 41.27 16.12
N GLU D 62 20.04 42.31 16.68
CA GLU D 62 18.59 42.27 16.85
C GLU D 62 17.87 42.30 15.51
N LYS D 63 18.34 43.13 14.57
CA LYS D 63 17.77 43.12 13.22
C LYS D 63 17.97 41.77 12.57
N LEU D 64 19.16 41.18 12.74
CA LEU D 64 19.43 39.84 12.18
C LEU D 64 18.51 38.80 12.82
N THR D 65 18.25 38.90 14.12
CA THR D 65 17.40 37.95 14.79
C THR D 65 15.97 38.03 14.27
N LEU D 66 15.45 39.24 14.09
CA LEU D 66 14.12 39.38 13.50
C LEU D 66 14.09 38.83 12.07
N TYR D 67 15.14 39.11 11.29
CA TYR D 67 15.21 38.61 9.92
C TYR D 67 15.23 37.10 9.89
N CYS D 68 16.01 36.46 10.77
CA CYS D 68 16.05 35.01 10.83
C CYS D 68 14.72 34.43 11.28
N ASP D 69 14.09 35.02 12.30
CA ASP D 69 12.83 34.51 12.80
C ASP D 69 11.71 34.65 11.77
N SER D 70 11.84 35.59 10.83
CA SER D 70 10.90 35.63 9.72
C SER D 70 11.09 34.48 8.74
N TYR D 71 12.17 33.72 8.85
CA TYR D 71 12.48 32.64 7.90
C TYR D 71 12.23 31.25 8.47
N ILE D 72 11.85 31.14 9.74
CA ILE D 72 11.70 29.83 10.39
C ILE D 72 10.29 29.33 10.11
N GLN D 73 10.18 28.35 9.21
CA GLN D 73 8.89 27.86 8.72
C GLN D 73 8.66 26.44 9.20
N LEU D 74 7.40 26.13 9.50
CA LEU D 74 7.01 24.85 10.09
C LEU D 74 6.59 23.83 9.04
N ILE D 75 5.87 24.28 8.01
CA ILE D 75 5.26 23.33 7.06
C ILE D 75 6.30 22.54 6.27
N PRO D 76 7.32 23.14 5.66
CA PRO D 76 8.22 22.33 4.81
C PRO D 76 8.98 21.26 5.57
N ILE D 77 9.54 21.60 6.73
CA ILE D 77 10.31 20.61 7.49
C ILE D 77 9.39 19.50 7.99
N SER D 78 8.20 19.87 8.46
CA SER D 78 7.24 18.86 8.92
C SER D 78 6.84 17.92 7.79
N PHE D 79 6.59 18.46 6.60
CA PHE D 79 6.17 17.63 5.48
C PHE D 79 7.28 16.70 5.01
N VAL D 80 8.50 17.24 4.86
CA VAL D 80 9.60 16.39 4.40
C VAL D 80 9.93 15.33 5.44
N LEU D 81 9.88 15.69 6.73
CA LEU D 81 10.11 14.71 7.78
C LEU D 81 9.03 13.65 7.79
N GLY D 82 7.77 14.05 7.63
CA GLY D 82 6.69 13.08 7.65
C GLY D 82 6.81 12.08 6.51
N PHE D 83 7.05 12.58 5.30
CA PHE D 83 7.18 11.68 4.15
C PHE D 83 8.41 10.79 4.27
N TYR D 84 9.55 11.34 4.68
CA TYR D 84 10.76 10.54 4.79
C TYR D 84 10.65 9.48 5.89
N VAL D 85 10.10 9.86 7.05
CA VAL D 85 9.95 8.91 8.14
C VAL D 85 8.91 7.85 7.79
N THR D 86 7.85 8.21 7.07
CA THR D 86 6.90 7.21 6.61
C THR D 86 7.58 6.21 5.68
N LEU D 87 8.43 6.70 4.77
CA LEU D 87 9.18 5.81 3.91
C LEU D 87 10.09 4.89 4.72
N VAL D 88 10.79 5.45 5.71
CA VAL D 88 11.72 4.67 6.52
C VAL D 88 10.98 3.61 7.32
N VAL D 89 9.83 3.95 7.89
CA VAL D 89 9.06 2.99 8.68
C VAL D 89 8.47 1.90 7.80
N THR D 90 7.99 2.26 6.60
CA THR D 90 7.49 1.26 5.68
C THR D 90 8.60 0.29 5.28
N ARG D 91 9.78 0.82 4.96
CA ARG D 91 10.90 -0.05 4.62
C ARG D 91 11.35 -0.89 5.80
N TRP D 92 11.27 -0.35 7.02
CA TRP D 92 11.65 -1.08 8.22
C TRP D 92 10.74 -2.27 8.46
N TRP D 93 9.43 -2.06 8.34
CA TRP D 93 8.51 -3.18 8.51
C TRP D 93 8.61 -4.17 7.36
N ASN D 94 8.88 -3.70 6.14
CA ASN D 94 9.11 -4.61 5.03
C ASN D 94 10.37 -5.45 5.25
N GLN D 95 11.42 -4.84 5.79
CA GLN D 95 12.63 -5.60 6.10
C GLN D 95 12.35 -6.64 7.17
N TYR D 96 11.52 -6.30 8.16
CA TYR D 96 11.15 -7.32 9.14
C TYR D 96 10.35 -8.44 8.50
N GLU D 97 9.40 -8.12 7.63
CA GLU D 97 8.55 -9.14 7.03
C GLU D 97 9.32 -10.07 6.09
N ASN D 98 10.53 -9.71 5.71
CA ASN D 98 11.37 -10.56 4.88
C ASN D 98 12.41 -11.31 5.69
N LEU D 99 12.31 -11.29 7.01
CA LEU D 99 13.13 -12.17 7.84
C LEU D 99 12.63 -13.60 7.67
N PRO D 100 13.47 -14.54 7.25
CA PRO D 100 12.97 -15.88 6.92
C PRO D 100 12.72 -16.71 8.17
N TRP D 101 11.54 -17.32 8.23
CA TRP D 101 11.17 -18.26 9.29
C TRP D 101 10.97 -19.63 8.67
N PRO D 102 11.67 -20.65 9.14
CA PRO D 102 11.61 -21.96 8.47
C PRO D 102 10.46 -22.84 8.93
N ASP D 103 9.46 -22.25 9.57
CA ASP D 103 8.42 -23.04 10.24
C ASP D 103 7.57 -23.83 9.24
N ARG D 104 7.12 -23.19 8.17
CA ARG D 104 6.38 -23.91 7.14
C ARG D 104 7.26 -24.97 6.50
N LEU D 105 8.50 -24.62 6.17
CA LEU D 105 9.41 -25.57 5.57
C LEU D 105 9.76 -26.69 6.52
N MET D 106 9.95 -26.38 7.81
CA MET D 106 10.28 -27.44 8.75
C MET D 106 9.10 -28.38 8.98
N SER D 107 7.87 -27.86 8.93
CA SER D 107 6.71 -28.74 8.97
C SER D 107 6.69 -29.67 7.76
N LEU D 108 6.95 -29.13 6.58
CA LEU D 108 6.92 -29.96 5.38
C LEU D 108 8.07 -30.97 5.37
N VAL D 109 9.23 -30.61 5.91
CA VAL D 109 10.35 -31.56 5.98
C VAL D 109 10.04 -32.65 6.99
N SER D 110 9.46 -32.28 8.14
CA SER D 110 9.11 -33.28 9.14
C SER D 110 8.06 -34.25 8.61
N GLY D 111 7.10 -33.77 7.85
CA GLY D 111 6.06 -34.63 7.30
C GLY D 111 6.47 -35.44 6.09
N PHE D 112 6.90 -34.76 5.03
CA PHE D 112 7.05 -35.38 3.72
C PHE D 112 8.21 -36.37 3.69
N VAL D 113 9.37 -35.97 4.22
CA VAL D 113 10.56 -36.81 4.13
C VAL D 113 10.45 -37.92 5.16
N GLU D 114 10.40 -39.16 4.68
CA GLU D 114 10.10 -40.32 5.50
C GLU D 114 11.37 -41.05 5.90
N GLY D 115 11.24 -41.88 6.94
CA GLY D 115 12.35 -42.66 7.44
C GLY D 115 12.72 -42.33 8.88
N LYS D 116 12.44 -43.26 9.79
CA LYS D 116 12.85 -43.15 11.17
C LYS D 116 14.27 -43.66 11.40
N ASP D 117 14.93 -44.15 10.37
CA ASP D 117 16.28 -44.68 10.49
C ASP D 117 17.28 -43.51 10.52
N GLU D 118 18.57 -43.84 10.48
CA GLU D 118 19.59 -42.80 10.51
C GLU D 118 19.65 -42.02 9.21
N GLN D 119 19.38 -42.69 8.08
CA GLN D 119 19.49 -42.01 6.78
C GLN D 119 18.42 -40.95 6.63
N GLY D 120 17.17 -41.28 6.95
CA GLY D 120 16.10 -40.30 6.82
C GLY D 120 16.23 -39.15 7.81
N ARG D 121 16.65 -39.47 9.04
CA ARG D 121 16.89 -38.44 10.03
C ARG D 121 17.99 -37.49 9.58
N LEU D 122 19.09 -38.06 9.07
CA LEU D 122 20.19 -37.24 8.56
C LEU D 122 19.74 -36.40 7.38
N LEU D 123 18.90 -36.95 6.52
CA LEU D 123 18.42 -36.22 5.36
C LEU D 123 17.56 -35.03 5.77
N ARG D 124 16.63 -35.24 6.72
CA ARG D 124 15.79 -34.14 7.20
C ARG D 124 16.63 -33.07 7.88
N ARG D 125 17.58 -33.49 8.73
CA ARG D 125 18.44 -32.52 9.39
C ARG D 125 19.27 -31.74 8.39
N THR D 126 19.76 -32.40 7.35
CA THR D 126 20.57 -31.72 6.33
C THR D 126 19.74 -30.72 5.54
N LEU D 127 18.49 -31.07 5.22
CA LEU D 127 17.64 -30.12 4.49
C LEU D 127 17.34 -28.88 5.33
N ILE D 128 16.91 -29.10 6.58
CA ILE D 128 16.59 -27.95 7.42
C ILE D 128 17.85 -27.16 7.76
N ARG D 129 19.00 -27.81 7.81
CA ARG D 129 20.27 -27.11 8.02
C ARG D 129 20.67 -26.30 6.81
N TYR D 130 20.36 -26.78 5.59
CA TYR D 130 20.58 -25.95 4.42
C TYR D 130 19.74 -24.69 4.47
N ALA D 131 18.47 -24.83 4.88
CA ALA D 131 17.62 -23.66 5.03
C ALA D 131 18.21 -22.67 6.05
N ASN D 132 18.59 -23.17 7.22
CA ASN D 132 19.16 -22.32 8.25
C ASN D 132 20.49 -21.72 7.83
N LEU D 133 21.29 -22.47 7.07
CA LEU D 133 22.57 -21.95 6.59
C LEU D 133 22.37 -20.80 5.61
N GLY D 134 21.42 -20.93 4.69
CA GLY D 134 21.12 -19.81 3.80
C GLY D 134 20.64 -18.59 4.57
N ASN D 135 19.75 -18.81 5.56
CA ASN D 135 19.27 -17.70 6.36
C ASN D 135 20.41 -17.01 7.10
N VAL D 136 21.30 -17.79 7.73
CA VAL D 136 22.37 -17.20 8.51
C VAL D 136 23.40 -16.53 7.60
N LEU D 137 23.59 -17.05 6.38
CA LEU D 137 24.49 -16.40 5.44
C LEU D 137 23.97 -15.01 5.07
N ILE D 138 22.70 -14.92 4.70
CA ILE D 138 22.18 -13.59 4.36
C ILE D 138 22.16 -12.67 5.58
N LEU D 139 21.91 -13.23 6.77
CA LEU D 139 21.84 -12.39 7.97
C LEU D 139 23.21 -11.86 8.36
N ARG D 140 24.25 -12.69 8.29
CA ARG D 140 25.60 -12.17 8.53
C ARG D 140 26.07 -11.26 7.41
N SER D 141 25.44 -11.34 6.23
CA SER D 141 25.71 -10.35 5.21
C SER D 141 25.08 -9.00 5.54
N VAL D 142 23.89 -9.00 6.14
CA VAL D 142 23.14 -7.78 6.33
C VAL D 142 23.13 -7.26 7.77
N SER D 143 23.42 -8.09 8.76
CA SER D 143 23.31 -7.69 10.16
C SER D 143 24.69 -7.61 10.79
N THR D 144 24.95 -6.50 11.48
CA THR D 144 26.27 -6.31 12.09
C THR D 144 26.45 -7.17 13.33
N ALA D 145 25.38 -7.42 14.09
CA ALA D 145 25.48 -8.30 15.25
C ALA D 145 25.80 -9.73 14.82
N VAL D 146 25.14 -10.21 13.76
CA VAL D 146 25.39 -11.57 13.29
C VAL D 146 26.80 -11.67 12.70
N TYR D 147 27.26 -10.63 12.02
CA TYR D 147 28.63 -10.63 11.51
C TYR D 147 29.64 -10.62 12.65
N LYS D 148 29.37 -9.87 13.71
CA LYS D 148 30.26 -9.90 14.87
C LYS D 148 30.22 -11.27 15.55
N ARG D 149 29.10 -11.98 15.43
CA ARG D 149 29.04 -13.35 15.93
C ARG D 149 29.77 -14.32 15.02
N PHE D 150 29.67 -14.14 13.70
CA PHE D 150 30.32 -15.00 12.72
C PHE D 150 31.13 -14.14 11.77
N PRO D 151 32.31 -13.67 12.18
CA PRO D 151 33.13 -12.84 11.30
C PRO D 151 33.63 -13.56 10.05
N SER D 152 33.68 -14.89 10.07
CA SER D 152 34.15 -15.66 8.92
C SER D 152 33.26 -16.89 8.75
N ALA D 153 33.42 -17.57 7.62
CA ALA D 153 32.70 -18.82 7.40
C ALA D 153 33.21 -19.93 8.30
N GLN D 154 34.48 -19.84 8.72
CA GLN D 154 34.99 -20.80 9.69
C GLN D 154 34.28 -20.67 11.03
N HIS D 155 33.80 -19.47 11.36
CA HIS D 155 32.97 -19.30 12.55
C HIS D 155 31.63 -20.01 12.39
N LEU D 156 31.08 -20.00 11.16
CA LEU D 156 29.89 -20.78 10.90
C LEU D 156 30.15 -22.27 11.00
N VAL D 157 31.35 -22.72 10.61
CA VAL D 157 31.70 -24.12 10.77
C VAL D 157 31.81 -24.48 12.24
N GLN D 158 32.45 -23.63 13.05
CA GLN D 158 32.60 -23.90 14.47
C GLN D 158 31.29 -23.81 15.22
N ALA D 159 30.29 -23.11 14.68
CA ALA D 159 29.00 -22.97 15.32
C ALA D 159 27.99 -24.02 14.88
N GLY D 160 28.37 -24.90 13.96
CA GLY D 160 27.51 -25.98 13.54
C GLY D 160 26.53 -25.66 12.44
N PHE D 161 26.56 -24.45 11.89
CA PHE D 161 25.68 -24.12 10.78
C PHE D 161 26.19 -24.75 9.48
N MET D 162 27.48 -24.98 9.38
CA MET D 162 28.10 -25.49 8.17
C MET D 162 29.12 -26.56 8.54
N THR D 163 29.02 -27.72 7.90
CA THR D 163 30.01 -28.76 8.11
C THR D 163 31.28 -28.44 7.34
N PRO D 164 32.41 -29.02 7.72
CA PRO D 164 33.65 -28.78 6.95
C PRO D 164 33.54 -29.16 5.49
N ALA D 165 32.79 -30.22 5.16
CA ALA D 165 32.57 -30.57 3.77
C ALA D 165 31.79 -29.48 3.04
N GLU D 166 30.76 -28.92 3.69
CA GLU D 166 30.01 -27.83 3.10
C GLU D 166 30.87 -26.59 2.92
N HIS D 167 31.76 -26.32 3.89
CA HIS D 167 32.68 -25.19 3.77
C HIS D 167 33.63 -25.38 2.60
N LYS D 168 34.18 -26.58 2.43
CA LYS D 168 35.05 -26.85 1.29
C LYS D 168 34.30 -26.73 -0.02
N GLN D 169 33.06 -27.20 -0.06
CA GLN D 169 32.25 -27.06 -1.27
C GLN D 169 31.97 -25.61 -1.59
N LEU D 170 31.67 -24.80 -0.57
CA LEU D 170 31.43 -23.37 -0.78
C LEU D 170 32.69 -22.67 -1.27
N GLU D 171 33.85 -23.04 -0.73
CA GLU D 171 35.10 -22.45 -1.20
C GLU D 171 35.40 -22.86 -2.64
N LYS D 172 35.05 -24.10 -3.02
CA LYS D 172 35.28 -24.55 -4.40
C LYS D 172 34.40 -23.79 -5.39
N LEU D 173 33.17 -23.50 -5.00
CA LEU D 173 32.21 -22.81 -5.87
C LEU D 173 32.37 -21.30 -5.87
N SER D 174 33.47 -20.77 -5.34
CA SER D 174 33.58 -19.35 -5.07
C SER D 174 33.44 -18.52 -6.35
N LEU D 175 32.61 -17.49 -6.26
CA LEU D 175 32.37 -16.50 -7.29
C LEU D 175 32.56 -15.13 -6.69
N PRO D 176 32.84 -14.10 -7.50
CA PRO D 176 33.04 -12.75 -6.96
C PRO D 176 31.73 -12.04 -6.60
N HIS D 177 30.84 -12.76 -5.93
CA HIS D 177 29.60 -12.20 -5.42
C HIS D 177 29.33 -12.81 -4.05
N ASN D 178 28.24 -12.39 -3.42
CA ASN D 178 27.81 -12.98 -2.16
C ASN D 178 27.18 -14.34 -2.43
N MET D 179 27.71 -15.38 -1.79
CA MET D 179 27.36 -16.75 -2.09
C MET D 179 26.24 -17.28 -1.20
N PHE D 180 25.34 -16.42 -0.74
CA PHE D 180 24.26 -16.87 0.14
C PHE D 180 23.26 -17.76 -0.56
N TRP D 181 23.18 -17.69 -1.89
CA TRP D 181 22.21 -18.43 -2.68
C TRP D 181 22.52 -19.92 -2.79
N VAL D 182 23.74 -20.33 -2.42
CA VAL D 182 24.16 -21.71 -2.67
C VAL D 182 23.32 -22.74 -1.91
N PRO D 183 23.02 -22.57 -0.62
CA PRO D 183 22.24 -23.60 0.08
C PRO D 183 20.86 -23.84 -0.51
N TRP D 184 20.29 -22.90 -1.26
CA TRP D 184 19.01 -23.16 -1.91
C TRP D 184 19.15 -24.15 -3.06
N VAL D 185 20.22 -24.01 -3.86
CA VAL D 185 20.50 -25.01 -4.89
C VAL D 185 20.84 -26.34 -4.26
N TRP D 186 21.56 -26.32 -3.14
CA TRP D 186 21.82 -27.56 -2.40
C TRP D 186 20.52 -28.21 -1.94
N PHE D 187 19.60 -27.41 -1.41
CA PHE D 187 18.31 -27.95 -0.96
C PHE D 187 17.54 -28.55 -2.13
N ALA D 188 17.51 -27.87 -3.28
CA ALA D 188 16.79 -28.39 -4.43
C ALA D 188 17.38 -29.72 -4.88
N ASN D 189 18.70 -29.81 -4.98
CA ASN D 189 19.33 -31.04 -5.43
C ASN D 189 19.15 -32.16 -4.42
N LEU D 190 19.27 -31.85 -3.13
CA LEU D 190 19.10 -32.89 -2.11
C LEU D 190 17.66 -33.37 -2.03
N SER D 191 16.70 -32.48 -2.24
CA SER D 191 15.30 -32.88 -2.26
C SER D 191 15.00 -33.73 -3.48
N MET D 192 15.57 -33.39 -4.64
CA MET D 192 15.40 -34.24 -5.81
C MET D 192 16.01 -35.62 -5.58
N LYS D 193 17.18 -35.66 -4.95
CA LYS D 193 17.81 -36.93 -4.61
C LYS D 193 16.95 -37.74 -3.64
N ALA D 194 16.33 -37.06 -2.67
CA ALA D 194 15.45 -37.73 -1.72
C ALA D 194 14.22 -38.31 -2.41
N TRP D 195 13.64 -37.56 -3.35
CA TRP D 195 12.49 -38.07 -4.08
C TRP D 195 12.88 -39.26 -4.96
N LEU D 196 14.04 -39.18 -5.63
CA LEU D 196 14.48 -40.29 -6.46
C LEU D 196 14.89 -41.50 -5.63
N GLY D 197 15.29 -41.29 -4.38
CA GLY D 197 15.64 -42.37 -3.49
C GLY D 197 14.48 -42.98 -2.73
N GLY D 198 13.26 -42.49 -2.94
CA GLY D 198 12.10 -43.01 -2.27
C GLY D 198 11.77 -42.38 -0.94
N ARG D 199 12.62 -41.47 -0.44
CA ARG D 199 12.35 -40.84 0.85
C ARG D 199 11.18 -39.86 0.76
N ILE D 200 10.94 -39.29 -0.41
CA ILE D 200 9.74 -38.49 -0.68
C ILE D 200 8.85 -39.32 -1.59
N ARG D 201 7.62 -39.59 -1.12
CA ARG D 201 6.78 -40.58 -1.78
C ARG D 201 6.21 -40.06 -3.09
N ASP D 202 5.85 -38.78 -3.15
CA ASP D 202 5.22 -38.23 -4.33
C ASP D 202 5.88 -36.92 -4.72
N PRO D 203 5.94 -36.61 -6.01
CA PRO D 203 6.50 -35.31 -6.43
C PRO D 203 5.66 -34.11 -6.05
N ILE D 204 4.40 -34.30 -5.64
CA ILE D 204 3.62 -33.19 -5.09
C ILE D 204 4.28 -32.66 -3.83
N LEU D 205 4.74 -33.58 -2.97
CA LEU D 205 5.44 -33.19 -1.75
C LEU D 205 6.75 -32.49 -2.06
N LEU D 206 7.46 -32.97 -3.09
CA LEU D 206 8.68 -32.33 -3.53
C LEU D 206 8.42 -30.91 -4.00
N GLN D 207 7.34 -30.71 -4.76
CA GLN D 207 6.98 -29.37 -5.21
C GLN D 207 6.65 -28.46 -4.04
N SER D 208 5.92 -28.97 -3.04
CA SER D 208 5.58 -28.16 -1.88
C SER D 208 6.83 -27.77 -1.11
N LEU D 209 7.76 -28.71 -0.92
CA LEU D 209 9.01 -28.41 -0.24
C LEU D 209 9.78 -27.31 -0.97
N LEU D 210 9.90 -27.44 -2.29
CA LEU D 210 10.67 -26.45 -3.04
C LEU D 210 9.95 -25.12 -3.14
N ASN D 211 8.61 -25.12 -3.05
CA ASN D 211 7.89 -23.85 -3.00
C ASN D 211 8.16 -23.11 -1.70
N GLU D 212 8.14 -23.82 -0.56
CA GLU D 212 8.50 -23.17 0.70
C GLU D 212 9.95 -22.71 0.68
N MET D 213 10.84 -23.53 0.11
N MET D 213 10.84 -23.51 0.10
CA MET D 213 12.24 -23.15 -0.01
CA MET D 213 12.24 -23.12 0.01
C MET D 213 12.41 -21.89 -0.85
C MET D 213 12.42 -21.88 -0.86
N ASN D 214 11.66 -21.80 -1.96
CA ASN D 214 11.75 -20.61 -2.81
C ASN D 214 11.16 -19.38 -2.13
N THR D 215 10.14 -19.56 -1.30
CA THR D 215 9.64 -18.44 -0.51
C THR D 215 10.72 -17.90 0.43
N LEU D 216 11.44 -18.81 1.11
CA LEU D 216 12.55 -18.38 1.95
C LEU D 216 13.63 -17.69 1.13
N ARG D 217 13.90 -18.22 -0.07
CA ARG D 217 14.90 -17.60 -0.95
C ARG D 217 14.49 -16.18 -1.33
N THR D 218 13.21 -15.98 -1.64
CA THR D 218 12.72 -14.64 -1.98
C THR D 218 12.85 -13.69 -0.79
N GLN D 219 12.54 -14.18 0.41
CA GLN D 219 12.71 -13.33 1.60
C GLN D 219 14.17 -12.93 1.79
N CYS D 220 15.09 -13.88 1.63
CA CYS D 220 16.51 -13.57 1.80
C CYS D 220 17.00 -12.64 0.70
N GLY D 221 16.50 -12.78 -0.51
CA GLY D 221 16.84 -11.86 -1.57
C GLY D 221 16.33 -10.46 -1.30
N HIS D 222 15.14 -10.35 -0.72
CA HIS D 222 14.64 -9.04 -0.32
C HIS D 222 15.49 -8.42 0.78
N LEU D 223 15.96 -9.24 1.72
CA LEU D 223 16.87 -8.72 2.74
C LEU D 223 18.17 -8.20 2.11
N TYR D 224 18.73 -8.96 1.18
CA TYR D 224 19.92 -8.50 0.47
C TYR D 224 19.65 -7.22 -0.30
N ALA D 225 18.47 -7.13 -0.92
CA ALA D 225 18.10 -5.94 -1.68
C ALA D 225 18.01 -4.71 -0.78
N TYR D 226 17.37 -4.85 0.38
CA TYR D 226 17.26 -3.73 1.29
C TYR D 226 18.61 -3.33 1.87
N ASP D 227 19.49 -4.29 2.11
CA ASP D 227 20.84 -3.95 2.55
C ASP D 227 21.62 -3.25 1.45
N TRP D 228 21.43 -3.66 0.20
CA TRP D 228 22.18 -3.10 -0.91
C TRP D 228 21.59 -1.78 -1.38
N ILE D 229 20.34 -1.79 -1.79
CA ILE D 229 19.69 -0.59 -2.32
C ILE D 229 19.20 0.25 -1.15
N SER D 230 20.04 1.17 -0.68
CA SER D 230 19.66 2.06 0.39
C SER D 230 18.65 3.08 -0.10
N ILE D 231 18.04 3.77 0.85
CA ILE D 231 17.30 4.99 0.49
C ILE D 231 18.27 5.95 -0.16
N PRO D 232 17.92 6.57 -1.30
CA PRO D 232 18.91 7.39 -2.01
C PRO D 232 19.51 8.46 -1.13
N LEU D 233 20.82 8.62 -1.23
CA LEU D 233 21.55 9.53 -0.35
C LEU D 233 21.06 10.96 -0.49
N VAL D 234 20.55 11.33 -1.66
CA VAL D 234 20.07 12.68 -1.87
C VAL D 234 18.86 12.98 -1.01
N TYR D 235 17.95 12.00 -0.86
CA TYR D 235 16.77 12.22 -0.02
C TYR D 235 17.14 12.33 1.45
N THR D 236 18.02 11.46 1.92
CA THR D 236 18.52 11.54 3.29
C THR D 236 19.16 12.89 3.55
N GLN D 237 20.06 13.31 2.64
CA GLN D 237 20.71 14.60 2.78
C GLN D 237 19.71 15.75 2.71
N VAL D 238 18.64 15.61 1.93
CA VAL D 238 17.60 16.64 1.87
C VAL D 238 16.95 16.81 3.23
N VAL D 239 16.58 15.69 3.87
CA VAL D 239 15.93 15.79 5.17
C VAL D 239 16.91 16.31 6.22
N THR D 240 18.16 15.86 6.17
CA THR D 240 19.17 16.34 7.12
C THR D 240 19.40 17.84 6.95
N VAL D 241 19.47 18.30 5.70
CA VAL D 241 19.66 19.73 5.43
C VAL D 241 18.47 20.53 5.90
N ALA D 242 17.25 20.01 5.69
CA ALA D 242 16.07 20.71 6.17
C ALA D 242 16.11 20.89 7.68
N VAL D 243 16.36 19.80 8.42
CA VAL D 243 16.37 19.89 9.88
C VAL D 243 17.50 20.80 10.36
N TYR D 244 18.70 20.62 9.79
CA TYR D 244 19.85 21.37 10.26
C TYR D 244 19.76 22.85 9.91
N SER D 245 19.20 23.18 8.74
CA SER D 245 19.00 24.58 8.39
C SER D 245 17.92 25.20 9.28
N PHE D 246 16.87 24.44 9.58
CA PHE D 246 15.84 24.94 10.50
C PHE D 246 16.46 25.32 11.83
N PHE D 247 17.28 24.45 12.40
CA PHE D 247 17.79 24.74 13.73
C PHE D 247 19.01 25.66 13.72
N LEU D 248 19.74 25.74 12.60
CA LEU D 248 20.75 26.79 12.45
C LEU D 248 20.08 28.17 12.41
N THR D 249 18.95 28.28 11.71
CA THR D 249 18.21 29.53 11.73
C THR D 249 17.64 29.82 13.12
N CYS D 250 17.16 28.79 13.81
CA CYS D 250 16.68 28.96 15.18
C CYS D 250 17.79 29.36 16.15
N LEU D 251 19.04 29.01 15.84
CA LEU D 251 20.15 29.35 16.71
C LEU D 251 20.30 30.86 16.87
N VAL D 252 19.88 31.63 15.88
CA VAL D 252 19.98 33.09 15.91
C VAL D 252 18.61 33.73 16.07
N GLY D 253 17.62 33.27 15.32
CA GLY D 253 16.31 33.90 15.32
C GLY D 253 15.50 33.67 16.57
N ARG D 254 15.83 32.64 17.35
CA ARG D 254 15.12 32.35 18.59
C ARG D 254 15.83 32.89 19.81
N GLN D 255 16.84 33.73 19.63
CA GLN D 255 17.47 34.41 20.75
C GLN D 255 16.51 35.39 21.39
N PHE D 256 16.52 35.45 22.72
CA PHE D 256 15.70 36.41 23.45
C PHE D 256 16.33 37.79 23.33
N LEU D 257 15.72 38.66 22.53
CA LEU D 257 16.24 40.01 22.40
C LEU D 257 15.94 40.82 23.65
N ASN D 258 16.58 41.98 23.75
CA ASN D 258 16.48 42.81 24.94
C ASN D 258 15.05 43.32 25.10
N PRO D 259 14.38 43.05 26.22
CA PRO D 259 12.98 43.47 26.37
C PRO D 259 12.81 44.98 26.43
N ALA D 260 13.86 45.74 26.76
CA ALA D 260 13.75 47.19 26.79
C ALA D 260 13.60 47.79 25.40
N LYS D 261 13.93 47.03 24.36
CA LYS D 261 13.81 47.49 22.98
C LYS D 261 12.39 47.43 22.45
N ALA D 262 11.47 46.81 23.19
CA ALA D 262 10.05 46.74 22.82
C ALA D 262 9.85 46.11 21.45
N TYR D 263 10.66 45.10 21.14
CA TYR D 263 10.47 44.36 19.90
C TYR D 263 9.22 43.47 20.02
N PRO D 264 8.39 43.44 18.99
CA PRO D 264 7.21 42.55 19.03
C PRO D 264 7.63 41.09 19.06
N GLY D 265 7.05 40.34 19.99
CA GLY D 265 7.41 38.96 20.19
C GLY D 265 8.60 38.74 21.10
N HIS D 266 9.25 39.81 21.55
CA HIS D 266 10.41 39.74 22.44
C HIS D 266 10.17 40.60 23.67
N GLU D 267 8.99 40.50 24.24
CA GLU D 267 8.62 41.27 25.42
C GLU D 267 8.97 40.60 26.73
N LEU D 268 9.43 39.34 26.70
CA LEU D 268 9.72 38.59 27.92
C LEU D 268 10.95 37.73 27.67
N ASP D 269 12.05 38.07 28.33
CA ASP D 269 13.28 37.28 28.25
C ASP D 269 13.20 36.15 29.28
N LEU D 270 13.04 34.92 28.80
CA LEU D 270 12.98 33.75 29.66
C LEU D 270 14.28 32.96 29.68
N VAL D 271 15.33 33.46 29.02
CA VAL D 271 16.65 32.82 28.96
C VAL D 271 16.56 31.47 28.25
N VAL D 272 15.75 30.56 28.77
CA VAL D 272 15.59 29.23 28.19
C VAL D 272 14.49 29.30 27.13
N PRO D 273 14.81 29.04 25.86
CA PRO D 273 13.76 28.96 24.82
C PRO D 273 13.03 27.62 24.88
N VAL D 274 12.06 27.54 25.78
CA VAL D 274 11.37 26.28 26.03
C VAL D 274 10.66 25.79 24.78
N PHE D 275 10.09 26.70 24.00
CA PHE D 275 9.39 26.29 22.79
C PHE D 275 10.37 25.88 21.70
N THR D 276 11.49 26.57 21.58
CA THR D 276 12.52 26.16 20.63
C THR D 276 13.10 24.80 21.01
N PHE D 277 13.31 24.57 22.31
CA PHE D 277 13.82 23.28 22.75
C PHE D 277 12.80 22.17 22.55
N LEU D 278 11.51 22.48 22.72
CA LEU D 278 10.46 21.51 22.41
C LEU D 278 10.43 21.21 20.91
N GLN D 279 10.62 22.23 20.07
CA GLN D 279 10.71 22.00 18.63
C GLN D 279 11.91 21.13 18.28
N PHE D 280 13.04 21.38 18.93
CA PHE D 280 14.21 20.52 18.74
C PHE D 280 13.89 19.09 19.12
N PHE D 281 13.27 18.91 20.30
CA PHE D 281 12.81 17.61 20.73
C PHE D 281 11.99 16.93 19.64
N PHE D 282 10.91 17.57 19.21
CA PHE D 282 9.99 16.95 18.26
C PHE D 282 10.68 16.64 16.94
N TYR D 283 11.33 17.63 16.33
CA TYR D 283 11.84 17.46 14.97
C TYR D 283 13.07 16.57 14.93
N VAL D 284 14.02 16.74 15.85
CA VAL D 284 15.17 15.88 15.81
C VAL D 284 14.86 14.49 16.35
N GLY D 285 13.82 14.32 17.17
CA GLY D 285 13.39 12.97 17.51
C GLY D 285 12.68 12.30 16.35
N TRP D 286 11.93 13.07 15.58
CA TRP D 286 11.36 12.55 14.33
C TRP D 286 12.46 12.11 13.39
N LEU D 287 13.54 12.89 13.31
CA LEU D 287 14.69 12.50 12.50
C LEU D 287 15.39 11.28 13.08
N LYS D 288 15.47 11.17 14.41
CA LYS D 288 16.13 10.04 15.04
C LYS D 288 15.34 8.75 14.87
N VAL D 289 14.01 8.85 14.72
CA VAL D 289 13.23 7.68 14.34
C VAL D 289 13.77 7.09 13.03
N ALA D 290 13.96 7.95 12.04
CA ALA D 290 14.50 7.50 10.75
C ALA D 290 15.95 7.05 10.88
N GLU D 291 16.74 7.74 11.71
CA GLU D 291 18.14 7.37 11.88
C GLU D 291 18.29 6.00 12.51
N GLN D 292 17.40 5.66 13.44
CA GLN D 292 17.44 4.35 14.07
C GLN D 292 16.87 3.27 13.16
N LEU D 293 15.82 3.58 12.41
CA LEU D 293 15.13 2.57 11.62
C LEU D 293 15.68 2.40 10.21
N ILE D 294 16.60 3.24 9.77
CA ILE D 294 17.05 3.17 8.37
C ILE D 294 17.82 1.88 8.14
N ASN D 295 18.58 1.43 9.13
CA ASN D 295 19.22 0.11 9.12
C ASN D 295 18.76 -0.62 10.38
N PRO D 296 17.69 -1.40 10.30
CA PRO D 296 17.18 -2.10 11.49
C PRO D 296 17.98 -3.33 11.88
N PHE D 297 19.12 -3.58 11.22
CA PHE D 297 19.97 -4.72 11.53
C PHE D 297 21.29 -4.29 12.17
N GLY D 298 21.34 -3.06 12.69
CA GLY D 298 22.49 -2.60 13.43
C GLY D 298 22.45 -3.06 14.87
N GLU D 299 22.89 -2.21 15.79
CA GLU D 299 22.94 -2.57 17.20
C GLU D 299 22.23 -1.55 18.06
N ASP D 300 21.23 -0.88 17.52
CA ASP D 300 20.38 -0.02 18.33
C ASP D 300 19.49 -0.86 19.23
N ASP D 301 18.91 -0.21 20.24
CA ASP D 301 18.04 -0.91 21.17
C ASP D 301 16.79 -1.42 20.46
N ASP D 302 16.25 -0.64 19.53
CA ASP D 302 15.05 -1.02 18.79
C ASP D 302 15.35 -1.77 17.50
N ASP D 303 16.60 -2.10 17.23
CA ASP D 303 16.92 -2.92 16.08
C ASP D 303 16.55 -4.37 16.32
N PHE D 304 16.46 -5.13 15.23
CA PHE D 304 16.00 -6.51 15.31
C PHE D 304 17.01 -7.39 16.05
N GLU D 305 16.49 -8.31 16.86
CA GLU D 305 17.32 -9.28 17.58
C GLU D 305 17.58 -10.46 16.66
N THR D 306 18.52 -10.26 15.74
CA THR D 306 18.74 -11.26 14.69
C THR D 306 19.47 -12.49 15.23
N ASN D 307 20.35 -12.33 16.22
CA ASN D 307 21.03 -13.49 16.79
C ASN D 307 20.05 -14.41 17.51
N TRP D 308 19.10 -13.84 18.24
CA TRP D 308 18.07 -14.67 18.86
C TRP D 308 17.24 -15.38 17.81
N ILE D 309 16.91 -14.68 16.72
CA ILE D 309 16.15 -15.29 15.64
C ILE D 309 16.91 -16.46 15.04
N VAL D 310 18.22 -16.29 14.85
CA VAL D 310 19.06 -17.36 14.31
C VAL D 310 19.05 -18.58 15.24
N ASP D 311 19.29 -18.34 16.53
CA ASP D 311 19.34 -19.44 17.49
C ASP D 311 17.99 -20.15 17.59
N ARG D 312 16.91 -19.38 17.67
CA ARG D 312 15.58 -19.97 17.76
C ARG D 312 15.25 -20.77 16.52
N ASN D 313 15.58 -20.23 15.34
CA ASN D 313 15.30 -20.96 14.10
C ASN D 313 16.05 -22.28 14.07
N LEU D 314 17.34 -22.27 14.43
CA LEU D 314 18.11 -23.50 14.41
C LEU D 314 17.53 -24.54 15.37
N GLN D 315 17.28 -24.14 16.62
CA GLN D 315 16.77 -25.09 17.61
C GLN D 315 15.42 -25.63 17.21
N VAL D 316 14.49 -24.74 16.84
CA VAL D 316 13.13 -25.15 16.52
C VAL D 316 13.10 -26.02 15.27
N SER D 317 13.91 -25.68 14.27
CA SER D 317 13.95 -26.47 13.04
C SER D 317 14.48 -27.87 13.29
N LEU D 318 15.59 -27.98 14.03
CA LEU D 318 16.16 -29.30 14.30
C LEU D 318 15.20 -30.13 15.14
N LEU D 319 14.55 -29.52 16.13
CA LEU D 319 13.59 -30.26 16.94
C LEU D 319 12.39 -30.71 16.11
N ALA D 320 11.91 -29.85 15.22
CA ALA D 320 10.72 -30.19 14.44
C ALA D 320 11.01 -31.31 13.45
N VAL D 321 12.17 -31.27 12.79
CA VAL D 321 12.43 -32.27 11.77
C VAL D 321 13.02 -33.56 12.31
N ASP D 322 13.67 -33.54 13.47
CA ASP D 322 14.32 -34.74 14.01
C ASP D 322 13.48 -35.41 15.09
N GLU D 323 13.22 -34.71 16.19
CA GLU D 323 12.55 -35.34 17.32
C GLU D 323 11.06 -35.48 17.08
N MET D 324 10.44 -34.55 16.37
CA MET D 324 9.00 -34.50 16.20
C MET D 324 8.53 -35.19 14.93
N HIS D 325 9.41 -35.83 14.18
CA HIS D 325 9.01 -36.53 12.97
C HIS D 325 8.26 -37.80 13.35
N GLN D 326 6.98 -37.87 12.95
CA GLN D 326 6.10 -39.00 13.24
C GLN D 326 6.03 -39.30 14.73
N ASP D 327 6.27 -38.31 15.56
CA ASP D 327 6.17 -38.42 17.01
C ASP D 327 4.96 -37.58 17.42
N LEU D 328 3.80 -38.20 17.39
CA LEU D 328 2.55 -37.50 17.64
C LEU D 328 1.99 -37.84 19.01
N PRO D 329 1.29 -36.90 19.64
CA PRO D 329 0.57 -37.23 20.87
C PRO D 329 -0.55 -38.23 20.58
N ARG D 330 -0.92 -38.99 21.60
CA ARG D 330 -1.94 -40.01 21.43
C ARG D 330 -3.25 -39.39 20.98
N MET D 331 -3.86 -39.97 19.95
CA MET D 331 -5.10 -39.45 19.37
C MET D 331 -6.27 -40.04 20.14
N GLU D 332 -6.90 -39.21 20.97
CA GLU D 332 -8.00 -39.63 21.82
C GLU D 332 -9.16 -38.66 21.68
N PRO D 333 -10.39 -39.11 21.94
CA PRO D 333 -11.54 -38.19 21.86
C PRO D 333 -11.41 -37.04 22.83
N ASP D 334 -11.85 -35.86 22.40
CA ASP D 334 -11.70 -34.63 23.17
C ASP D 334 -12.86 -34.49 24.15
N MET D 335 -12.93 -33.34 24.82
CA MET D 335 -13.99 -33.09 25.80
C MET D 335 -15.35 -32.94 25.13
N TYR D 336 -15.39 -32.41 23.92
CA TYR D 336 -16.64 -32.14 23.21
C TYR D 336 -16.94 -33.22 22.18
N TRP D 337 -16.60 -34.47 22.51
CA TRP D 337 -16.81 -35.57 21.57
C TRP D 337 -18.29 -35.77 21.25
N ASN D 338 -19.15 -35.71 22.28
CA ASN D 338 -20.58 -35.87 22.10
C ASN D 338 -21.34 -34.56 22.30
N LYS D 339 -20.64 -33.44 22.30
CA LYS D 339 -21.26 -32.13 22.49
C LYS D 339 -21.30 -31.37 21.17
N PRO D 340 -22.47 -31.20 20.55
CA PRO D 340 -22.52 -30.50 19.25
C PRO D 340 -22.19 -29.03 19.33
N GLU D 341 -22.31 -28.41 20.50
CA GLU D 341 -22.01 -26.99 20.68
C GLU D 341 -21.01 -26.84 21.82
N PRO D 342 -19.72 -26.83 21.49
CA PRO D 342 -18.71 -26.65 22.55
C PRO D 342 -18.85 -25.30 23.22
N GLN D 343 -18.49 -25.26 24.50
CA GLN D 343 -18.52 -24.01 25.29
C GLN D 343 -17.42 -24.07 26.34
N PRO D 344 -16.20 -23.69 25.96
CA PRO D 344 -15.11 -23.65 26.93
C PRO D 344 -15.40 -22.64 28.03
N PRO D 345 -15.01 -22.93 29.27
CA PRO D 345 -15.32 -22.03 30.37
C PRO D 345 -14.49 -20.76 30.35
N TYR D 346 -14.99 -19.76 31.06
CA TYR D 346 -14.29 -18.50 31.27
C TYR D 346 -13.85 -18.41 32.73
N THR D 347 -12.70 -17.82 32.97
CA THR D 347 -12.25 -17.60 34.33
C THR D 347 -13.00 -16.41 34.95
N ALA D 348 -12.76 -16.18 36.24
CA ALA D 348 -13.37 -15.03 36.90
C ALA D 348 -12.82 -13.72 36.33
N ALA D 349 -11.53 -13.68 36.01
CA ALA D 349 -10.92 -12.49 35.44
C ALA D 349 -11.27 -12.28 33.97
N SER D 350 -11.91 -13.26 33.33
CA SER D 350 -12.24 -13.17 31.91
C SER D 350 -13.73 -13.33 31.62
N ALA D 351 -14.57 -13.46 32.64
CA ALA D 351 -15.99 -13.68 32.41
C ALA D 351 -16.66 -12.49 31.73
N GLN D 352 -16.07 -11.30 31.81
CA GLN D 352 -16.66 -10.12 31.19
C GLN D 352 -16.44 -10.07 29.69
N PHE D 353 -15.62 -10.96 29.14
CA PHE D 353 -15.38 -11.01 27.70
C PHE D 353 -16.27 -12.01 26.97
N ARG D 354 -17.19 -12.66 27.66
CA ARG D 354 -18.14 -13.56 27.03
C ARG D 354 -19.21 -12.70 26.36
N ARG D 355 -19.12 -12.54 25.05
CA ARG D 355 -19.96 -11.62 24.31
C ARG D 355 -20.81 -12.38 23.30
N ALA D 356 -22.01 -11.86 23.07
CA ALA D 356 -22.88 -12.42 22.03
C ALA D 356 -22.29 -12.14 20.65
N SER D 357 -22.63 -13.00 19.72
CA SER D 357 -22.05 -12.91 18.38
C SER D 357 -22.64 -11.73 17.61
N PHE D 358 -21.81 -11.16 16.74
CA PHE D 358 -22.27 -10.15 15.79
C PHE D 358 -22.88 -10.88 14.60
N MET D 359 -24.17 -10.64 14.36
CA MET D 359 -24.92 -11.33 13.32
C MET D 359 -25.02 -10.51 12.04
N GLY D 360 -24.26 -9.43 11.93
CA GLY D 360 -24.38 -8.53 10.82
C GLY D 360 -25.05 -7.23 11.24
N SER D 361 -24.72 -6.16 10.52
CA SER D 361 -25.27 -4.85 10.85
C SER D 361 -26.74 -4.72 10.46
N THR D 362 -27.24 -5.61 9.61
CA THR D 362 -28.62 -5.55 9.14
C THR D 362 -29.57 -6.39 9.97
N PHE D 363 -29.10 -6.99 11.06
CA PHE D 363 -29.93 -7.89 11.84
C PHE D 363 -31.08 -7.15 12.52
N ASN D 364 -30.82 -5.94 12.99
CA ASN D 364 -31.80 -5.18 13.78
C ASN D 364 -32.70 -4.31 12.92
N ILE D 365 -32.63 -4.42 11.60
CA ILE D 365 -33.50 -3.65 10.73
C ILE D 365 -34.93 -4.17 10.86
N SER D 366 -35.86 -3.26 11.17
CA SER D 366 -37.25 -3.61 11.41
C SER D 366 -38.09 -3.24 10.20
N LEU D 367 -38.82 -4.23 9.68
CA LEU D 367 -39.71 -4.03 8.54
C LEU D 367 -41.08 -4.61 8.86
N ASN D 368 -42.10 -4.03 8.24
CA ASN D 368 -43.48 -4.45 8.47
C ASN D 368 -43.85 -5.58 7.51
N LYS D 369 -45.05 -6.13 7.70
CA LYS D 369 -45.50 -7.24 6.86
C LYS D 369 -45.71 -6.80 5.42
N GLU D 370 -46.20 -5.57 5.22
CA GLU D 370 -46.49 -5.10 3.87
C GLU D 370 -45.22 -4.97 3.03
N GLU D 371 -44.15 -4.47 3.62
CA GLU D 371 -42.92 -4.23 2.88
C GLU D 371 -42.01 -5.45 2.80
N MET D 372 -42.31 -6.51 3.54
CA MET D 372 -41.55 -7.75 3.45
C MET D 372 -42.17 -8.76 2.50
N GLU D 373 -43.25 -8.40 1.81
CA GLU D 373 -43.90 -9.29 0.86
C GLU D 373 -43.25 -9.14 -0.52
N PHE D 374 -43.02 -10.27 -1.17
CA PHE D 374 -42.42 -10.26 -2.50
C PHE D 374 -43.40 -9.68 -3.52
N GLN D 375 -42.91 -8.78 -4.37
CA GLN D 375 -43.72 -8.22 -5.43
C GLN D 375 -43.79 -9.17 -6.62
N THR E 1 -14.59 -4.61 20.41
CA THR E 1 -15.09 -4.06 19.16
C THR E 1 -16.44 -3.39 19.34
N ILE E 2 -16.49 -2.09 19.04
CA ILE E 2 -17.73 -1.32 19.05
C ILE E 2 -18.17 -1.18 17.60
N THR E 3 -19.31 -1.77 17.26
CA THR E 3 -19.82 -1.77 15.91
C THR E 3 -20.94 -0.75 15.79
N TYR E 4 -20.77 0.22 14.89
CA TYR E 4 -21.80 1.19 14.57
C TYR E 4 -22.06 1.23 13.07
N THR E 5 -21.83 0.10 12.39
CA THR E 5 -21.97 0.05 10.94
C THR E 5 -23.43 0.29 10.52
N SER E 6 -24.38 -0.23 11.29
CA SER E 6 -25.78 -0.05 10.95
C SER E 6 -26.21 1.40 11.05
N GLN E 7 -25.61 2.16 11.96
CA GLN E 7 -25.98 3.55 12.18
C GLN E 7 -25.43 4.49 11.13
N VAL E 8 -24.44 4.05 10.34
CA VAL E 8 -23.82 4.92 9.34
C VAL E 8 -23.98 4.29 7.96
N ALA E 9 -25.03 3.51 7.77
CA ALA E 9 -25.28 2.90 6.47
C ALA E 9 -25.55 3.95 5.41
N ASN E 10 -26.32 4.98 5.75
CA ASN E 10 -26.62 6.08 4.85
C ASN E 10 -26.09 7.38 5.44
N ALA E 11 -25.69 8.29 4.56
CA ALA E 11 -25.21 9.61 4.98
C ALA E 11 -26.42 10.51 5.22
N ARG E 12 -27.10 10.27 6.34
CA ARG E 12 -28.28 11.04 6.70
C ARG E 12 -27.87 12.35 7.36
N LEU E 13 -28.89 13.12 7.75
CA LEU E 13 -28.66 14.41 8.39
C LEU E 13 -28.00 14.21 9.76
N GLY E 14 -26.74 14.60 9.87
CA GLY E 14 -26.01 14.45 11.11
C GLY E 14 -25.79 13.00 11.50
N SER E 15 -25.38 12.18 10.55
CA SER E 15 -25.14 10.77 10.85
C SER E 15 -23.98 10.60 11.83
N PHE E 16 -22.91 11.36 11.63
CA PHE E 16 -21.78 11.31 12.56
C PHE E 16 -22.05 12.08 13.84
N SER E 17 -22.99 13.02 13.83
CA SER E 17 -23.33 13.77 15.04
C SER E 17 -23.98 12.86 16.08
N ARG E 18 -24.83 11.94 15.64
CA ARG E 18 -25.47 11.02 16.57
C ARG E 18 -24.47 10.06 17.21
N LEU E 19 -23.33 9.84 16.58
CA LEU E 19 -22.28 9.02 17.18
C LEU E 19 -21.61 9.71 18.35
N LEU E 20 -21.77 11.02 18.49
CA LEU E 20 -21.25 11.74 19.65
C LEU E 20 -22.05 11.46 20.91
N LEU E 21 -23.22 10.83 20.79
CA LEU E 21 -24.03 10.45 21.93
C LEU E 21 -23.75 9.04 22.41
N CYS E 22 -22.56 8.52 22.13
CA CYS E 22 -22.16 7.18 22.53
C CYS E 22 -21.15 7.27 23.67
N TRP E 23 -21.09 6.22 24.49
CA TRP E 23 -20.19 6.16 25.62
C TRP E 23 -19.11 5.09 25.48
N ARG E 24 -19.50 3.87 25.10
CA ARG E 24 -18.52 2.80 24.97
C ARG E 24 -17.64 3.02 23.74
N GLY E 25 -16.32 2.95 23.94
CA GLY E 25 -15.39 3.19 22.86
C GLY E 25 -15.35 4.61 22.38
N SER E 26 -15.80 5.56 23.19
CA SER E 26 -15.97 6.93 22.77
C SER E 26 -14.77 7.79 23.17
N ILE E 27 -14.80 9.04 22.75
CA ILE E 27 -13.78 10.00 23.14
C ILE E 27 -13.84 10.25 24.65
N TYR E 28 -15.05 10.43 25.18
CA TYR E 28 -15.21 10.77 26.58
C TYR E 28 -14.69 9.67 27.50
N LYS E 29 -15.01 8.41 27.17
CA LYS E 29 -14.61 7.30 28.03
C LYS E 29 -13.09 7.16 28.07
N LEU E 30 -12.42 7.38 26.94
CA LEU E 30 -10.98 7.34 26.89
C LEU E 30 -10.32 8.62 27.40
N LEU E 31 -11.09 9.69 27.59
CA LEU E 31 -10.53 11.00 27.83
C LEU E 31 -10.79 11.59 29.21
N TYR E 32 -11.80 11.11 29.93
CA TYR E 32 -12.32 11.87 31.06
C TYR E 32 -11.29 12.04 32.18
N GLY E 33 -10.42 11.05 32.40
CA GLY E 33 -9.42 11.21 33.45
C GLY E 33 -8.43 12.31 33.13
N GLU E 34 -7.90 12.31 31.91
CA GLU E 34 -6.99 13.37 31.50
C GLU E 34 -7.69 14.72 31.48
N PHE E 35 -8.96 14.74 31.07
CA PHE E 35 -9.69 16.00 31.01
C PHE E 35 -9.95 16.54 32.42
N LEU E 36 -10.24 15.67 33.38
CA LEU E 36 -10.42 16.12 34.76
C LEU E 36 -9.11 16.62 35.33
N ILE E 37 -8.00 15.95 35.03
CA ILE E 37 -6.69 16.45 35.49
C ILE E 37 -6.41 17.82 34.89
N PHE E 38 -6.70 17.99 33.59
CA PHE E 38 -6.49 19.26 32.93
C PHE E 38 -7.36 20.36 33.53
N LEU E 39 -8.63 20.05 33.79
CA LEU E 39 -9.53 21.01 34.42
C LEU E 39 -9.02 21.42 35.79
N LEU E 40 -8.62 20.44 36.60
CA LEU E 40 -8.13 20.72 37.95
C LEU E 40 -6.91 21.61 37.90
N CYS E 41 -5.95 21.28 37.03
CA CYS E 41 -4.72 22.09 36.95
C CYS E 41 -5.03 23.48 36.42
N TYR E 42 -5.90 23.59 35.41
CA TYR E 42 -6.23 24.89 34.84
C TYR E 42 -6.86 25.80 35.89
N TYR E 43 -7.82 25.27 36.65
CA TYR E 43 -8.49 26.13 37.62
C TYR E 43 -7.66 26.35 38.88
N ILE E 44 -6.75 25.42 39.22
CA ILE E 44 -5.80 25.69 40.28
C ILE E 44 -4.89 26.84 39.89
N ILE E 45 -4.41 26.84 38.65
CA ILE E 45 -3.56 27.93 38.18
C ILE E 45 -4.35 29.23 38.12
N ARG E 46 -5.62 29.16 37.74
CA ARG E 46 -6.47 30.35 37.72
C ARG E 46 -6.63 30.94 39.11
N PHE E 47 -6.92 30.09 40.09
CA PHE E 47 -7.10 30.58 41.46
C PHE E 47 -5.79 31.07 42.05
N ILE E 48 -4.66 30.45 41.69
CA ILE E 48 -3.37 30.96 42.14
C ILE E 48 -3.10 32.35 41.56
N TYR E 49 -3.41 32.53 40.26
CA TYR E 49 -3.20 33.83 39.63
C TYR E 49 -4.11 34.90 40.23
N ARG E 50 -5.35 34.54 40.55
CA ARG E 50 -6.31 35.55 40.97
C ARG E 50 -6.21 35.86 42.47
N LEU E 51 -6.12 34.83 43.31
CA LEU E 51 -6.25 35.00 44.75
C LEU E 51 -4.99 34.65 45.53
N ALA E 52 -3.86 34.41 44.85
CA ALA E 52 -2.66 33.99 45.56
C ALA E 52 -1.39 34.65 45.05
N LEU E 53 -1.51 35.75 44.31
CA LEU E 53 -0.35 36.46 43.78
C LEU E 53 -0.48 37.94 44.08
N THR E 54 0.67 38.59 44.27
CA THR E 54 0.72 40.03 44.38
C THR E 54 0.69 40.66 42.99
N GLU E 55 0.58 41.99 42.95
CA GLU E 55 0.45 42.69 41.67
C GLU E 55 1.71 42.54 40.83
N GLU E 56 2.88 42.65 41.47
CA GLU E 56 4.13 42.49 40.72
C GLU E 56 4.31 41.07 40.20
N GLN E 57 3.70 40.09 40.87
CA GLN E 57 3.70 38.71 40.38
C GLN E 57 2.58 38.44 39.40
N GLN E 58 1.44 39.13 39.55
CA GLN E 58 0.38 39.02 38.56
C GLN E 58 0.83 39.57 37.21
N LEU E 59 1.62 40.66 37.23
CA LEU E 59 2.16 41.19 35.98
C LEU E 59 3.06 40.16 35.29
N MET E 60 3.92 39.49 36.07
CA MET E 60 4.78 38.47 35.48
C MET E 60 3.98 37.29 34.95
N PHE E 61 2.94 36.88 35.67
CA PHE E 61 2.11 35.79 35.18
C PHE E 61 1.37 36.19 33.91
N GLU E 62 0.91 37.44 33.82
CA GLU E 62 0.25 37.89 32.61
C GLU E 62 1.21 37.94 31.43
N LYS E 63 2.44 38.39 31.66
CA LYS E 63 3.44 38.37 30.60
C LYS E 63 3.74 36.95 30.16
N LEU E 64 3.84 36.01 31.10
CA LEU E 64 4.08 34.62 30.76
C LEU E 64 2.90 34.02 30.00
N THR E 65 1.67 34.39 30.38
CA THR E 65 0.49 33.92 29.66
C THR E 65 0.48 34.43 28.23
N LEU E 66 0.80 35.72 28.03
CA LEU E 66 0.87 36.26 26.68
C LEU E 66 1.97 35.58 25.88
N TYR E 67 3.12 35.31 26.50
CA TYR E 67 4.21 34.63 25.83
C TYR E 67 3.81 33.23 25.39
N CYS E 68 3.19 32.46 26.29
CA CYS E 68 2.76 31.11 25.96
C CYS E 68 1.68 31.11 24.89
N ASP E 69 0.75 32.07 24.96
CA ASP E 69 -0.29 32.14 23.93
C ASP E 69 0.29 32.52 22.59
N SER E 70 1.35 33.33 22.58
CA SER E 70 1.99 33.70 21.32
C SER E 70 2.77 32.54 20.72
N TYR E 71 3.43 31.74 21.56
CA TYR E 71 4.34 30.71 21.07
C TYR E 71 3.76 29.30 21.14
N ILE E 72 2.47 29.16 21.45
CA ILE E 72 1.84 27.85 21.39
C ILE E 72 1.84 27.29 19.97
N GLN E 73 1.89 28.15 18.95
CA GLN E 73 1.84 27.73 17.56
C GLN E 73 3.09 26.98 17.12
N LEU E 74 4.16 26.99 17.92
CA LEU E 74 5.41 26.35 17.52
C LEU E 74 5.37 24.84 17.64
N ILE E 75 4.41 24.28 18.36
CA ILE E 75 4.30 22.83 18.51
C ILE E 75 3.60 22.26 17.29
N PRO E 76 4.27 21.41 16.49
CA PRO E 76 3.64 20.80 15.32
C PRO E 76 2.88 19.51 15.69
N ILE E 77 1.86 19.66 16.53
CA ILE E 77 1.15 18.51 17.06
C ILE E 77 0.36 17.81 15.96
N SER E 78 -0.23 18.59 15.05
CA SER E 78 -1.08 18.00 14.00
C SER E 78 -0.29 17.10 13.07
N PHE E 79 0.89 17.53 12.63
CA PHE E 79 1.64 16.76 11.64
C PHE E 79 2.06 15.40 12.19
N VAL E 80 2.73 15.42 13.34
CA VAL E 80 3.22 14.18 13.91
C VAL E 80 2.06 13.31 14.37
N LEU E 81 0.99 13.92 14.88
CA LEU E 81 -0.19 13.15 15.25
C LEU E 81 -0.78 12.44 14.05
N GLY E 82 -0.91 13.15 12.92
CA GLY E 82 -1.50 12.54 11.75
C GLY E 82 -0.67 11.38 11.22
N PHE E 83 0.64 11.58 11.09
CA PHE E 83 1.47 10.50 10.57
C PHE E 83 1.53 9.31 11.52
N TYR E 84 1.68 9.56 12.81
CA TYR E 84 1.74 8.48 13.79
C TYR E 84 0.43 7.70 13.85
N VAL E 85 -0.70 8.41 13.87
CA VAL E 85 -1.98 7.73 13.94
C VAL E 85 -2.27 6.97 12.66
N THR E 86 -1.85 7.48 11.50
CA THR E 86 -1.98 6.72 10.27
C THR E 86 -1.19 5.42 10.35
N LEU E 87 0.04 5.48 10.86
CA LEU E 87 0.83 4.27 11.04
C LEU E 87 0.15 3.30 11.99
N VAL E 88 -0.38 3.80 13.10
CA VAL E 88 -1.02 2.94 14.10
C VAL E 88 -2.27 2.27 13.51
N VAL E 89 -3.07 3.02 12.74
CA VAL E 89 -4.27 2.46 12.15
C VAL E 89 -3.92 1.41 11.11
N THR E 90 -2.90 1.67 10.29
CA THR E 90 -2.47 0.67 9.31
C THR E 90 -2.02 -0.61 10.00
N ARG E 91 -1.22 -0.48 11.05
CA ARG E 91 -0.77 -1.66 11.78
C ARG E 91 -1.93 -2.36 12.48
N TRP E 92 -2.93 -1.61 12.94
CA TRP E 92 -4.08 -2.19 13.60
C TRP E 92 -4.89 -3.06 12.63
N TRP E 93 -5.14 -2.55 11.42
CA TRP E 93 -5.88 -3.37 10.47
C TRP E 93 -5.03 -4.53 9.97
N ASN E 94 -3.72 -4.36 9.85
CA ASN E 94 -2.86 -5.48 9.50
C ASN E 94 -2.89 -6.56 10.59
N GLN E 95 -2.91 -6.14 11.85
CA GLN E 95 -3.01 -7.09 12.95
C GLN E 95 -4.34 -7.83 12.91
N TYR E 96 -5.41 -7.13 12.52
CA TYR E 96 -6.67 -7.84 12.33
C TYR E 96 -6.57 -8.87 11.21
N GLU E 97 -5.97 -8.48 10.08
CA GLU E 97 -5.92 -9.36 8.92
C GLU E 97 -5.12 -10.63 9.17
N ASN E 98 -4.30 -10.66 10.22
CA ASN E 98 -3.52 -11.84 10.56
C ASN E 98 -4.17 -12.68 11.66
N LEU E 99 -5.39 -12.35 12.04
CA LEU E 99 -6.15 -13.24 12.91
C LEU E 99 -6.53 -14.49 12.14
N PRO E 100 -6.15 -15.68 12.59
CA PRO E 100 -6.38 -16.89 11.80
C PRO E 100 -7.83 -17.35 11.85
N TRP E 101 -8.38 -17.65 10.68
CA TRP E 101 -9.72 -18.22 10.56
C TRP E 101 -9.60 -19.59 9.93
N PRO E 102 -10.11 -20.65 10.56
CA PRO E 102 -9.87 -22.00 10.05
C PRO E 102 -10.89 -22.48 9.03
N ASP E 103 -11.64 -21.55 8.43
CA ASP E 103 -12.78 -21.93 7.60
C ASP E 103 -12.35 -22.68 6.34
N ARG E 104 -11.34 -22.16 5.63
CA ARG E 104 -10.83 -22.87 4.47
C ARG E 104 -10.27 -24.23 4.87
N LEU E 105 -9.47 -24.25 5.94
CA LEU E 105 -8.90 -25.50 6.41
C LEU E 105 -9.98 -26.47 6.90
N MET E 106 -11.01 -25.96 7.57
CA MET E 106 -12.05 -26.87 8.05
C MET E 106 -12.87 -27.41 6.89
N SER E 107 -13.07 -26.63 5.82
CA SER E 107 -13.70 -27.17 4.63
C SER E 107 -12.86 -28.29 4.02
N LEU E 108 -11.54 -28.08 3.94
CA LEU E 108 -10.68 -29.10 3.35
C LEU E 108 -10.61 -30.35 4.23
N VAL E 109 -10.62 -30.18 5.56
CA VAL E 109 -10.61 -31.34 6.45
C VAL E 109 -11.92 -32.10 6.36
N SER E 110 -13.05 -31.38 6.28
CA SER E 110 -14.34 -32.03 6.17
C SER E 110 -14.45 -32.81 4.87
N GLY E 111 -13.95 -32.25 3.78
CA GLY E 111 -14.01 -32.93 2.49
C GLY E 111 -13.01 -34.05 2.30
N PHE E 112 -11.72 -33.73 2.43
CA PHE E 112 -10.67 -34.64 1.98
C PHE E 112 -10.53 -35.85 2.88
N VAL E 113 -10.54 -35.66 4.20
CA VAL E 113 -10.30 -36.75 5.14
C VAL E 113 -11.55 -37.61 5.20
N GLU E 114 -11.47 -38.82 4.65
CA GLU E 114 -12.62 -39.68 4.47
C GLU E 114 -12.81 -40.61 5.67
N GLY E 115 -14.02 -41.13 5.79
CA GLY E 115 -14.34 -42.04 6.88
C GLY E 115 -15.42 -41.52 7.80
N LYS E 116 -16.57 -42.16 7.79
CA LYS E 116 -17.65 -41.85 8.72
C LYS E 116 -17.58 -42.66 10.01
N ASP E 117 -16.57 -43.50 10.16
CA ASP E 117 -16.43 -44.32 11.36
C ASP E 117 -15.80 -43.49 12.48
N GLU E 118 -15.44 -44.15 13.58
CA GLU E 118 -14.87 -43.43 14.72
C GLU E 118 -13.46 -42.94 14.42
N GLN E 119 -12.68 -43.72 13.66
CA GLN E 119 -11.30 -43.34 13.40
C GLN E 119 -11.21 -42.11 12.52
N GLY E 120 -12.00 -42.07 11.44
CA GLY E 120 -11.98 -40.90 10.57
C GLY E 120 -12.52 -39.65 11.25
N ARG E 121 -13.59 -39.81 12.03
CA ARG E 121 -14.12 -38.68 12.79
C ARG E 121 -13.11 -38.15 13.79
N LEU E 122 -12.45 -39.06 14.51
CA LEU E 122 -11.42 -38.65 15.46
C LEU E 122 -10.26 -37.97 14.76
N LEU E 123 -9.88 -38.45 13.58
CA LEU E 123 -8.79 -37.86 12.82
C LEU E 123 -9.12 -36.43 12.38
N ARG E 124 -10.33 -36.24 11.83
CA ARG E 124 -10.73 -34.89 11.42
C ARG E 124 -10.80 -33.94 12.60
N ARG E 125 -11.39 -34.40 13.71
CA ARG E 125 -11.48 -33.56 14.89
C ARG E 125 -10.10 -33.21 15.42
N THR E 126 -9.17 -34.16 15.40
CA THR E 126 -7.82 -33.91 15.92
C THR E 126 -7.07 -32.91 15.04
N LEU E 127 -7.19 -33.03 13.72
CA LEU E 127 -6.52 -32.07 12.83
C LEU E 127 -7.06 -30.65 13.05
N ILE E 128 -8.39 -30.51 13.06
CA ILE E 128 -8.94 -29.17 13.24
C ILE E 128 -8.64 -28.64 14.64
N ARG E 129 -8.54 -29.53 15.63
CA ARG E 129 -8.19 -29.10 16.97
C ARG E 129 -6.73 -28.69 17.07
N TYR E 130 -5.84 -29.27 16.25
CA TYR E 130 -4.47 -28.79 16.19
C TYR E 130 -4.40 -27.38 15.63
N ALA E 131 -5.22 -27.11 14.60
CA ALA E 131 -5.28 -25.75 14.06
C ALA E 131 -5.78 -24.76 15.10
N ASN E 132 -6.82 -25.14 15.85
CA ASN E 132 -7.38 -24.25 16.85
C ASN E 132 -6.48 -24.11 18.07
N LEU E 133 -5.74 -25.17 18.42
CA LEU E 133 -4.77 -25.07 19.50
C LEU E 133 -3.62 -24.15 19.12
N GLY E 134 -3.15 -24.22 17.88
CA GLY E 134 -2.13 -23.27 17.45
C GLY E 134 -2.64 -21.84 17.50
N ASN E 135 -3.87 -21.63 17.03
CA ASN E 135 -4.45 -20.28 17.09
C ASN E 135 -4.57 -19.79 18.54
N VAL E 136 -5.05 -20.64 19.44
CA VAL E 136 -5.22 -20.20 20.82
C VAL E 136 -3.88 -20.05 21.52
N LEU E 137 -2.88 -20.84 21.13
CA LEU E 137 -1.55 -20.70 21.70
C LEU E 137 -0.93 -19.36 21.32
N ILE E 138 -1.11 -18.92 20.08
CA ILE E 138 -0.59 -17.60 19.74
C ILE E 138 -1.44 -16.49 20.36
N LEU E 139 -2.76 -16.71 20.48
CA LEU E 139 -3.63 -15.65 20.98
C LEU E 139 -3.46 -15.44 22.49
N ARG E 140 -3.24 -16.51 23.26
CA ARG E 140 -2.96 -16.32 24.68
C ARG E 140 -1.59 -15.71 24.92
N SER E 141 -0.73 -15.69 23.91
CA SER E 141 0.55 -15.00 24.01
C SER E 141 0.47 -13.54 23.59
N VAL E 142 -0.42 -13.21 22.66
CA VAL E 142 -0.51 -11.82 22.18
C VAL E 142 -1.69 -11.05 22.77
N SER E 143 -2.69 -11.71 23.34
CA SER E 143 -3.89 -11.04 23.81
C SER E 143 -4.00 -11.21 25.33
N THR E 144 -4.26 -10.10 26.03
CA THR E 144 -4.37 -10.14 27.48
C THR E 144 -5.68 -10.75 27.94
N ALA E 145 -6.76 -10.57 27.17
CA ALA E 145 -8.03 -11.19 27.52
C ALA E 145 -7.96 -12.71 27.43
N VAL E 146 -7.35 -13.22 26.35
CA VAL E 146 -7.23 -14.66 26.20
C VAL E 146 -6.29 -15.23 27.25
N TYR E 147 -5.25 -14.49 27.61
CA TYR E 147 -4.36 -14.94 28.68
C TYR E 147 -5.07 -14.95 30.03
N LYS E 148 -5.92 -13.96 30.29
CA LYS E 148 -6.71 -13.99 31.51
C LYS E 148 -7.70 -15.15 31.50
N ARG E 149 -8.15 -15.56 30.32
CA ARG E 149 -9.01 -16.74 30.22
C ARG E 149 -8.20 -18.03 30.40
N PHE E 150 -7.00 -18.09 29.85
CA PHE E 150 -6.13 -19.27 29.94
C PHE E 150 -4.78 -18.85 30.49
N PRO E 151 -4.68 -18.65 31.80
CA PRO E 151 -3.39 -18.24 32.39
C PRO E 151 -2.29 -19.29 32.26
N SER E 152 -2.66 -20.56 32.08
CA SER E 152 -1.68 -21.64 31.97
C SER E 152 -2.16 -22.63 30.92
N ALA E 153 -1.25 -23.52 30.51
CA ALA E 153 -1.61 -24.58 29.58
C ALA E 153 -2.56 -25.59 30.20
N GLN E 154 -2.56 -25.71 31.54
CA GLN E 154 -3.55 -26.56 32.20
C GLN E 154 -4.95 -26.00 32.02
N HIS E 155 -5.10 -24.68 31.93
CA HIS E 155 -6.40 -24.10 31.59
C HIS E 155 -6.82 -24.47 30.19
N LEU E 156 -5.86 -24.56 29.26
CA LEU E 156 -6.17 -25.04 27.92
C LEU E 156 -6.57 -26.52 27.94
N VAL E 157 -5.99 -27.30 28.84
CA VAL E 157 -6.40 -28.69 28.99
C VAL E 157 -7.83 -28.77 29.52
N GLN E 158 -8.15 -27.94 30.52
CA GLN E 158 -9.47 -27.98 31.12
C GLN E 158 -10.54 -27.37 30.22
N ALA E 159 -10.16 -26.60 29.21
CA ALA E 159 -11.10 -25.99 28.29
C ALA E 159 -11.31 -26.82 27.03
N GLY E 160 -10.59 -27.93 26.86
CA GLY E 160 -10.79 -28.80 25.73
C GLY E 160 -9.94 -28.50 24.52
N PHE E 161 -9.13 -27.44 24.54
CA PHE E 161 -8.27 -27.16 23.40
C PHE E 161 -7.11 -28.15 23.30
N MET E 162 -6.68 -28.68 24.44
CA MET E 162 -5.52 -29.56 24.51
C MET E 162 -5.85 -30.76 25.37
N THR E 163 -5.59 -31.95 24.86
CA THR E 163 -5.74 -33.15 25.66
C THR E 163 -4.57 -33.29 26.61
N PRO E 164 -4.73 -34.06 27.70
CA PRO E 164 -3.59 -34.29 28.59
C PRO E 164 -2.38 -34.91 27.90
N ALA E 165 -2.61 -35.79 26.92
CA ALA E 165 -1.51 -36.34 26.14
C ALA E 165 -0.78 -35.25 25.36
N GLU E 166 -1.53 -34.34 24.76
CA GLU E 166 -0.90 -33.24 24.04
C GLU E 166 -0.15 -32.31 24.98
N HIS E 167 -0.70 -32.08 26.17
CA HIS E 167 0.00 -31.25 27.15
C HIS E 167 1.31 -31.91 27.60
N LYS E 168 1.28 -33.22 27.84
CA LYS E 168 2.51 -33.93 28.20
C LYS E 168 3.52 -33.90 27.06
N GLN E 169 3.05 -34.04 25.82
CA GLN E 169 3.95 -33.97 24.67
C GLN E 169 4.57 -32.58 24.54
N LEU E 170 3.77 -31.54 24.76
CA LEU E 170 4.28 -30.18 24.69
C LEU E 170 5.30 -29.91 25.79
N GLU E 171 5.07 -30.45 26.99
CA GLU E 171 6.07 -30.31 28.04
C GLU E 171 7.34 -31.11 27.74
N LYS E 172 7.20 -32.24 27.06
CA LYS E 172 8.38 -33.04 26.71
C LYS E 172 9.25 -32.32 25.68
N LEU E 173 8.63 -31.63 24.73
CA LEU E 173 9.34 -30.94 23.66
C LEU E 173 9.79 -29.54 24.06
N SER E 174 9.77 -29.21 25.34
CA SER E 174 9.88 -27.83 25.77
C SER E 174 11.21 -27.20 25.36
N LEU E 175 11.13 -26.01 24.78
CA LEU E 175 12.26 -25.18 24.39
C LEU E 175 12.15 -23.84 25.07
N PRO E 176 13.24 -23.09 25.21
CA PRO E 176 13.18 -21.80 25.89
C PRO E 176 12.36 -20.74 25.17
N HIS E 177 11.82 -21.03 23.98
CA HIS E 177 11.04 -20.07 23.22
C HIS E 177 9.55 -20.38 23.35
N ASN E 178 8.74 -19.54 22.70
CA ASN E 178 7.30 -19.79 22.65
C ASN E 178 7.00 -20.97 21.74
N MET E 179 6.13 -21.86 22.20
CA MET E 179 5.89 -23.15 21.56
C MET E 179 4.57 -23.18 20.79
N PHE E 180 4.16 -22.05 20.21
CA PHE E 180 2.92 -22.03 19.45
C PHE E 180 3.05 -22.76 18.12
N TRP E 181 4.28 -22.97 17.64
CA TRP E 181 4.52 -23.61 16.36
C TRP E 181 4.32 -25.12 16.38
N VAL E 182 4.25 -25.72 17.57
CA VAL E 182 4.22 -27.19 17.66
C VAL E 182 3.00 -27.80 17.00
N PRO E 183 1.78 -27.28 17.20
CA PRO E 183 0.61 -27.91 16.55
C PRO E 183 0.68 -27.93 15.04
N TRP E 184 1.47 -27.05 14.40
CA TRP E 184 1.61 -27.11 12.96
C TRP E 184 2.42 -28.33 12.52
N VAL E 185 3.51 -28.63 13.23
CA VAL E 185 4.25 -29.85 12.95
C VAL E 185 3.39 -31.07 13.27
N TRP E 186 2.59 -30.99 14.33
CA TRP E 186 1.66 -32.07 14.63
C TRP E 186 0.66 -32.28 13.49
N PHE E 187 0.12 -31.18 12.96
CA PHE E 187 -0.82 -31.27 11.85
C PHE E 187 -0.16 -31.88 10.62
N ALA E 188 1.06 -31.47 10.31
CA ALA E 188 1.75 -32.02 9.14
C ALA E 188 1.98 -33.51 9.29
N ASN E 189 2.45 -33.94 10.47
CA ASN E 189 2.73 -35.36 10.67
C ASN E 189 1.44 -36.18 10.70
N LEU E 190 0.38 -35.65 11.31
CA LEU E 190 -0.88 -36.38 11.36
C LEU E 190 -1.51 -36.48 9.98
N SER E 191 -1.40 -35.42 9.17
CA SER E 191 -1.92 -35.48 7.81
C SER E 191 -1.11 -36.46 6.95
N MET E 192 0.21 -36.50 7.15
CA MET E 192 1.01 -37.50 6.44
C MET E 192 0.61 -38.92 6.84
N LYS E 193 0.37 -39.14 8.14
CA LYS E 193 -0.08 -40.47 8.59
C LYS E 193 -1.45 -40.79 8.02
N ALA E 194 -2.33 -39.80 7.92
CA ALA E 194 -3.65 -40.02 7.34
C ALA E 194 -3.56 -40.38 5.86
N TRP E 195 -2.68 -39.72 5.12
CA TRP E 195 -2.49 -40.07 3.72
C TRP E 195 -1.89 -41.46 3.57
N LEU E 196 -0.93 -41.81 4.43
CA LEU E 196 -0.34 -43.14 4.34
C LEU E 196 -1.31 -44.23 4.77
N GLY E 197 -2.26 -43.90 5.63
CA GLY E 197 -3.28 -44.83 6.07
C GLY E 197 -4.50 -44.94 5.20
N GLY E 198 -4.55 -44.20 4.11
CA GLY E 198 -5.66 -44.27 3.18
C GLY E 198 -6.82 -43.34 3.48
N ARG E 199 -6.78 -42.60 4.59
CA ARG E 199 -7.84 -41.66 4.90
C ARG E 199 -7.83 -40.45 3.98
N ILE E 200 -6.69 -40.12 3.39
CA ILE E 200 -6.58 -39.10 2.35
C ILE E 200 -6.25 -39.82 1.06
N ARG E 201 -7.11 -39.66 0.06
CA ARG E 201 -7.05 -40.50 -1.13
C ARG E 201 -5.91 -40.13 -2.06
N ASP E 202 -5.59 -38.84 -2.16
CA ASP E 202 -4.55 -38.38 -3.06
C ASP E 202 -3.62 -37.41 -2.36
N PRO E 203 -2.34 -37.38 -2.74
CA PRO E 203 -1.43 -36.39 -2.16
C PRO E 203 -1.73 -34.95 -2.55
N ILE E 204 -2.53 -34.73 -3.60
CA ILE E 204 -2.96 -33.38 -3.95
C ILE E 204 -3.80 -32.79 -2.83
N LEU E 205 -4.71 -33.59 -2.28
CA LEU E 205 -5.52 -33.15 -1.15
C LEU E 205 -4.66 -32.88 0.07
N LEU E 206 -3.63 -33.70 0.28
CA LEU E 206 -2.69 -33.47 1.37
C LEU E 206 -1.96 -32.15 1.19
N GLN E 207 -1.54 -31.84 -0.04
CA GLN E 207 -0.89 -30.57 -0.32
C GLN E 207 -1.81 -29.40 -0.05
N SER E 208 -3.08 -29.52 -0.44
CA SER E 208 -4.05 -28.45 -0.17
C SER E 208 -4.23 -28.23 1.33
N LEU E 209 -4.36 -29.33 2.08
CA LEU E 209 -4.49 -29.23 3.53
C LEU E 209 -3.30 -28.52 4.14
N LEU E 210 -2.09 -28.91 3.74
CA LEU E 210 -0.91 -28.32 4.33
C LEU E 210 -0.70 -26.89 3.85
N ASN E 211 -1.21 -26.54 2.67
CA ASN E 211 -1.16 -25.14 2.24
C ASN E 211 -2.04 -24.26 3.12
N GLU E 212 -3.27 -24.70 3.39
CA GLU E 212 -4.12 -23.93 4.29
C GLU E 212 -3.53 -23.86 5.69
N MET E 213 -2.95 -24.98 6.15
N MET E 213 -2.94 -24.97 6.15
CA MET E 213 -2.29 -25.00 7.45
CA MET E 213 -2.31 -24.96 7.47
C MET E 213 -1.13 -24.01 7.51
C MET E 213 -1.12 -24.01 7.52
N ASN E 214 -0.32 -23.96 6.45
CA ASN E 214 0.80 -23.04 6.42
C ASN E 214 0.35 -21.59 6.33
N THR E 215 -0.78 -21.33 5.66
CA THR E 215 -1.33 -19.97 5.67
C THR E 215 -1.71 -19.55 7.08
N LEU E 216 -2.35 -20.45 7.83
CA LEU E 216 -2.65 -20.15 9.23
C LEU E 216 -1.37 -19.94 10.04
N ARG E 217 -0.34 -20.74 9.76
CA ARG E 217 0.95 -20.56 10.42
C ARG E 217 1.53 -19.18 10.16
N THR E 218 1.47 -18.73 8.91
CA THR E 218 1.98 -17.41 8.59
C THR E 218 1.20 -16.31 9.31
N GLN E 219 -0.12 -16.46 9.38
CA GLN E 219 -0.93 -15.48 10.10
C GLN E 219 -0.56 -15.43 11.58
N CYS E 220 -0.39 -16.59 12.20
CA CYS E 220 -0.03 -16.62 13.62
C CYS E 220 1.37 -16.06 13.85
N GLY E 221 2.28 -16.33 12.91
CA GLY E 221 3.61 -15.74 13.01
C GLY E 221 3.59 -14.24 12.89
N HIS E 222 2.72 -13.71 12.02
CA HIS E 222 2.57 -12.26 11.94
C HIS E 222 1.97 -11.67 13.20
N LEU E 223 1.04 -12.39 13.84
CA LEU E 223 0.51 -11.95 15.12
C LEU E 223 1.62 -11.87 16.17
N TYR E 224 2.44 -12.91 16.24
CA TYR E 224 3.58 -12.90 17.16
C TYR E 224 4.53 -11.77 16.82
N ALA E 225 4.73 -11.50 15.53
CA ALA E 225 5.63 -10.45 15.09
C ALA E 225 5.14 -9.08 15.54
N TYR E 226 3.85 -8.81 15.36
CA TYR E 226 3.29 -7.53 15.79
C TYR E 226 3.30 -7.40 17.31
N ASP E 227 3.10 -8.49 18.03
CA ASP E 227 3.21 -8.43 19.48
C ASP E 227 4.64 -8.18 19.93
N TRP E 228 5.62 -8.69 19.18
CA TRP E 228 7.02 -8.55 19.56
C TRP E 228 7.60 -7.22 19.09
N ILE E 229 7.54 -6.97 17.79
CA ILE E 229 8.16 -5.77 17.21
C ILE E 229 7.14 -4.64 17.34
N SER E 230 7.25 -3.90 18.44
CA SER E 230 6.37 -2.77 18.67
C SER E 230 6.76 -1.60 17.75
N ILE E 231 5.87 -0.63 17.66
CA ILE E 231 6.24 0.65 17.05
C ILE E 231 7.39 1.25 17.84
N PRO E 232 8.41 1.81 17.21
CA PRO E 232 9.57 2.30 17.96
C PRO E 232 9.17 3.28 19.05
N LEU E 233 9.78 3.10 20.23
CA LEU E 233 9.40 3.89 21.40
C LEU E 233 9.72 5.38 21.20
N VAL E 234 10.72 5.69 20.37
CA VAL E 234 11.10 7.08 20.16
C VAL E 234 9.97 7.84 19.47
N TYR E 235 9.35 7.23 18.46
CA TYR E 235 8.24 7.89 17.77
C TYR E 235 7.05 8.11 18.69
N THR E 236 6.72 7.10 19.51
CA THR E 236 5.65 7.21 20.48
C THR E 236 5.92 8.35 21.45
N GLN E 237 7.14 8.41 21.99
CA GLN E 237 7.49 9.45 22.94
C GLN E 237 7.45 10.82 22.28
N VAL E 238 7.84 10.92 21.02
CA VAL E 238 7.74 12.19 20.30
C VAL E 238 6.30 12.67 20.28
N VAL E 239 5.38 11.80 19.89
CA VAL E 239 3.97 12.20 19.80
C VAL E 239 3.40 12.53 21.18
N THR E 240 3.75 11.71 22.18
CA THR E 240 3.24 11.92 23.53
C THR E 240 3.71 13.26 24.09
N VAL E 241 4.99 13.57 23.93
CA VAL E 241 5.50 14.83 24.43
C VAL E 241 4.90 15.99 23.64
N ALA E 242 4.66 15.81 22.33
CA ALA E 242 4.02 16.86 21.57
C ALA E 242 2.65 17.23 22.16
N VAL E 243 1.80 16.22 22.36
CA VAL E 243 0.45 16.49 22.87
C VAL E 243 0.51 17.04 24.29
N TYR E 244 1.29 16.39 25.16
CA TYR E 244 1.29 16.75 26.57
C TYR E 244 1.94 18.11 26.79
N SER E 245 2.98 18.45 26.03
CA SER E 245 3.58 19.76 26.14
C SER E 245 2.66 20.85 25.59
N PHE E 246 1.93 20.54 24.50
CA PHE E 246 0.95 21.49 24.01
C PHE E 246 -0.04 21.86 25.10
N PHE E 247 -0.56 20.86 25.81
CA PHE E 247 -1.58 21.19 26.79
C PHE E 247 -1.02 21.65 28.13
N LEU E 248 0.22 21.28 28.46
CA LEU E 248 0.87 21.93 29.61
C LEU E 248 1.11 23.40 29.33
N THR E 249 1.41 23.76 28.08
CA THR E 249 1.51 25.17 27.73
C THR E 249 0.15 25.84 27.77
N CYS E 250 -0.89 25.18 27.25
CA CYS E 250 -2.23 25.74 27.30
C CYS E 250 -2.75 25.89 28.73
N LEU E 251 -2.15 25.17 29.68
CA LEU E 251 -2.50 25.33 31.09
C LEU E 251 -2.28 26.76 31.54
N VAL E 252 -1.24 27.42 31.04
CA VAL E 252 -0.89 28.77 31.45
C VAL E 252 -1.30 29.79 30.39
N GLY E 253 -1.05 29.50 29.12
CA GLY E 253 -1.30 30.47 28.06
C GLY E 253 -2.75 30.71 27.74
N ARG E 254 -3.62 29.77 28.10
CA ARG E 254 -5.05 29.91 27.87
C ARG E 254 -5.80 30.43 29.09
N GLN E 255 -5.08 30.88 30.10
CA GLN E 255 -5.72 31.51 31.25
C GLN E 255 -6.35 32.83 30.84
N PHE E 256 -7.56 33.09 31.34
CA PHE E 256 -8.24 34.35 31.09
C PHE E 256 -7.64 35.40 32.00
N LEU E 257 -6.86 36.31 31.42
CA LEU E 257 -6.17 37.33 32.21
C LEU E 257 -7.16 38.36 32.71
N ASN E 258 -6.66 39.28 33.54
CA ASN E 258 -7.49 40.29 34.15
C ASN E 258 -8.01 41.25 33.08
N PRO E 259 -9.33 41.39 32.92
CA PRO E 259 -9.84 42.32 31.90
C PRO E 259 -9.58 43.78 32.21
N ALA E 260 -9.28 44.12 33.47
CA ALA E 260 -8.95 45.49 33.81
C ALA E 260 -7.66 45.94 33.14
N LYS E 261 -6.72 45.01 32.91
CA LYS E 261 -5.48 45.34 32.24
C LYS E 261 -5.66 45.62 30.75
N ALA E 262 -6.82 45.30 30.19
CA ALA E 262 -7.15 45.60 28.80
C ALA E 262 -6.13 45.02 27.83
N TYR E 263 -5.69 43.80 28.10
CA TYR E 263 -4.77 43.12 27.20
C TYR E 263 -5.48 42.78 25.89
N PRO E 264 -4.82 42.93 24.75
CA PRO E 264 -5.43 42.53 23.47
C PRO E 264 -5.67 41.03 23.44
N GLY E 265 -6.91 40.65 23.17
CA GLY E 265 -7.32 39.27 23.18
C GLY E 265 -7.73 38.73 24.53
N HIS E 266 -7.57 39.51 25.60
CA HIS E 266 -7.94 39.08 26.95
C HIS E 266 -8.86 40.11 27.61
N GLU E 267 -9.67 40.80 26.81
CA GLU E 267 -10.59 41.79 27.33
C GLU E 267 -11.91 41.19 27.83
N LEU E 268 -12.17 39.92 27.52
CA LEU E 268 -13.42 39.26 27.90
C LEU E 268 -13.07 37.99 28.67
N ASP E 269 -13.51 37.94 29.93
CA ASP E 269 -13.25 36.79 30.80
C ASP E 269 -14.44 35.84 30.68
N LEU E 270 -14.25 34.74 29.96
CA LEU E 270 -15.28 33.72 29.81
C LEU E 270 -15.15 32.61 30.84
N VAL E 271 -14.15 32.67 31.71
CA VAL E 271 -13.90 31.68 32.76
C VAL E 271 -13.58 30.31 32.17
N VAL E 272 -14.54 29.74 31.45
CA VAL E 272 -14.40 28.40 30.88
C VAL E 272 -13.74 28.52 29.51
N PRO E 273 -12.57 27.92 29.29
CA PRO E 273 -11.96 27.93 27.95
C PRO E 273 -12.59 26.89 27.03
N VAL E 274 -13.73 27.26 26.44
CA VAL E 274 -14.51 26.33 25.64
C VAL E 274 -13.71 25.86 24.42
N PHE E 275 -13.03 26.78 23.76
CA PHE E 275 -12.26 26.41 22.58
C PHE E 275 -11.01 25.63 22.95
N THR E 276 -10.39 25.94 24.09
CA THR E 276 -9.28 25.14 24.56
C THR E 276 -9.74 23.74 24.95
N PHE E 277 -10.95 23.62 25.51
CA PHE E 277 -11.49 22.30 25.83
C PHE E 277 -11.82 21.52 24.56
N LEU E 278 -12.32 22.19 23.52
CA LEU E 278 -12.55 21.53 22.25
C LEU E 278 -11.24 21.07 21.63
N GLN E 279 -10.20 21.90 21.72
CA GLN E 279 -8.87 21.49 21.26
C GLN E 279 -8.36 20.30 22.05
N PHE E 280 -8.61 20.29 23.36
CA PHE E 280 -8.22 19.15 24.19
C PHE E 280 -8.92 17.89 23.72
N PHE E 281 -10.24 17.96 23.55
CA PHE E 281 -10.98 16.80 23.06
C PHE E 281 -10.42 16.32 21.75
N PHE E 282 -10.23 17.23 20.79
CA PHE E 282 -9.77 16.84 19.45
C PHE E 282 -8.38 16.22 19.50
N TYR E 283 -7.41 16.92 20.10
CA TYR E 283 -6.02 16.48 20.04
C TYR E 283 -5.79 15.24 20.90
N VAL E 284 -6.28 15.25 22.14
CA VAL E 284 -6.04 14.09 22.98
C VAL E 284 -6.90 12.90 22.58
N GLY E 285 -8.04 13.11 21.90
CA GLY E 285 -8.75 11.98 21.32
C GLY E 285 -8.03 11.43 20.11
N TRP E 286 -7.39 12.30 19.33
CA TRP E 286 -6.53 11.83 18.26
C TRP E 286 -5.39 10.99 18.81
N LEU E 287 -4.82 11.40 19.95
CA LEU E 287 -3.81 10.60 20.61
C LEU E 287 -4.39 9.29 21.15
N LYS E 288 -5.60 9.35 21.70
CA LYS E 288 -6.25 8.15 22.25
C LYS E 288 -6.62 7.15 21.17
N VAL E 289 -6.79 7.59 19.93
CA VAL E 289 -6.93 6.64 18.83
C VAL E 289 -5.72 5.72 18.77
N ALA E 290 -4.52 6.31 18.78
CA ALA E 290 -3.29 5.53 18.77
C ALA E 290 -3.13 4.76 20.07
N GLU E 291 -3.52 5.35 21.20
CA GLU E 291 -3.38 4.67 22.48
C GLU E 291 -4.22 3.41 22.54
N GLN E 292 -5.43 3.47 21.99
CA GLN E 292 -6.31 2.30 21.97
C GLN E 292 -5.89 1.29 20.91
N LEU E 293 -5.43 1.76 19.74
CA LEU E 293 -5.15 0.86 18.64
C LEU E 293 -3.71 0.34 18.60
N ILE E 294 -2.83 0.84 19.46
CA ILE E 294 -1.43 0.40 19.38
C ILE E 294 -1.30 -1.06 19.77
N ASN E 295 -2.11 -1.52 20.72
CA ASN E 295 -2.24 -2.94 21.04
C ASN E 295 -3.71 -3.30 20.93
N PRO E 296 -4.15 -3.81 19.78
CA PRO E 296 -5.57 -4.12 19.59
C PRO E 296 -6.03 -5.40 20.25
N PHE E 297 -5.19 -6.03 21.07
CA PHE E 297 -5.53 -7.27 21.75
C PHE E 297 -5.62 -7.09 23.26
N GLY E 298 -5.76 -5.85 23.73
CA GLY E 298 -5.97 -5.60 25.13
C GLY E 298 -7.41 -5.76 25.54
N GLU E 299 -7.91 -4.87 26.39
CA GLU E 299 -9.27 -4.97 26.90
C GLU E 299 -10.04 -3.66 26.70
N ASP E 300 -9.65 -2.89 25.70
CA ASP E 300 -10.41 -1.70 25.34
C ASP E 300 -11.73 -2.09 24.70
N ASP E 301 -12.64 -1.11 24.61
CA ASP E 301 -13.93 -1.36 23.98
C ASP E 301 -13.77 -1.70 22.50
N ASP E 302 -12.89 -0.99 21.80
CA ASP E 302 -12.68 -1.19 20.37
C ASP E 302 -11.60 -2.21 20.07
N ASP E 303 -11.02 -2.85 21.08
CA ASP E 303 -10.07 -3.93 20.82
C ASP E 303 -10.81 -5.17 20.35
N PHE E 304 -10.06 -6.08 19.72
CA PHE E 304 -10.65 -7.25 19.10
C PHE E 304 -11.24 -8.19 20.14
N GLU E 305 -12.38 -8.79 19.80
CA GLU E 305 -13.04 -9.78 20.66
C GLU E 305 -12.40 -11.13 20.39
N THR E 306 -11.19 -11.30 20.92
CA THR E 306 -10.43 -12.51 20.62
C THR E 306 -11.00 -13.74 21.31
N ASN E 307 -11.58 -13.59 22.50
CA ASN E 307 -12.22 -14.73 23.14
C ASN E 307 -13.42 -15.22 22.34
N TRP E 308 -14.22 -14.30 21.82
CA TRP E 308 -15.33 -14.70 20.96
C TRP E 308 -14.83 -15.37 19.70
N ILE E 309 -13.75 -14.84 19.12
CA ILE E 309 -13.17 -15.45 17.92
C ILE E 309 -12.71 -16.87 18.22
N VAL E 310 -12.07 -17.06 19.37
CA VAL E 310 -11.59 -18.39 19.76
C VAL E 310 -12.76 -19.36 19.89
N ASP E 311 -13.80 -18.95 20.64
CA ASP E 311 -14.95 -19.83 20.85
C ASP E 311 -15.67 -20.15 19.54
N ARG E 312 -15.89 -19.12 18.71
CA ARG E 312 -16.56 -19.33 17.43
C ARG E 312 -15.75 -20.24 16.53
N ASN E 313 -14.43 -20.03 16.46
CA ASN E 313 -13.60 -20.88 15.63
C ASN E 313 -13.66 -22.33 16.08
N LEU E 314 -13.58 -22.57 17.39
CA LEU E 314 -13.64 -23.94 17.88
C LEU E 314 -14.98 -24.60 17.54
N GLN E 315 -16.09 -23.92 17.86
CA GLN E 315 -17.40 -24.50 17.61
C GLN E 315 -17.63 -24.76 16.13
N VAL E 316 -17.33 -23.76 15.29
CA VAL E 316 -17.60 -23.88 13.87
C VAL E 316 -16.70 -24.93 13.22
N SER E 317 -15.43 -25.00 13.62
CA SER E 317 -14.53 -25.99 13.06
C SER E 317 -14.97 -27.40 13.43
N LEU E 318 -15.29 -27.64 14.70
CA LEU E 318 -15.71 -28.97 15.11
C LEU E 318 -17.00 -29.37 14.42
N LEU E 319 -17.96 -28.44 14.31
CA LEU E 319 -19.20 -28.75 13.61
C LEU E 319 -18.95 -29.05 12.15
N ALA E 320 -18.08 -28.27 11.50
CA ALA E 320 -17.84 -28.45 10.08
C ALA E 320 -17.16 -29.78 9.78
N VAL E 321 -16.18 -30.17 10.59
CA VAL E 321 -15.44 -31.38 10.27
C VAL E 321 -16.09 -32.65 10.81
N ASP E 322 -16.93 -32.56 11.84
CA ASP E 322 -17.54 -33.76 12.41
C ASP E 322 -18.98 -33.97 11.94
N GLU E 323 -19.86 -33.02 12.24
CA GLU E 323 -21.28 -33.22 11.92
C GLU E 323 -21.56 -33.04 10.44
N MET E 324 -20.83 -32.16 9.77
CA MET E 324 -21.11 -31.80 8.39
C MET E 324 -20.29 -32.61 7.38
N HIS E 325 -19.50 -33.58 7.83
CA HIS E 325 -18.74 -34.40 6.90
C HIS E 325 -19.69 -35.33 6.14
N GLN E 326 -19.76 -35.15 4.82
CA GLN E 326 -20.62 -35.95 3.94
C GLN E 326 -22.07 -35.90 4.36
N ASP E 327 -22.47 -34.81 5.01
CA ASP E 327 -23.86 -34.59 5.43
C ASP E 327 -24.37 -33.42 4.62
N LEU E 328 -24.86 -33.72 3.44
CA LEU E 328 -25.30 -32.73 2.48
C LEU E 328 -26.82 -32.66 2.41
N PRO E 329 -27.37 -31.48 2.14
CA PRO E 329 -28.81 -31.39 1.87
C PRO E 329 -29.16 -32.13 0.59
N ARG E 330 -30.41 -32.60 0.52
CA ARG E 330 -30.85 -33.38 -0.62
C ARG E 330 -30.72 -32.56 -1.90
N MET E 331 -30.07 -33.14 -2.90
CA MET E 331 -29.82 -32.45 -4.17
C MET E 331 -31.04 -32.62 -5.06
N GLU E 332 -31.78 -31.54 -5.26
CA GLU E 332 -33.00 -31.52 -6.04
C GLU E 332 -32.97 -30.34 -6.99
N PRO E 333 -33.70 -30.41 -8.10
CA PRO E 333 -33.75 -29.27 -9.03
C PRO E 333 -34.27 -28.01 -8.35
N ASP E 334 -33.68 -26.88 -8.71
CA ASP E 334 -34.00 -25.61 -8.07
C ASP E 334 -35.22 -24.97 -8.73
N MET E 335 -35.51 -23.74 -8.32
CA MET E 335 -36.67 -23.02 -8.85
C MET E 335 -36.48 -22.67 -10.32
N TYR E 336 -35.25 -22.36 -10.72
CA TYR E 336 -34.93 -21.91 -12.07
C TYR E 336 -34.38 -23.03 -12.92
N TRP E 337 -34.88 -24.25 -12.73
CA TRP E 337 -34.38 -25.40 -13.45
C TRP E 337 -34.60 -25.27 -14.96
N ASN E 338 -35.78 -24.80 -15.37
CA ASN E 338 -36.09 -24.62 -16.78
C ASN E 338 -36.32 -23.15 -17.13
N LYS E 339 -35.74 -22.23 -16.36
CA LYS E 339 -35.85 -20.80 -16.63
C LYS E 339 -34.54 -20.29 -17.19
N PRO E 340 -34.49 -19.86 -18.45
CA PRO E 340 -33.21 -19.37 -19.01
C PRO E 340 -32.68 -18.13 -18.30
N GLU E 341 -33.56 -17.26 -17.80
CA GLU E 341 -33.15 -16.05 -17.11
C GLU E 341 -33.76 -16.03 -15.70
N PRO E 342 -33.00 -16.39 -14.67
CA PRO E 342 -33.54 -16.36 -13.31
C PRO E 342 -33.83 -14.93 -12.86
N GLN E 343 -35.00 -14.74 -12.26
CA GLN E 343 -35.42 -13.43 -11.74
C GLN E 343 -35.92 -13.59 -10.32
N PRO E 344 -35.03 -13.50 -9.33
CA PRO E 344 -35.47 -13.54 -7.93
C PRO E 344 -36.33 -12.32 -7.62
N PRO E 345 -37.44 -12.52 -6.90
CA PRO E 345 -38.36 -11.41 -6.66
C PRO E 345 -37.79 -10.38 -5.68
N TYR E 346 -38.30 -9.16 -5.80
CA TYR E 346 -37.98 -8.07 -4.90
C TYR E 346 -39.15 -7.83 -3.95
N THR E 347 -38.83 -7.47 -2.71
CA THR E 347 -39.86 -7.10 -1.76
C THR E 347 -40.36 -5.68 -2.04
N ALA E 348 -41.42 -5.30 -1.34
CA ALA E 348 -41.94 -3.94 -1.49
C ALA E 348 -40.97 -2.91 -0.93
N ALA E 349 -40.14 -3.30 0.05
CA ALA E 349 -39.14 -2.40 0.60
C ALA E 349 -37.86 -2.37 -0.22
N SER E 350 -37.71 -3.25 -1.20
CA SER E 350 -36.49 -3.33 -2.00
C SER E 350 -36.72 -3.15 -3.48
N ALA E 351 -37.96 -2.92 -3.93
CA ALA E 351 -38.21 -2.75 -5.36
C ALA E 351 -37.54 -1.51 -5.92
N GLN E 352 -37.13 -0.57 -5.06
CA GLN E 352 -36.42 0.60 -5.52
C GLN E 352 -34.98 0.30 -5.93
N PHE E 353 -34.43 -0.83 -5.50
CA PHE E 353 -33.06 -1.20 -5.81
C PHE E 353 -32.94 -2.06 -7.06
N ARG E 354 -34.05 -2.37 -7.72
CA ARG E 354 -33.98 -3.10 -8.99
C ARG E 354 -33.46 -2.17 -10.07
N ARG E 355 -32.15 -2.19 -10.30
CA ARG E 355 -31.50 -1.27 -11.21
C ARG E 355 -31.03 -2.01 -12.47
N ALA E 356 -31.01 -1.27 -13.58
CA ALA E 356 -30.53 -1.82 -14.84
C ALA E 356 -29.01 -2.03 -14.78
N SER E 357 -28.53 -2.87 -15.69
CA SER E 357 -27.12 -3.23 -15.70
C SER E 357 -26.27 -2.10 -16.27
N PHE E 358 -25.04 -2.01 -15.76
CA PHE E 358 -24.03 -1.12 -16.32
C PHE E 358 -23.28 -1.87 -17.41
N MET E 359 -23.47 -1.45 -18.65
CA MET E 359 -22.91 -2.14 -19.80
C MET E 359 -21.56 -1.60 -20.22
N GLY E 360 -20.98 -0.70 -19.45
CA GLY E 360 -19.75 -0.04 -19.82
C GLY E 360 -19.97 1.43 -20.09
N SER E 361 -18.94 2.23 -19.82
CA SER E 361 -19.06 3.68 -19.99
C SER E 361 -19.14 4.09 -21.45
N THR E 362 -18.70 3.24 -22.37
CA THR E 362 -18.68 3.56 -23.79
C THR E 362 -19.97 3.14 -24.51
N PHE E 363 -20.95 2.60 -23.78
CA PHE E 363 -22.16 2.11 -24.43
C PHE E 363 -22.95 3.23 -25.10
N ASN E 364 -23.02 4.39 -24.45
CA ASN E 364 -23.84 5.50 -24.93
C ASN E 364 -23.09 6.44 -25.87
N ILE E 365 -21.92 6.05 -26.35
CA ILE E 365 -21.18 6.87 -27.29
C ILE E 365 -21.86 6.82 -28.65
N SER E 366 -22.17 7.98 -29.20
CA SER E 366 -22.91 8.09 -30.45
C SER E 366 -21.95 8.40 -31.59
N LEU E 367 -21.98 7.56 -32.63
CA LEU E 367 -21.19 7.76 -33.83
C LEU E 367 -22.11 7.67 -35.05
N ASN E 368 -21.82 8.47 -36.06
CA ASN E 368 -22.61 8.43 -37.29
C ASN E 368 -22.14 7.28 -38.17
N LYS E 369 -22.83 7.08 -39.30
CA LYS E 369 -22.52 5.96 -40.17
C LYS E 369 -21.18 6.11 -40.85
N GLU E 370 -20.77 7.34 -41.18
CA GLU E 370 -19.54 7.55 -41.90
C GLU E 370 -18.32 7.17 -41.06
N GLU E 371 -18.33 7.53 -39.78
CA GLU E 371 -17.19 7.28 -38.91
C GLU E 371 -17.20 5.90 -38.26
N MET E 372 -18.26 5.12 -38.46
CA MET E 372 -18.32 3.75 -37.96
C MET E 372 -17.79 2.72 -38.94
N GLU E 373 -17.55 3.11 -40.19
CA GLU E 373 -17.11 2.18 -41.22
C GLU E 373 -15.60 1.98 -41.15
N PHE E 374 -15.17 0.74 -41.34
CA PHE E 374 -13.74 0.43 -41.35
C PHE E 374 -13.05 1.11 -42.51
N GLN E 375 -11.89 1.68 -42.24
CA GLN E 375 -11.11 2.32 -43.30
C GLN E 375 -10.53 1.27 -44.23
N PRO E 376 -10.75 1.37 -45.55
CA PRO E 376 -10.27 0.38 -46.51
C PRO E 376 -8.76 0.40 -46.67
#